data_1U0W
#
_entry.id   1U0W
#
_cell.length_a   64.328
_cell.length_b   71.724
_cell.length_c   85.748
_cell.angle_alpha   111.39
_cell.angle_beta   91.61
_cell.angle_gamma   90.07
#
_symmetry.space_group_name_H-M   'P 1'
#
loop_
_entity.id
_entity.type
_entity.pdbx_description
1 polymer 'Chalcone synthase 2'
2 non-polymer RESVERATROL
3 water water
#
_entity_poly.entity_id   1
_entity_poly.type   'polypeptide(L)'
_entity_poly.pdbx_seq_one_letter_code
;GSHGMVSVSEIRKAQRAEGPATILAIGTANPANCVEQSTYPDFYFKITNSEHKTELKEKFQRMCDKSMIKRRYMYLTEEI
LKENPNVCEYMAPSLDARQAMLAMEVPRLGKEAAVKAIKEWGQPKSKITHLIVCSTTTPDLPGADYQLTKLLGLRPYVKR
VGVFQHGCFAGGTVLRLAKDLAENNKGARVLVVCSEVTAVTFRGPSDTHLDSLVGQALFGDGAAALIVGSDPVPEIEKPI
FEMVWTAQTIAPDSEGAIDGHLREAGLTFHLKGAVPDIVSKNITKALVEAFEPLGISDYNSIFWIAHPGGPAILDQVEQK
LALKPEKMNATREVLSEYGNMSSACVLFILDEMRKKSTQNGLKTTGEGLEWGVLFGFGPGLTIETVVLRSVAI
;
_entity_poly.pdbx_strand_id   A,B,C,D
#
loop_
_chem_comp.id
_chem_comp.type
_chem_comp.name
_chem_comp.formula
STL non-polymer RESVERATROL 'C14 H12 O3'
#
# COMPACT_ATOMS: atom_id res chain seq x y z
N VAL A 6 26.43 34.80 -12.63
CA VAL A 6 24.99 35.14 -12.86
C VAL A 6 24.30 35.79 -11.65
N SER A 7 23.90 37.05 -11.80
CA SER A 7 23.22 37.78 -10.72
C SER A 7 21.75 38.06 -11.02
N VAL A 8 20.94 38.16 -9.98
CA VAL A 8 19.51 38.44 -10.14
C VAL A 8 19.30 39.74 -10.88
N SER A 9 20.16 40.71 -10.61
CA SER A 9 20.08 42.01 -11.24
C SER A 9 20.29 41.90 -12.75
N GLU A 10 21.16 40.99 -13.14
CA GLU A 10 21.46 40.75 -14.55
C GLU A 10 20.30 40.06 -15.24
N ILE A 11 19.79 39.01 -14.60
CA ILE A 11 18.66 38.24 -15.12
C ILE A 11 17.45 39.16 -15.38
N ARG A 12 17.14 40.02 -14.42
CA ARG A 12 15.99 40.92 -14.52
C ARG A 12 16.03 41.76 -15.80
N LYS A 13 17.15 42.45 -16.00
CA LYS A 13 17.35 43.30 -17.19
C LYS A 13 17.12 42.57 -18.52
N ALA A 14 17.59 41.34 -18.63
CA ALA A 14 17.41 40.60 -19.88
C ALA A 14 16.05 39.90 -19.95
N GLN A 15 15.40 39.77 -18.80
CA GLN A 15 14.11 39.08 -18.71
C GLN A 15 12.86 39.92 -19.05
N ARG A 16 12.92 41.23 -18.86
CA ARG A 16 11.76 42.06 -19.12
C ARG A 16 11.61 42.52 -20.56
N ALA A 17 10.37 42.89 -20.92
CA ALA A 17 10.06 43.39 -22.25
C ALA A 17 10.44 44.86 -22.23
N GLU A 18 10.29 45.52 -23.37
CA GLU A 18 10.66 46.92 -23.48
C GLU A 18 9.52 47.91 -23.55
N GLY A 19 8.61 47.74 -24.51
CA GLY A 19 7.52 48.68 -24.68
C GLY A 19 6.19 48.37 -24.05
N PRO A 20 5.18 49.23 -24.28
CA PRO A 20 3.82 49.06 -23.74
C PRO A 20 3.11 47.81 -24.29
N ALA A 21 2.29 47.17 -23.45
CA ALA A 21 1.53 45.98 -23.84
C ALA A 21 0.62 46.41 -24.98
N THR A 22 0.64 45.67 -26.08
CA THR A 22 -0.18 46.05 -27.22
C THR A 22 -1.15 44.92 -27.61
N ILE A 23 -2.35 45.30 -28.05
CA ILE A 23 -3.31 44.29 -28.50
C ILE A 23 -3.04 44.05 -29.99
N LEU A 24 -2.58 42.84 -30.30
CA LEU A 24 -2.22 42.37 -31.64
C LEU A 24 -3.34 41.70 -32.48
N ALA A 25 -4.41 41.25 -31.83
CA ALA A 25 -5.51 40.62 -32.56
C ALA A 25 -6.72 40.47 -31.65
N ILE A 26 -7.89 40.35 -32.26
CA ILE A 26 -9.14 40.20 -31.54
C ILE A 26 -10.08 39.31 -32.34
N GLY A 27 -10.71 38.36 -31.66
CA GLY A 27 -11.66 37.47 -32.33
C GLY A 27 -12.82 37.16 -31.39
N THR A 28 -14.04 37.06 -31.92
CA THR A 28 -15.21 36.76 -31.08
C THR A 28 -16.02 35.58 -31.59
N ALA A 29 -16.91 35.07 -30.75
CA ALA A 29 -17.73 33.94 -31.12
C ALA A 29 -18.99 33.92 -30.26
N ASN A 30 -20.09 33.42 -30.81
CA ASN A 30 -21.35 33.31 -30.05
C ASN A 30 -22.04 32.00 -30.41
N PRO A 31 -22.88 31.47 -29.50
CA PRO A 31 -23.60 30.22 -29.79
C PRO A 31 -24.44 30.53 -31.03
N ALA A 32 -24.84 29.50 -31.76
CA ALA A 32 -25.62 29.67 -32.97
C ALA A 32 -27.06 30.11 -32.74
N ASN A 33 -27.65 29.66 -31.63
CA ASN A 33 -29.04 29.98 -31.33
C ASN A 33 -29.26 31.48 -31.03
N CYS A 34 -29.83 32.19 -32.00
CA CYS A 34 -30.07 33.61 -31.90
C CYS A 34 -31.51 33.90 -31.44
N VAL A 35 -31.67 34.58 -30.31
CA VAL A 35 -33.01 34.88 -29.80
C VAL A 35 -33.36 36.35 -29.97
N GLU A 36 -34.44 36.67 -30.69
CA GLU A 36 -34.85 38.05 -30.87
C GLU A 36 -35.44 38.57 -29.56
N GLN A 37 -35.12 39.82 -29.23
CA GLN A 37 -35.62 40.42 -28.00
C GLN A 37 -37.11 40.74 -28.02
N SER A 38 -37.64 41.20 -29.15
CA SER A 38 -39.06 41.56 -29.22
C SER A 38 -40.03 40.44 -28.84
N THR A 39 -39.69 39.20 -29.16
CA THR A 39 -40.58 38.09 -28.84
C THR A 39 -40.08 37.26 -27.69
N TYR A 40 -39.08 37.73 -26.96
CA TYR A 40 -38.55 36.92 -25.86
C TYR A 40 -39.53 36.66 -24.69
N PRO A 41 -40.28 37.69 -24.25
CA PRO A 41 -41.22 37.48 -23.15
C PRO A 41 -42.14 36.28 -23.36
N ASP A 42 -42.68 36.16 -24.57
CA ASP A 42 -43.57 35.06 -24.91
C ASP A 42 -42.82 33.74 -24.78
N PHE A 43 -41.63 33.69 -25.37
CA PHE A 43 -40.83 32.48 -25.34
C PHE A 43 -40.44 32.11 -23.93
N TYR A 44 -39.98 33.12 -23.19
CA TYR A 44 -39.53 32.95 -21.82
C TYR A 44 -40.62 32.45 -20.89
N PHE A 45 -41.64 33.28 -20.64
CA PHE A 45 -42.72 32.89 -19.74
C PHE A 45 -43.36 31.55 -20.06
N LYS A 46 -43.19 31.08 -21.30
CA LYS A 46 -43.75 29.81 -21.72
C LYS A 46 -42.84 28.65 -21.31
N ILE A 47 -41.59 28.71 -21.73
CA ILE A 47 -40.61 27.67 -21.41
C ILE A 47 -40.48 27.53 -19.88
N THR A 48 -40.81 28.60 -19.15
CA THR A 48 -40.75 28.58 -17.69
C THR A 48 -42.15 28.48 -17.08
N ASN A 49 -43.04 27.79 -17.79
CA ASN A 49 -44.42 27.58 -17.33
C ASN A 49 -45.05 28.72 -16.52
N SER A 50 -44.87 29.95 -16.98
CA SER A 50 -45.41 31.12 -16.30
C SER A 50 -46.46 31.80 -17.18
N GLU A 51 -46.94 31.07 -18.19
CA GLU A 51 -47.94 31.58 -19.13
C GLU A 51 -49.13 32.21 -18.40
N HIS A 52 -49.46 31.67 -17.23
CA HIS A 52 -50.59 32.14 -16.44
C HIS A 52 -50.41 33.47 -15.69
N LYS A 53 -49.18 33.84 -15.36
CA LYS A 53 -48.95 35.09 -14.64
C LYS A 53 -48.89 36.26 -15.59
N THR A 54 -49.79 36.25 -16.58
CA THR A 54 -49.89 37.28 -17.59
C THR A 54 -49.42 38.69 -17.19
N GLU A 55 -49.64 39.07 -15.93
CA GLU A 55 -49.20 40.39 -15.48
C GLU A 55 -47.69 40.54 -15.46
N LEU A 56 -46.99 39.59 -14.85
CA LEU A 56 -45.55 39.67 -14.79
C LEU A 56 -44.97 39.58 -16.20
N LYS A 57 -45.65 38.84 -17.08
CA LYS A 57 -45.21 38.70 -18.46
C LYS A 57 -45.26 40.05 -19.16
N GLU A 58 -46.04 40.96 -18.60
CA GLU A 58 -46.21 42.31 -19.13
C GLU A 58 -45.08 43.21 -18.62
N LYS A 59 -44.68 42.99 -17.37
CA LYS A 59 -43.60 43.75 -16.76
C LYS A 59 -42.27 43.41 -17.42
N PHE A 60 -42.13 42.17 -17.85
CA PHE A 60 -40.90 41.71 -18.50
C PHE A 60 -40.81 42.27 -19.90
N GLN A 61 -41.93 42.27 -20.62
CA GLN A 61 -41.98 42.78 -21.99
C GLN A 61 -41.59 44.24 -21.95
N ARG A 62 -41.98 44.91 -20.87
CA ARG A 62 -41.65 46.31 -20.68
C ARG A 62 -40.13 46.42 -20.55
N MET A 63 -39.54 45.56 -19.71
CA MET A 63 -38.08 45.53 -19.48
C MET A 63 -37.30 45.23 -20.76
N CYS A 64 -37.81 44.29 -21.55
CA CYS A 64 -37.16 43.90 -22.80
C CYS A 64 -37.23 45.01 -23.84
N ASP A 65 -38.27 45.84 -23.76
CA ASP A 65 -38.43 46.93 -24.70
C ASP A 65 -37.52 48.09 -24.37
N LYS A 66 -37.34 48.37 -23.09
CA LYS A 66 -36.45 49.45 -22.66
C LYS A 66 -34.98 49.01 -22.69
N SER A 67 -34.74 47.71 -22.86
CA SER A 67 -33.40 47.16 -22.85
C SER A 67 -32.41 47.66 -23.91
N MET A 68 -32.91 48.08 -25.07
CA MET A 68 -32.07 48.55 -26.17
C MET A 68 -31.27 47.39 -26.77
N ILE A 69 -31.78 46.17 -26.57
CA ILE A 69 -31.15 44.97 -27.11
C ILE A 69 -32.11 44.41 -28.16
N LYS A 70 -31.59 44.12 -29.34
CA LYS A 70 -32.42 43.57 -30.41
C LYS A 70 -32.42 42.03 -30.40
N ARG A 71 -31.34 41.45 -29.91
CA ARG A 71 -31.24 40.00 -29.87
C ARG A 71 -29.99 39.57 -29.12
N ARG A 72 -29.95 38.29 -28.76
CA ARG A 72 -28.83 37.70 -28.04
C ARG A 72 -28.59 36.30 -28.56
N TYR A 73 -27.43 35.75 -28.26
CA TYR A 73 -27.15 34.39 -28.66
C TYR A 73 -27.13 33.54 -27.40
N MET A 74 -27.88 32.46 -27.42
CA MET A 74 -27.99 31.61 -26.26
C MET A 74 -27.74 30.14 -26.51
N TYR A 75 -26.83 29.59 -25.71
CA TYR A 75 -26.49 28.19 -25.76
C TYR A 75 -27.76 27.42 -25.32
N LEU A 76 -28.47 27.95 -24.32
CA LEU A 76 -29.69 27.31 -23.86
C LEU A 76 -30.76 27.35 -24.94
N THR A 77 -31.14 26.18 -25.44
CA THR A 77 -32.16 26.09 -26.47
C THR A 77 -33.45 25.59 -25.82
N GLU A 78 -34.55 25.78 -26.52
CA GLU A 78 -35.84 25.35 -25.99
C GLU A 78 -35.74 23.89 -25.59
N GLU A 79 -35.16 23.08 -26.46
CA GLU A 79 -35.00 21.65 -26.21
C GLU A 79 -34.23 21.36 -24.94
N ILE A 80 -33.07 22.00 -24.79
CA ILE A 80 -32.25 21.79 -23.61
C ILE A 80 -33.02 22.11 -22.33
N LEU A 81 -33.67 23.27 -22.30
CA LEU A 81 -34.42 23.64 -21.12
C LEU A 81 -35.48 22.59 -20.84
N LYS A 82 -35.98 21.97 -21.90
CA LYS A 82 -37.01 20.95 -21.78
C LYS A 82 -36.43 19.74 -21.04
N GLU A 83 -35.18 19.40 -21.32
CA GLU A 83 -34.53 18.28 -20.66
C GLU A 83 -34.13 18.63 -19.22
N ASN A 84 -34.09 19.93 -18.91
CA ASN A 84 -33.68 20.37 -17.57
C ASN A 84 -34.72 21.23 -16.87
N PRO A 85 -35.84 20.63 -16.46
CA PRO A 85 -36.96 21.28 -15.78
C PRO A 85 -36.58 22.12 -14.57
N ASN A 86 -35.56 21.69 -13.83
CA ASN A 86 -35.16 22.42 -12.64
C ASN A 86 -34.49 23.77 -12.96
N VAL A 87 -33.83 23.85 -14.10
CA VAL A 87 -33.22 25.11 -14.48
C VAL A 87 -34.30 26.12 -14.84
N CYS A 88 -35.50 25.63 -15.18
CA CYS A 88 -36.62 26.50 -15.57
C CYS A 88 -37.45 27.00 -14.39
N GLU A 89 -37.12 26.56 -13.19
CA GLU A 89 -37.82 26.98 -11.98
C GLU A 89 -37.09 28.23 -11.51
N TYR A 90 -37.65 28.95 -10.53
CA TYR A 90 -36.98 30.15 -10.03
C TYR A 90 -35.86 29.76 -9.09
N MET A 91 -36.09 28.76 -8.25
CA MET A 91 -35.08 28.37 -7.29
C MET A 91 -35.11 26.91 -6.86
N ALA A 92 -34.87 25.99 -7.78
CA ALA A 92 -34.83 24.57 -7.45
C ALA A 92 -33.41 24.06 -7.68
N PRO A 93 -33.03 22.98 -6.99
CA PRO A 93 -31.69 22.39 -7.13
C PRO A 93 -31.36 22.16 -8.61
N SER A 94 -30.42 22.92 -9.14
CA SER A 94 -30.07 22.79 -10.55
C SER A 94 -28.59 22.96 -10.87
N LEU A 95 -27.80 23.29 -9.86
CA LEU A 95 -26.36 23.50 -10.06
C LEU A 95 -25.67 22.36 -10.82
N ASP A 96 -25.88 21.12 -10.40
CA ASP A 96 -25.22 19.99 -11.06
C ASP A 96 -25.53 19.92 -12.55
N ALA A 97 -26.76 20.23 -12.93
CA ALA A 97 -27.09 20.20 -14.35
C ALA A 97 -26.34 21.34 -15.03
N ARG A 98 -26.36 22.50 -14.39
CA ARG A 98 -25.70 23.66 -14.96
C ARG A 98 -24.20 23.48 -15.16
N GLN A 99 -23.52 22.86 -14.18
CA GLN A 99 -22.09 22.66 -14.27
C GLN A 99 -21.70 21.82 -15.50
N ALA A 100 -22.51 20.82 -15.81
CA ALA A 100 -22.24 19.95 -16.94
C ALA A 100 -22.26 20.78 -18.22
N MET A 101 -23.21 21.70 -18.31
CA MET A 101 -23.32 22.55 -19.50
C MET A 101 -22.11 23.48 -19.61
N LEU A 102 -21.79 24.16 -18.51
CA LEU A 102 -20.65 25.09 -18.51
C LEU A 102 -19.35 24.39 -18.82
N ALA A 103 -19.20 23.18 -18.29
CA ALA A 103 -17.96 22.45 -18.49
C ALA A 103 -17.65 22.26 -19.97
N MET A 104 -18.69 22.14 -20.78
CA MET A 104 -18.55 21.92 -22.22
C MET A 104 -18.55 23.19 -23.04
N GLU A 105 -19.56 24.04 -22.84
CA GLU A 105 -19.73 25.26 -23.63
C GLU A 105 -18.73 26.40 -23.38
N VAL A 106 -18.40 26.67 -22.13
CA VAL A 106 -17.46 27.76 -21.86
C VAL A 106 -16.16 27.53 -22.63
N PRO A 107 -15.55 26.34 -22.51
CA PRO A 107 -14.30 26.09 -23.25
C PRO A 107 -14.50 26.01 -24.77
N ARG A 108 -15.61 25.41 -25.22
CA ARG A 108 -15.86 25.29 -26.67
C ARG A 108 -16.00 26.64 -27.37
N LEU A 109 -16.76 27.54 -26.77
CA LEU A 109 -16.98 28.87 -27.33
C LEU A 109 -15.67 29.67 -27.23
N GLY A 110 -14.97 29.46 -26.13
CA GLY A 110 -13.73 30.17 -25.91
C GLY A 110 -12.66 29.80 -26.93
N LYS A 111 -12.56 28.52 -27.25
CA LYS A 111 -11.60 28.06 -28.22
C LYS A 111 -11.96 28.66 -29.57
N GLU A 112 -13.26 28.69 -29.86
CA GLU A 112 -13.71 29.23 -31.13
C GLU A 112 -13.28 30.70 -31.30
N ALA A 113 -13.40 31.51 -30.25
CA ALA A 113 -12.96 32.91 -30.35
C ALA A 113 -11.42 32.95 -30.41
N ALA A 114 -10.74 32.10 -29.64
CA ALA A 114 -9.28 32.09 -29.64
C ALA A 114 -8.70 31.74 -31.01
N VAL A 115 -9.26 30.71 -31.64
CA VAL A 115 -8.80 30.34 -32.98
C VAL A 115 -8.88 31.55 -33.94
N LYS A 116 -9.97 32.29 -33.89
CA LYS A 116 -10.11 33.46 -34.77
C LYS A 116 -9.03 34.51 -34.47
N ALA A 117 -8.72 34.70 -33.18
CA ALA A 117 -7.71 35.68 -32.78
C ALA A 117 -6.33 35.27 -33.29
N ILE A 118 -6.02 34.00 -33.14
CA ILE A 118 -4.74 33.45 -33.55
C ILE A 118 -4.54 33.58 -35.05
N LYS A 119 -5.62 33.36 -35.80
CA LYS A 119 -5.57 33.46 -37.26
C LYS A 119 -5.24 34.90 -37.64
N GLU A 120 -5.95 35.87 -37.06
CA GLU A 120 -5.63 37.25 -37.38
C GLU A 120 -4.15 37.53 -37.06
N TRP A 121 -3.72 37.10 -35.88
CA TRP A 121 -2.36 37.28 -35.40
C TRP A 121 -1.34 36.76 -36.41
N GLY A 122 -1.54 35.52 -36.88
CA GLY A 122 -0.67 34.94 -37.88
C GLY A 122 0.51 34.10 -37.45
N GLN A 123 0.88 34.15 -36.17
CA GLN A 123 2.01 33.36 -35.70
C GLN A 123 1.58 32.00 -35.18
N PRO A 124 2.50 31.07 -35.01
CA PRO A 124 2.10 29.75 -34.51
C PRO A 124 1.60 29.86 -33.06
N LYS A 125 0.56 29.10 -32.71
CA LYS A 125 0.06 29.18 -31.35
C LYS A 125 1.16 28.73 -30.40
N SER A 126 2.20 28.11 -30.95
CA SER A 126 3.34 27.66 -30.15
C SER A 126 4.03 28.89 -29.56
N LYS A 127 3.84 30.05 -30.18
CA LYS A 127 4.45 31.27 -29.66
C LYS A 127 3.69 31.90 -28.46
N ILE A 128 2.55 31.30 -28.09
CA ILE A 128 1.76 31.82 -26.96
C ILE A 128 2.43 31.34 -25.67
N THR A 129 2.80 32.31 -24.81
CA THR A 129 3.50 32.05 -23.54
C THR A 129 2.65 32.10 -22.26
N HIS A 130 1.54 32.84 -22.33
CA HIS A 130 0.64 32.98 -21.20
C HIS A 130 -0.79 32.85 -21.67
N LEU A 131 -1.67 32.44 -20.76
CA LEU A 131 -3.09 32.31 -21.06
C LEU A 131 -3.94 32.76 -19.85
N ILE A 132 -4.80 33.74 -20.07
CA ILE A 132 -5.69 34.24 -19.03
C ILE A 132 -7.10 33.85 -19.47
N VAL A 133 -7.81 33.07 -18.67
CA VAL A 133 -9.17 32.67 -19.06
C VAL A 133 -10.17 33.16 -18.00
N CYS A 134 -11.14 33.94 -18.44
CA CYS A 134 -12.13 34.46 -17.52
C CYS A 134 -13.57 34.03 -17.82
N SER A 135 -14.29 33.66 -16.77
CA SER A 135 -15.69 33.26 -16.90
C SER A 135 -16.34 33.54 -15.56
N THR A 136 -17.63 33.87 -15.56
CA THR A 136 -18.30 34.19 -14.30
C THR A 136 -18.04 33.12 -13.25
N THR A 137 -18.06 31.86 -13.67
CA THR A 137 -17.78 30.76 -12.77
C THR A 137 -17.08 29.71 -13.58
N THR A 138 -16.56 28.70 -12.88
CA THR A 138 -15.93 27.57 -13.54
C THR A 138 -16.42 26.37 -12.70
N PRO A 139 -16.81 25.28 -13.37
CA PRO A 139 -17.33 24.12 -12.64
C PRO A 139 -16.42 23.23 -11.82
N ASP A 140 -15.17 23.08 -12.25
CA ASP A 140 -14.30 22.15 -11.54
C ASP A 140 -12.87 22.65 -11.31
N LEU A 141 -12.02 21.70 -10.95
CA LEU A 141 -10.59 21.90 -10.81
C LEU A 141 -10.04 20.73 -11.64
N PRO A 142 -9.18 21.01 -12.64
CA PRO A 142 -8.63 22.29 -13.13
C PRO A 142 -9.71 23.30 -13.59
N GLY A 143 -9.39 24.60 -13.53
CA GLY A 143 -10.32 25.63 -13.98
C GLY A 143 -10.37 25.62 -15.50
N ALA A 144 -11.28 26.37 -16.09
CA ALA A 144 -11.40 26.37 -17.55
C ALA A 144 -10.12 26.71 -18.33
N ASP A 145 -9.18 27.42 -17.69
CA ASP A 145 -7.92 27.79 -18.36
C ASP A 145 -7.19 26.54 -18.82
N TYR A 146 -7.24 25.50 -17.99
CA TYR A 146 -6.59 24.23 -18.29
C TYR A 146 -7.27 23.58 -19.49
N GLN A 147 -8.60 23.57 -19.48
CA GLN A 147 -9.38 22.97 -20.56
C GLN A 147 -9.13 23.68 -21.87
N LEU A 148 -9.05 25.01 -21.81
CA LEU A 148 -8.79 25.77 -23.03
C LEU A 148 -7.40 25.43 -23.57
N THR A 149 -6.44 25.23 -22.66
CA THR A 149 -5.08 24.88 -23.05
C THR A 149 -5.09 23.53 -23.79
N LYS A 150 -5.81 22.55 -23.24
CA LYS A 150 -5.88 21.23 -23.87
C LYS A 150 -6.58 21.35 -25.22
N LEU A 151 -7.76 21.97 -25.25
CA LEU A 151 -8.50 22.10 -26.51
C LEU A 151 -7.79 22.83 -27.64
N LEU A 152 -7.05 23.88 -27.30
CA LEU A 152 -6.33 24.65 -28.33
C LEU A 152 -5.01 24.00 -28.71
N GLY A 153 -4.58 23.05 -27.90
CA GLY A 153 -3.31 22.39 -28.17
C GLY A 153 -2.15 23.33 -27.89
N LEU A 154 -2.29 24.19 -26.88
CA LEU A 154 -1.22 25.10 -26.52
C LEU A 154 -0.10 24.30 -25.86
N ARG A 155 1.11 24.86 -25.82
CA ARG A 155 2.21 24.16 -25.20
C ARG A 155 1.82 23.87 -23.75
N PRO A 156 2.34 22.79 -23.18
CA PRO A 156 2.02 22.46 -21.79
C PRO A 156 2.64 23.42 -20.75
N TYR A 157 3.63 24.22 -21.16
CA TYR A 157 4.29 25.18 -20.26
C TYR A 157 3.78 26.61 -20.43
N VAL A 158 2.62 26.76 -21.02
CA VAL A 158 2.02 28.09 -21.15
C VAL A 158 1.62 28.45 -19.71
N LYS A 159 1.91 29.68 -19.28
CA LYS A 159 1.58 30.09 -17.90
C LYS A 159 0.12 30.51 -17.83
N ARG A 160 -0.67 29.82 -17.03
CA ARG A 160 -2.09 30.13 -16.96
C ARG A 160 -2.52 30.91 -15.72
N VAL A 161 -3.65 31.60 -15.83
CA VAL A 161 -4.26 32.31 -14.71
C VAL A 161 -5.75 32.37 -15.00
N GLY A 162 -6.54 31.78 -14.11
CA GLY A 162 -7.98 31.76 -14.29
C GLY A 162 -8.61 32.88 -13.50
N VAL A 163 -9.55 33.60 -14.12
CA VAL A 163 -10.24 34.72 -13.47
C VAL A 163 -11.70 34.37 -13.34
N PHE A 164 -12.02 33.82 -12.17
CA PHE A 164 -13.37 33.35 -11.92
C PHE A 164 -14.09 34.07 -10.80
N GLN A 165 -15.40 34.18 -10.95
CA GLN A 165 -16.24 34.85 -9.97
C GLN A 165 -15.88 36.30 -9.65
N HIS A 166 -15.37 37.01 -10.64
CA HIS A 166 -15.07 38.43 -10.48
C HIS A 166 -16.29 39.21 -10.96
N GLY A 167 -16.81 38.83 -12.11
CA GLY A 167 -17.99 39.51 -12.58
C GLY A 167 -17.84 40.31 -13.84
N CYS A 168 -18.84 41.14 -14.09
CA CYS A 168 -18.92 41.95 -15.29
C CYS A 168 -17.75 42.88 -15.54
N PHE A 169 -17.00 43.21 -14.50
CA PHE A 169 -15.89 44.13 -14.72
C PHE A 169 -14.64 43.42 -15.16
N ALA A 170 -14.66 42.09 -15.13
CA ALA A 170 -13.46 41.32 -15.46
C ALA A 170 -12.84 41.50 -16.84
N GLY A 171 -13.55 42.16 -17.76
CA GLY A 171 -13.01 42.43 -19.09
C GLY A 171 -11.89 43.42 -18.84
N GLY A 172 -12.13 44.34 -17.91
CA GLY A 172 -11.09 45.28 -17.55
C GLY A 172 -9.97 44.54 -16.82
N THR A 173 -10.35 43.64 -15.91
CA THR A 173 -9.40 42.87 -15.10
C THR A 173 -8.43 42.05 -15.97
N VAL A 174 -8.93 41.36 -16.99
CA VAL A 174 -8.04 40.55 -17.84
C VAL A 174 -7.09 41.48 -18.61
N LEU A 175 -7.56 42.68 -18.97
CA LEU A 175 -6.69 43.65 -19.67
C LEU A 175 -5.58 44.12 -18.70
N ARG A 176 -5.96 44.43 -17.46
CA ARG A 176 -5.01 44.87 -16.46
C ARG A 176 -3.94 43.80 -16.19
N LEU A 177 -4.34 42.54 -16.20
CA LEU A 177 -3.40 41.43 -15.96
C LEU A 177 -2.47 41.19 -17.14
N ALA A 178 -3.04 41.17 -18.34
CA ALA A 178 -2.25 40.94 -19.54
C ALA A 178 -1.17 42.01 -19.67
N LYS A 179 -1.52 43.23 -19.26
CA LYS A 179 -0.59 44.33 -19.38
C LYS A 179 0.69 44.07 -18.58
N ASP A 180 0.55 43.64 -17.33
CA ASP A 180 1.74 43.37 -16.54
C ASP A 180 2.47 42.12 -17.06
N LEU A 181 1.76 41.06 -17.40
CA LEU A 181 2.44 39.86 -17.88
C LEU A 181 3.23 40.15 -19.18
N ALA A 182 2.66 40.94 -20.06
CA ALA A 182 3.30 41.26 -21.34
C ALA A 182 4.50 42.18 -21.18
N GLU A 183 4.29 43.25 -20.43
CA GLU A 183 5.33 44.23 -20.22
C GLU A 183 6.52 43.74 -19.40
N ASN A 184 6.30 42.78 -18.52
CA ASN A 184 7.38 42.33 -17.66
C ASN A 184 8.13 41.10 -18.13
N ASN A 185 7.79 40.56 -19.30
CA ASN A 185 8.45 39.38 -19.78
C ASN A 185 8.73 39.51 -21.27
N LYS A 186 10.01 39.60 -21.59
CA LYS A 186 10.47 39.74 -22.96
C LYS A 186 9.98 38.58 -23.80
N GLY A 187 9.45 38.88 -24.98
CA GLY A 187 8.94 37.83 -25.85
C GLY A 187 7.55 37.32 -25.49
N ALA A 188 7.04 37.67 -24.31
CA ALA A 188 5.73 37.18 -23.90
C ALA A 188 4.60 37.51 -24.84
N ARG A 189 3.80 36.49 -25.12
CA ARG A 189 2.63 36.63 -25.98
C ARG A 189 1.46 36.03 -25.20
N VAL A 190 0.53 36.91 -24.79
CA VAL A 190 -0.61 36.53 -23.97
C VAL A 190 -1.95 36.32 -24.69
N LEU A 191 -2.53 35.14 -24.56
CA LEU A 191 -3.83 34.87 -25.15
C LEU A 191 -4.84 35.15 -24.04
N VAL A 192 -5.69 36.14 -24.27
CA VAL A 192 -6.71 36.52 -23.30
C VAL A 192 -8.05 36.05 -23.84
N VAL A 193 -8.82 35.35 -23.00
CA VAL A 193 -10.13 34.81 -23.40
C VAL A 193 -11.21 34.99 -22.34
N CYS A 194 -12.28 35.69 -22.66
CA CYS A 194 -13.41 35.81 -21.75
C CYS A 194 -14.51 35.02 -22.47
N SER A 195 -15.13 34.07 -21.76
CA SER A 195 -16.21 33.25 -22.31
C SER A 195 -17.30 33.17 -21.26
N GLU A 196 -18.48 33.64 -21.62
CA GLU A 196 -19.60 33.68 -20.66
C GLU A 196 -20.84 33.01 -21.23
N VAL A 197 -21.44 32.08 -20.47
CA VAL A 197 -22.64 31.35 -20.91
C VAL A 197 -23.70 31.43 -19.81
N THR A 198 -24.88 31.96 -20.14
CA THR A 198 -26.02 32.15 -19.23
C THR A 198 -26.68 30.91 -18.61
N ALA A 199 -26.14 29.74 -18.90
CA ALA A 199 -26.67 28.52 -18.30
C ALA A 199 -26.39 28.64 -16.81
N VAL A 200 -25.50 29.54 -16.45
CA VAL A 200 -25.16 29.73 -15.04
C VAL A 200 -26.18 30.62 -14.34
N THR A 201 -26.81 31.53 -15.08
CA THR A 201 -27.75 32.49 -14.53
C THR A 201 -29.23 32.32 -14.91
N PHE A 202 -29.52 31.55 -15.95
CA PHE A 202 -30.91 31.38 -16.38
C PHE A 202 -31.81 30.74 -15.33
N ARG A 203 -32.98 31.33 -15.12
CA ARG A 203 -33.91 30.74 -14.19
C ARG A 203 -35.29 31.33 -14.39
N GLY A 204 -36.32 30.59 -13.96
CA GLY A 204 -37.69 31.06 -14.10
C GLY A 204 -37.94 32.40 -13.46
N PRO A 205 -39.10 33.03 -13.67
CA PRO A 205 -39.35 34.33 -13.06
C PRO A 205 -40.15 34.30 -11.75
N SER A 206 -39.96 35.32 -10.93
CA SER A 206 -40.66 35.44 -9.66
C SER A 206 -40.90 36.92 -9.41
N ASP A 207 -42.16 37.31 -9.26
CA ASP A 207 -42.53 38.72 -9.04
C ASP A 207 -42.03 39.27 -7.72
N THR A 208 -41.26 38.45 -7.00
CA THR A 208 -40.71 38.81 -5.70
C THR A 208 -39.23 39.22 -5.81
N HIS A 209 -38.63 38.99 -6.98
CA HIS A 209 -37.23 39.32 -7.19
C HIS A 209 -37.07 39.86 -8.62
N LEU A 210 -37.72 40.99 -8.89
CA LEU A 210 -37.65 41.59 -10.22
C LEU A 210 -36.23 41.96 -10.62
N ASP A 211 -35.35 42.20 -9.65
CA ASP A 211 -33.97 42.54 -9.95
C ASP A 211 -33.33 41.33 -10.63
N SER A 212 -33.81 40.14 -10.26
CA SER A 212 -33.32 38.89 -10.83
C SER A 212 -33.93 38.72 -12.20
N LEU A 213 -35.12 39.30 -12.37
CA LEU A 213 -35.82 39.22 -13.64
C LEU A 213 -35.12 40.06 -14.73
N VAL A 214 -34.65 41.25 -14.37
CA VAL A 214 -33.99 42.09 -15.36
C VAL A 214 -32.71 41.42 -15.88
N GLY A 215 -32.18 40.48 -15.08
CA GLY A 215 -31.00 39.76 -15.50
C GLY A 215 -31.38 38.91 -16.72
N GLN A 216 -32.60 38.37 -16.68
CA GLN A 216 -33.12 37.55 -17.76
C GLN A 216 -33.40 38.36 -19.03
N ALA A 217 -33.60 39.67 -18.92
CA ALA A 217 -33.83 40.50 -20.11
C ALA A 217 -32.51 41.04 -20.70
N LEU A 218 -31.45 41.02 -19.89
CA LEU A 218 -30.14 41.56 -20.30
C LEU A 218 -29.00 40.58 -20.67
N PHE A 219 -28.83 39.53 -19.90
CA PHE A 219 -27.72 38.59 -20.12
C PHE A 219 -27.76 37.73 -21.37
N GLY A 220 -26.67 37.80 -22.13
CA GLY A 220 -26.52 37.02 -23.35
C GLY A 220 -25.22 36.26 -23.30
N ASP A 221 -24.96 35.39 -24.29
CA ASP A 221 -23.75 34.57 -24.32
C ASP A 221 -22.72 35.07 -25.36
N GLY A 222 -21.44 34.87 -25.08
CA GLY A 222 -20.39 35.25 -26.01
C GLY A 222 -18.99 35.02 -25.48
N ALA A 223 -18.02 34.93 -26.39
CA ALA A 223 -16.63 34.75 -26.01
C ALA A 223 -15.79 35.69 -26.86
N ALA A 224 -14.74 36.25 -26.27
CA ALA A 224 -13.85 37.16 -27.03
C ALA A 224 -12.42 36.83 -26.65
N ALA A 225 -11.53 36.90 -27.63
CA ALA A 225 -10.12 36.58 -27.41
C ALA A 225 -9.20 37.67 -27.96
N LEU A 226 -8.09 37.85 -27.26
CA LEU A 226 -7.09 38.81 -27.64
C LEU A 226 -5.71 38.18 -27.62
N ILE A 227 -4.79 38.81 -28.31
CA ILE A 227 -3.39 38.40 -28.26
C ILE A 227 -2.74 39.71 -27.80
N VAL A 228 -1.97 39.66 -26.72
CA VAL A 228 -1.33 40.86 -26.20
C VAL A 228 0.16 40.61 -26.03
N GLY A 229 0.96 41.57 -26.47
CA GLY A 229 2.40 41.45 -26.32
C GLY A 229 3.06 42.81 -26.45
N SER A 230 4.22 42.96 -25.82
CA SER A 230 4.98 44.22 -25.92
C SER A 230 5.96 43.98 -27.05
N ASP A 231 6.51 45.07 -27.58
CA ASP A 231 7.53 44.98 -28.64
C ASP A 231 7.08 44.17 -29.86
N PRO A 232 6.04 44.64 -30.58
CA PRO A 232 5.57 43.89 -31.76
C PRO A 232 6.68 43.77 -32.78
N VAL A 233 6.74 42.62 -33.44
CA VAL A 233 7.74 42.39 -34.47
C VAL A 233 7.27 43.12 -35.73
N PRO A 234 8.06 44.13 -36.17
CA PRO A 234 7.78 44.95 -37.36
C PRO A 234 7.38 44.13 -38.58
N GLU A 235 6.28 44.54 -39.20
CA GLU A 235 5.74 43.89 -40.38
C GLU A 235 5.60 42.37 -40.32
N ILE A 236 5.05 41.93 -39.21
CA ILE A 236 4.74 40.54 -38.96
C ILE A 236 3.50 40.66 -38.09
N GLU A 237 3.61 41.46 -37.03
CA GLU A 237 2.50 41.66 -36.11
C GLU A 237 1.94 43.04 -36.35
N LYS A 238 0.63 43.19 -36.24
CA LYS A 238 0.01 44.49 -36.45
C LYS A 238 -0.65 44.98 -35.18
N PRO A 239 -0.13 46.05 -34.59
CA PRO A 239 -0.76 46.55 -33.37
C PRO A 239 -2.16 47.08 -33.68
N ILE A 240 -3.06 47.00 -32.70
CA ILE A 240 -4.43 47.50 -32.86
C ILE A 240 -4.65 48.63 -31.84
N PHE A 241 -4.28 48.38 -30.58
CA PHE A 241 -4.37 49.39 -29.50
C PHE A 241 -3.20 49.13 -28.56
N GLU A 242 -2.77 50.16 -27.84
CA GLU A 242 -1.70 50.00 -26.86
C GLU A 242 -2.34 50.32 -25.53
N MET A 243 -1.94 49.61 -24.48
CA MET A 243 -2.45 49.91 -23.15
C MET A 243 -1.41 50.81 -22.49
N VAL A 244 -1.89 51.82 -21.77
CA VAL A 244 -1.00 52.78 -21.14
C VAL A 244 -1.02 52.81 -19.63
N TRP A 245 -2.20 52.73 -19.04
CA TRP A 245 -2.35 52.83 -17.59
C TRP A 245 -3.64 52.10 -17.15
N THR A 246 -3.63 51.49 -15.96
CA THR A 246 -4.82 50.79 -15.47
C THR A 246 -5.12 51.09 -14.02
N ALA A 247 -6.38 50.96 -13.63
CA ALA A 247 -6.80 51.21 -12.25
C ALA A 247 -8.04 50.37 -11.94
N GLN A 248 -8.29 50.12 -10.66
CA GLN A 248 -9.49 49.38 -10.23
C GLN A 248 -9.89 50.05 -8.93
N THR A 249 -11.16 50.36 -8.73
CA THR A 249 -11.53 50.97 -7.48
C THR A 249 -12.91 50.49 -7.07
N ILE A 250 -13.29 50.72 -5.82
CA ILE A 250 -14.60 50.32 -5.30
C ILE A 250 -15.36 51.63 -5.04
N ALA A 251 -16.57 51.77 -5.59
CA ALA A 251 -17.34 52.99 -5.40
C ALA A 251 -17.90 53.09 -3.98
N PRO A 252 -17.88 54.30 -3.38
CA PRO A 252 -18.40 54.45 -2.02
C PRO A 252 -19.85 54.03 -1.87
N ASP A 253 -20.19 53.55 -0.69
CA ASP A 253 -21.54 53.12 -0.32
C ASP A 253 -22.29 52.36 -1.41
N SER A 254 -21.60 51.47 -2.11
CA SER A 254 -22.23 50.69 -3.17
C SER A 254 -22.29 49.21 -2.85
N GLU A 255 -21.88 48.82 -1.65
CA GLU A 255 -21.93 47.41 -1.34
C GLU A 255 -23.37 46.90 -1.33
N GLY A 256 -23.61 45.86 -2.12
CA GLY A 256 -24.95 45.31 -2.18
C GLY A 256 -25.63 45.66 -3.49
N ALA A 257 -25.07 46.65 -4.19
CA ALA A 257 -25.63 47.07 -5.46
C ALA A 257 -25.61 45.93 -6.47
N ILE A 258 -24.48 45.22 -6.53
CA ILE A 258 -24.35 44.09 -7.44
C ILE A 258 -23.63 42.90 -6.80
N ASP A 259 -24.34 41.79 -6.66
CA ASP A 259 -23.77 40.59 -6.08
C ASP A 259 -24.50 39.32 -6.46
N GLY A 260 -23.91 38.19 -6.09
CA GLY A 260 -24.49 36.91 -6.42
C GLY A 260 -23.96 35.87 -5.49
N HIS A 261 -24.65 34.74 -5.46
CA HIS A 261 -24.30 33.64 -4.59
C HIS A 261 -24.33 32.40 -5.46
N LEU A 262 -23.26 31.61 -5.43
CA LEU A 262 -23.23 30.38 -6.20
C LEU A 262 -23.77 29.38 -5.20
N ARG A 263 -24.98 28.87 -5.47
CA ARG A 263 -25.64 27.93 -4.56
C ARG A 263 -26.13 26.66 -5.26
N GLU A 264 -26.96 25.89 -4.56
CA GLU A 264 -27.46 24.64 -5.11
C GLU A 264 -28.42 24.89 -6.28
N ALA A 265 -29.06 26.05 -6.26
CA ALA A 265 -29.99 26.42 -7.32
C ALA A 265 -29.25 27.16 -8.42
N GLY A 266 -27.92 27.11 -8.40
CA GLY A 266 -27.18 27.81 -9.44
C GLY A 266 -26.80 29.20 -8.96
N LEU A 267 -26.38 30.07 -9.88
CA LEU A 267 -25.95 31.42 -9.50
C LEU A 267 -27.05 32.47 -9.48
N THR A 268 -27.32 33.04 -8.32
CA THR A 268 -28.33 34.07 -8.27
C THR A 268 -27.65 35.39 -8.64
N PHE A 269 -28.45 36.45 -8.76
CA PHE A 269 -27.97 37.77 -9.10
C PHE A 269 -28.88 38.71 -8.31
N HIS A 270 -28.35 39.82 -7.84
CA HIS A 270 -29.14 40.78 -7.07
C HIS A 270 -28.70 42.19 -7.45
N LEU A 271 -29.58 43.15 -7.18
CA LEU A 271 -29.31 44.55 -7.45
C LEU A 271 -29.91 45.41 -6.36
N LYS A 272 -29.55 46.69 -6.38
CA LYS A 272 -30.08 47.67 -5.46
C LYS A 272 -30.62 48.76 -6.38
N GLY A 273 -30.86 48.34 -7.64
CA GLY A 273 -31.41 49.19 -8.69
C GLY A 273 -30.87 50.58 -8.96
N ALA A 274 -30.05 51.10 -8.05
CA ALA A 274 -29.49 52.43 -8.21
C ALA A 274 -28.15 52.35 -8.92
N VAL A 275 -27.76 51.15 -9.34
CA VAL A 275 -26.49 50.96 -10.03
C VAL A 275 -26.17 52.05 -11.04
N PRO A 276 -27.15 52.43 -11.88
CA PRO A 276 -26.91 53.47 -12.88
C PRO A 276 -26.43 54.80 -12.28
N ASP A 277 -27.07 55.26 -11.22
CA ASP A 277 -26.64 56.52 -10.58
C ASP A 277 -25.26 56.34 -9.99
N ILE A 278 -25.05 55.24 -9.28
CA ILE A 278 -23.75 54.99 -8.67
C ILE A 278 -22.58 55.04 -9.67
N VAL A 279 -22.79 54.57 -10.89
CA VAL A 279 -21.72 54.60 -11.91
C VAL A 279 -21.51 56.02 -12.38
N SER A 280 -22.60 56.70 -12.68
CA SER A 280 -22.55 58.08 -13.14
C SER A 280 -21.78 58.95 -12.17
N LYS A 281 -22.16 58.84 -10.90
CA LYS A 281 -21.56 59.62 -9.83
C LYS A 281 -20.06 59.45 -9.59
N ASN A 282 -19.51 58.29 -9.95
CA ASN A 282 -18.09 58.04 -9.71
C ASN A 282 -17.23 58.08 -10.95
N ILE A 283 -17.86 58.07 -12.10
CA ILE A 283 -17.14 58.06 -13.36
C ILE A 283 -16.19 59.23 -13.58
N THR A 284 -16.61 60.45 -13.27
CA THR A 284 -15.73 61.60 -13.48
C THR A 284 -14.43 61.46 -12.68
N LYS A 285 -14.54 60.94 -11.46
CA LYS A 285 -13.36 60.79 -10.65
C LYS A 285 -12.44 59.74 -11.23
N ALA A 286 -13.02 58.70 -11.83
CA ALA A 286 -12.17 57.68 -12.43
C ALA A 286 -11.49 58.34 -13.64
N LEU A 287 -12.28 59.10 -14.41
CA LEU A 287 -11.77 59.79 -15.58
C LEU A 287 -10.66 60.79 -15.28
N VAL A 288 -10.83 61.55 -14.19
CA VAL A 288 -9.84 62.55 -13.78
C VAL A 288 -8.52 61.88 -13.47
N GLU A 289 -8.57 60.86 -12.63
CA GLU A 289 -7.39 60.11 -12.26
C GLU A 289 -6.67 59.55 -13.48
N ALA A 290 -7.43 59.09 -14.46
CA ALA A 290 -6.82 58.53 -15.65
C ALA A 290 -6.25 59.60 -16.61
N PHE A 291 -6.97 60.70 -16.79
CA PHE A 291 -6.53 61.71 -17.75
C PHE A 291 -5.87 63.02 -17.29
N GLU A 292 -6.03 63.40 -16.03
CA GLU A 292 -5.36 64.61 -15.56
C GLU A 292 -3.88 64.44 -15.84
N PRO A 293 -3.32 63.28 -15.49
CA PRO A 293 -1.91 63.01 -15.72
C PRO A 293 -1.50 63.28 -17.17
N LEU A 294 -2.48 63.37 -18.06
CA LEU A 294 -2.23 63.62 -19.47
C LEU A 294 -2.77 64.95 -20.00
N GLY A 295 -3.19 65.83 -19.08
CA GLY A 295 -3.71 67.13 -19.49
C GLY A 295 -5.00 67.08 -20.27
N ILE A 296 -5.58 65.90 -20.36
CA ILE A 296 -6.84 65.74 -21.09
C ILE A 296 -7.99 65.95 -20.13
N SER A 297 -8.85 66.89 -20.48
CA SER A 297 -10.01 67.21 -19.66
C SER A 297 -11.30 67.17 -20.49
N ASP A 298 -11.16 67.17 -21.82
CA ASP A 298 -12.33 67.10 -22.71
C ASP A 298 -12.57 65.62 -23.02
N TYR A 299 -13.56 65.02 -22.37
CA TYR A 299 -13.85 63.59 -22.56
C TYR A 299 -14.58 63.28 -23.87
N ASN A 300 -14.78 64.31 -24.68
CA ASN A 300 -15.40 64.08 -25.97
C ASN A 300 -14.26 63.96 -26.99
N SER A 301 -13.04 64.27 -26.53
CA SER A 301 -11.85 64.22 -27.40
C SER A 301 -11.10 62.89 -27.34
N ILE A 302 -11.67 61.90 -26.66
CA ILE A 302 -11.05 60.58 -26.56
C ILE A 302 -12.08 59.55 -27.00
N PHE A 303 -11.64 58.34 -27.35
CA PHE A 303 -12.59 57.30 -27.71
C PHE A 303 -13.03 56.52 -26.46
N TRP A 304 -14.27 56.04 -26.51
CA TRP A 304 -14.91 55.37 -25.40
C TRP A 304 -15.30 53.90 -25.56
N ILE A 305 -15.01 53.10 -24.54
CA ILE A 305 -15.43 51.71 -24.52
C ILE A 305 -15.98 51.54 -23.10
N ALA A 306 -17.28 51.32 -22.97
CA ALA A 306 -17.89 51.13 -21.64
C ALA A 306 -18.64 49.84 -21.53
N HIS A 307 -18.48 49.14 -20.41
CA HIS A 307 -19.25 47.91 -20.23
C HIS A 307 -20.75 48.27 -20.18
N PRO A 308 -21.56 47.75 -21.11
CA PRO A 308 -23.00 47.99 -21.22
C PRO A 308 -23.83 47.15 -20.26
N GLY A 309 -23.64 47.33 -18.96
CA GLY A 309 -24.39 46.54 -18.00
C GLY A 309 -25.88 46.64 -18.26
N GLY A 310 -26.30 47.83 -18.66
CA GLY A 310 -27.70 48.09 -18.96
C GLY A 310 -27.79 49.40 -19.71
N PRO A 311 -28.87 49.62 -20.48
CA PRO A 311 -28.94 50.89 -21.20
C PRO A 311 -28.83 52.16 -20.32
N ALA A 312 -29.51 52.18 -19.17
CA ALA A 312 -29.50 53.35 -18.28
C ALA A 312 -28.11 53.82 -17.85
N ILE A 313 -27.18 52.90 -17.70
CA ILE A 313 -25.82 53.32 -17.32
C ILE A 313 -25.21 54.18 -18.43
N LEU A 314 -25.38 53.75 -19.67
CA LEU A 314 -24.84 54.49 -20.80
C LEU A 314 -25.50 55.87 -20.91
N ASP A 315 -26.82 55.90 -20.75
CA ASP A 315 -27.56 57.16 -20.83
C ASP A 315 -27.08 58.15 -19.77
N GLN A 316 -26.97 57.70 -18.53
CA GLN A 316 -26.53 58.59 -17.47
C GLN A 316 -25.11 59.10 -17.57
N VAL A 317 -24.19 58.24 -18.02
CA VAL A 317 -22.80 58.67 -18.18
C VAL A 317 -22.77 59.73 -19.29
N GLU A 318 -23.51 59.47 -20.36
CA GLU A 318 -23.60 60.38 -21.50
C GLU A 318 -24.21 61.73 -21.03
N GLN A 319 -25.30 61.66 -20.27
CA GLN A 319 -25.95 62.85 -19.75
C GLN A 319 -25.02 63.69 -18.93
N LYS A 320 -24.54 63.09 -17.84
CA LYS A 320 -23.66 63.73 -16.88
C LYS A 320 -22.40 64.34 -17.44
N LEU A 321 -21.74 63.66 -18.38
CA LEU A 321 -20.51 64.19 -18.96
C LEU A 321 -20.82 65.02 -20.20
N ALA A 322 -22.10 65.09 -20.54
CA ALA A 322 -22.52 65.82 -21.73
C ALA A 322 -21.70 65.33 -22.92
N LEU A 323 -21.66 64.02 -23.12
CA LEU A 323 -20.91 63.45 -24.23
C LEU A 323 -21.76 63.50 -25.50
N LYS A 324 -21.12 63.68 -26.66
CA LYS A 324 -21.86 63.65 -27.91
C LYS A 324 -22.38 62.23 -28.10
N PRO A 325 -23.57 62.08 -28.70
CA PRO A 325 -24.16 60.76 -28.92
C PRO A 325 -23.20 59.80 -29.60
N GLU A 326 -22.25 60.33 -30.37
CA GLU A 326 -21.30 59.46 -31.05
C GLU A 326 -20.39 58.68 -30.11
N LYS A 327 -20.01 59.27 -28.97
CA LYS A 327 -19.09 58.58 -28.08
C LYS A 327 -19.50 57.14 -27.72
N MET A 328 -20.75 56.94 -27.32
CA MET A 328 -21.24 55.63 -26.92
C MET A 328 -21.76 54.72 -28.06
N ASN A 329 -21.56 55.11 -29.31
CA ASN A 329 -22.06 54.33 -30.44
C ASN A 329 -21.56 52.89 -30.55
N ALA A 330 -20.25 52.68 -30.53
CA ALA A 330 -19.74 51.32 -30.65
C ALA A 330 -20.23 50.49 -29.46
N THR A 331 -20.27 51.12 -28.30
CA THR A 331 -20.73 50.45 -27.09
C THR A 331 -22.18 50.02 -27.25
N ARG A 332 -23.05 50.96 -27.62
CA ARG A 332 -24.46 50.64 -27.77
C ARG A 332 -24.72 49.63 -28.89
N GLU A 333 -23.88 49.60 -29.90
CA GLU A 333 -24.06 48.65 -31.01
C GLU A 333 -23.80 47.20 -30.58
N VAL A 334 -22.92 47.01 -29.59
CA VAL A 334 -22.62 45.66 -29.10
C VAL A 334 -23.81 45.20 -28.25
N LEU A 335 -24.28 46.10 -27.37
CA LEU A 335 -25.43 45.81 -26.51
C LEU A 335 -26.66 45.51 -27.36
N SER A 336 -26.78 46.17 -28.51
CA SER A 336 -27.89 45.96 -29.43
C SER A 336 -27.95 44.59 -30.11
N GLU A 337 -26.80 44.13 -30.62
CA GLU A 337 -26.72 42.84 -31.32
C GLU A 337 -26.34 41.65 -30.45
N TYR A 338 -25.93 41.91 -29.22
CA TYR A 338 -25.49 40.83 -28.35
C TYR A 338 -25.99 40.84 -26.91
N GLY A 339 -26.56 41.95 -26.45
CA GLY A 339 -26.99 41.99 -25.05
C GLY A 339 -25.75 42.07 -24.14
N ASN A 340 -25.93 41.91 -22.83
CA ASN A 340 -24.84 41.98 -21.84
C ASN A 340 -24.09 40.66 -21.68
N MET A 341 -22.95 40.52 -22.35
CA MET A 341 -22.17 39.30 -22.25
C MET A 341 -21.13 39.35 -21.13
N SER A 342 -21.42 40.12 -20.10
CA SER A 342 -20.51 40.25 -18.96
C SER A 342 -19.12 40.67 -19.39
N SER A 343 -18.11 39.97 -18.88
CA SER A 343 -16.71 40.31 -19.17
C SER A 343 -16.35 40.49 -20.65
N ALA A 344 -16.97 39.70 -21.53
CA ALA A 344 -16.71 39.77 -22.98
C ALA A 344 -17.11 41.04 -23.71
N CYS A 345 -18.11 41.74 -23.21
CA CYS A 345 -18.59 42.96 -23.85
C CYS A 345 -17.54 43.97 -24.27
N VAL A 346 -16.73 44.42 -23.32
CA VAL A 346 -15.74 45.45 -23.64
C VAL A 346 -14.77 44.97 -24.73
N LEU A 347 -14.58 43.67 -24.84
CA LEU A 347 -13.67 43.19 -25.86
C LEU A 347 -14.38 43.18 -27.24
N PHE A 348 -15.68 42.85 -27.25
CA PHE A 348 -16.45 42.90 -28.50
C PHE A 348 -16.47 44.37 -28.98
N ILE A 349 -16.57 45.29 -28.03
CA ILE A 349 -16.60 46.71 -28.35
C ILE A 349 -15.28 47.18 -28.97
N LEU A 350 -14.15 46.70 -28.46
CA LEU A 350 -12.87 47.08 -29.03
C LEU A 350 -12.82 46.62 -30.49
N ASP A 351 -13.37 45.43 -30.74
CA ASP A 351 -13.39 44.87 -32.09
C ASP A 351 -14.27 45.72 -32.98
N GLU A 352 -15.46 46.04 -32.48
CA GLU A 352 -16.37 46.86 -33.24
C GLU A 352 -15.75 48.24 -33.55
N MET A 353 -15.07 48.83 -32.58
CA MET A 353 -14.51 50.16 -32.82
C MET A 353 -13.41 50.20 -33.88
N ARG A 354 -12.49 49.25 -33.83
CA ARG A 354 -11.43 49.21 -34.81
C ARG A 354 -11.97 48.85 -36.18
N LYS A 355 -13.01 48.01 -36.22
CA LYS A 355 -13.62 47.62 -37.51
C LYS A 355 -14.32 48.81 -38.16
N LYS A 356 -15.18 49.46 -37.40
CA LYS A 356 -15.87 50.61 -37.93
C LYS A 356 -14.89 51.70 -38.36
N SER A 357 -13.84 51.90 -37.58
CA SER A 357 -12.85 52.93 -37.89
C SER A 357 -12.10 52.64 -39.18
N THR A 358 -11.83 51.37 -39.43
CA THR A 358 -11.12 50.93 -40.64
C THR A 358 -12.10 50.96 -41.80
N GLN A 359 -13.37 50.72 -41.50
CA GLN A 359 -14.40 50.74 -42.52
C GLN A 359 -14.74 52.17 -42.97
N ASN A 360 -14.76 53.12 -42.04
CA ASN A 360 -15.08 54.50 -42.42
C ASN A 360 -13.83 55.26 -42.86
N GLY A 361 -12.75 54.54 -43.13
CA GLY A 361 -11.53 55.17 -43.57
C GLY A 361 -11.00 56.26 -42.64
N LEU A 362 -11.13 56.03 -41.33
CA LEU A 362 -10.65 56.98 -40.33
C LEU A 362 -9.14 56.84 -40.14
N LYS A 363 -8.52 57.80 -39.48
CA LYS A 363 -7.07 57.79 -39.26
C LYS A 363 -6.50 56.93 -38.14
N THR A 364 -7.34 56.49 -37.20
CA THR A 364 -6.85 55.61 -36.13
C THR A 364 -7.90 54.55 -35.81
N THR A 365 -7.46 53.50 -35.13
CA THR A 365 -8.34 52.41 -34.74
C THR A 365 -9.34 52.90 -33.70
N GLY A 366 -9.07 54.07 -33.14
CA GLY A 366 -9.94 54.65 -32.12
C GLY A 366 -10.75 55.82 -32.62
N GLU A 367 -11.58 55.56 -33.63
CA GLU A 367 -12.44 56.55 -34.25
C GLU A 367 -11.68 57.80 -34.67
N GLY A 368 -10.43 57.60 -35.09
CA GLY A 368 -9.61 58.70 -35.53
C GLY A 368 -8.95 59.52 -34.43
N LEU A 369 -9.17 59.13 -33.18
CA LEU A 369 -8.57 59.86 -32.07
C LEU A 369 -7.31 59.16 -31.54
N GLU A 370 -6.53 59.87 -30.73
CA GLU A 370 -5.30 59.29 -30.19
C GLU A 370 -5.50 58.50 -28.91
N TRP A 371 -6.10 59.12 -27.90
CA TRP A 371 -6.31 58.46 -26.62
C TRP A 371 -7.75 58.00 -26.41
N GLY A 372 -7.91 57.00 -25.55
CA GLY A 372 -9.22 56.47 -25.23
C GLY A 372 -9.31 55.79 -23.88
N VAL A 373 -10.53 55.47 -23.48
CA VAL A 373 -10.74 54.82 -22.20
C VAL A 373 -11.66 53.59 -22.27
N LEU A 374 -11.33 52.58 -21.47
CA LEU A 374 -12.15 51.37 -21.42
C LEU A 374 -12.61 51.24 -19.98
N PHE A 375 -13.92 51.05 -19.78
CA PHE A 375 -14.49 50.90 -18.45
C PHE A 375 -15.23 49.59 -18.24
N GLY A 376 -14.90 48.91 -17.15
CA GLY A 376 -15.59 47.69 -16.79
C GLY A 376 -16.30 48.00 -15.47
N PHE A 377 -17.53 47.51 -15.27
CA PHE A 377 -18.30 47.74 -14.02
C PHE A 377 -18.91 46.43 -13.54
N GLY A 378 -18.93 46.19 -12.24
CA GLY A 378 -19.52 44.95 -11.73
C GLY A 378 -19.62 44.85 -10.22
N PRO A 379 -19.84 43.65 -9.66
CA PRO A 379 -19.94 43.45 -8.21
C PRO A 379 -18.94 44.30 -7.48
N GLY A 380 -19.40 44.98 -6.42
CA GLY A 380 -18.50 45.84 -5.66
C GLY A 380 -19.10 47.02 -4.92
N LEU A 381 -19.55 48.00 -5.67
CA LEU A 381 -19.46 48.01 -7.10
C LEU A 381 -18.02 48.35 -7.49
N THR A 382 -17.51 47.61 -8.47
CA THR A 382 -16.15 47.84 -8.90
C THR A 382 -16.13 48.55 -10.24
N ILE A 383 -15.09 49.36 -10.44
CA ILE A 383 -14.91 50.09 -11.68
C ILE A 383 -13.50 49.84 -12.16
N GLU A 384 -13.37 49.28 -13.35
CA GLU A 384 -12.04 49.00 -13.87
C GLU A 384 -11.77 50.05 -14.90
N THR A 385 -10.56 50.63 -14.89
CA THR A 385 -10.22 51.62 -15.90
C THR A 385 -9.00 51.20 -16.71
N VAL A 386 -9.10 51.34 -18.02
CA VAL A 386 -7.95 51.03 -18.88
C VAL A 386 -7.76 52.19 -19.86
N VAL A 387 -6.61 52.86 -19.78
CA VAL A 387 -6.32 53.95 -20.71
C VAL A 387 -5.60 53.36 -21.92
N LEU A 388 -6.14 53.66 -23.09
CA LEU A 388 -5.60 53.15 -24.33
C LEU A 388 -5.14 54.25 -25.27
N ARG A 389 -4.31 53.87 -26.22
CA ARG A 389 -3.85 54.75 -27.27
C ARG A 389 -4.13 53.97 -28.55
N SER A 390 -4.66 54.63 -29.57
CA SER A 390 -4.97 53.96 -30.84
C SER A 390 -3.71 53.75 -31.72
N VAL A 391 -3.91 53.13 -32.87
CA VAL A 391 -2.83 52.90 -33.83
C VAL A 391 -3.28 53.53 -35.17
N ALA A 392 -2.35 54.17 -35.87
CA ALA A 392 -2.69 54.82 -37.13
C ALA A 392 -3.08 53.80 -38.19
N ILE A 393 -4.17 54.07 -38.90
CA ILE A 393 -4.59 53.17 -39.95
C ILE A 393 -4.59 53.97 -41.26
N VAL B 6 4.71 63.79 -24.29
CA VAL B 6 4.25 62.59 -23.53
C VAL B 6 3.97 61.40 -24.44
N SER B 7 5.02 60.64 -24.74
CA SER B 7 4.88 59.46 -25.59
C SER B 7 4.60 58.26 -24.68
N VAL B 8 4.30 57.12 -25.27
CA VAL B 8 4.06 55.93 -24.48
C VAL B 8 5.42 55.52 -23.95
N SER B 9 6.46 55.86 -24.69
CA SER B 9 7.83 55.53 -24.31
C SER B 9 8.22 56.12 -22.96
N GLU B 10 8.09 57.44 -22.82
CA GLU B 10 8.43 58.11 -21.58
C GLU B 10 7.59 57.57 -20.43
N ILE B 11 6.28 57.47 -20.66
CA ILE B 11 5.40 56.97 -19.61
C ILE B 11 5.83 55.56 -19.17
N ARG B 12 5.97 54.65 -20.13
CA ARG B 12 6.35 53.28 -19.81
C ARG B 12 7.60 53.20 -18.95
N LYS B 13 8.65 53.94 -19.33
CA LYS B 13 9.90 53.92 -18.58
C LYS B 13 9.72 54.43 -17.14
N ALA B 14 9.02 55.54 -16.97
CA ALA B 14 8.80 56.10 -15.64
C ALA B 14 7.69 55.39 -14.84
N GLN B 15 7.11 54.35 -15.43
CA GLN B 15 6.03 53.63 -14.76
C GLN B 15 6.44 52.31 -14.16
N ARG B 16 7.47 51.68 -14.70
CA ARG B 16 7.89 50.39 -14.16
C ARG B 16 8.90 50.49 -13.02
N ALA B 17 9.06 49.39 -12.28
CA ALA B 17 10.02 49.29 -11.17
C ALA B 17 11.33 48.84 -11.78
N GLU B 18 12.42 48.98 -11.02
CA GLU B 18 13.73 48.61 -11.51
C GLU B 18 14.24 47.24 -11.08
N GLY B 19 14.15 46.93 -9.79
CA GLY B 19 14.65 45.67 -9.28
C GLY B 19 13.68 44.49 -9.24
N PRO B 20 14.17 43.31 -8.78
CA PRO B 20 13.37 42.09 -8.68
C PRO B 20 12.31 42.12 -7.58
N ALA B 21 11.26 41.34 -7.77
CA ALA B 21 10.18 41.25 -6.77
C ALA B 21 10.77 40.65 -5.51
N THR B 22 10.57 41.31 -4.38
CA THR B 22 11.13 40.82 -3.13
C THR B 22 10.08 40.61 -2.04
N ILE B 23 10.17 39.51 -1.32
CA ILE B 23 9.25 39.22 -0.23
C ILE B 23 9.77 40.02 0.96
N LEU B 24 8.92 40.90 1.48
CA LEU B 24 9.30 41.78 2.56
C LEU B 24 8.71 41.42 3.93
N ALA B 25 7.78 40.49 3.97
CA ALA B 25 7.18 40.08 5.26
C ALA B 25 6.30 38.87 5.04
N ILE B 26 6.15 38.08 6.08
CA ILE B 26 5.36 36.87 6.00
C ILE B 26 4.63 36.65 7.32
N GLY B 27 3.34 36.36 7.25
CA GLY B 27 2.61 36.10 8.47
C GLY B 27 1.62 34.98 8.19
N THR B 28 1.39 34.14 9.19
CA THR B 28 0.45 33.04 9.04
C THR B 28 -0.59 33.01 10.16
N ALA B 29 -1.68 32.28 9.92
CA ALA B 29 -2.75 32.10 10.91
C ALA B 29 -3.46 30.75 10.64
N ASN B 30 -4.14 30.24 11.66
CA ASN B 30 -4.84 28.96 11.57
C ASN B 30 -6.00 29.00 12.55
N PRO B 31 -7.10 28.30 12.24
CA PRO B 31 -8.22 28.30 13.18
C PRO B 31 -7.66 27.84 14.55
N ALA B 32 -8.39 28.10 15.63
CA ALA B 32 -7.93 27.80 16.97
C ALA B 32 -7.98 26.34 17.32
N ASN B 33 -9.00 25.67 16.79
CA ASN B 33 -9.20 24.26 17.04
C ASN B 33 -8.11 23.38 16.46
N CYS B 34 -7.31 22.81 17.35
CA CYS B 34 -6.22 21.93 17.00
C CYS B 34 -6.65 20.45 17.14
N VAL B 35 -6.54 19.70 16.05
CA VAL B 35 -6.91 18.29 16.01
C VAL B 35 -5.64 17.43 15.88
N GLU B 36 -5.36 16.59 16.89
CA GLU B 36 -4.21 15.71 16.88
C GLU B 36 -4.43 14.59 15.85
N GLN B 37 -3.42 14.28 15.06
CA GLN B 37 -3.55 13.23 14.05
C GLN B 37 -3.72 11.82 14.61
N SER B 38 -2.89 11.46 15.58
CA SER B 38 -2.93 10.13 16.19
C SER B 38 -4.33 9.60 16.48
N THR B 39 -5.19 10.45 17.04
CA THR B 39 -6.55 10.03 17.38
C THR B 39 -7.65 10.65 16.49
N TYR B 40 -7.30 11.11 15.30
CA TYR B 40 -8.32 11.69 14.43
C TYR B 40 -9.34 10.64 13.97
N PRO B 41 -8.86 9.44 13.58
CA PRO B 41 -9.82 8.43 13.13
C PRO B 41 -11.00 8.24 14.07
N ASP B 42 -10.73 7.97 15.35
CA ASP B 42 -11.82 7.80 16.30
C ASP B 42 -12.80 8.97 16.17
N PHE B 43 -12.27 10.19 16.14
CA PHE B 43 -13.10 11.40 16.05
C PHE B 43 -13.92 11.51 14.77
N TYR B 44 -13.26 11.28 13.66
CA TYR B 44 -13.83 11.37 12.34
C TYR B 44 -14.96 10.35 12.14
N PHE B 45 -14.67 9.08 12.34
CA PHE B 45 -15.70 8.07 12.17
C PHE B 45 -16.88 8.26 13.10
N LYS B 46 -16.66 8.86 14.26
CA LYS B 46 -17.77 9.10 15.17
C LYS B 46 -18.61 10.27 14.66
N ILE B 47 -17.96 11.36 14.31
CA ILE B 47 -18.70 12.52 13.85
C ILE B 47 -19.40 12.29 12.52
N THR B 48 -18.88 11.38 11.69
CA THR B 48 -19.52 11.09 10.40
C THR B 48 -20.41 9.85 10.50
N ASN B 49 -20.72 9.47 11.75
CA ASN B 49 -21.57 8.31 12.04
C ASN B 49 -21.22 7.02 11.34
N SER B 50 -19.92 6.75 11.23
CA SER B 50 -19.43 5.55 10.59
C SER B 50 -18.71 4.61 11.56
N GLU B 51 -19.02 4.72 12.86
CA GLU B 51 -18.36 3.88 13.86
C GLU B 51 -18.64 2.39 13.69
N HIS B 52 -19.48 2.06 12.71
CA HIS B 52 -19.83 0.68 12.41
C HIS B 52 -18.91 0.21 11.30
N LYS B 53 -18.39 1.15 10.51
CA LYS B 53 -17.49 0.80 9.41
C LYS B 53 -16.11 0.42 9.96
N THR B 54 -16.10 -0.32 11.08
CA THR B 54 -14.88 -0.76 11.75
C THR B 54 -13.74 -1.08 10.77
N GLU B 55 -14.02 -1.98 9.82
CA GLU B 55 -13.03 -2.39 8.83
C GLU B 55 -12.40 -1.24 8.05
N LEU B 56 -13.21 -0.23 7.72
CA LEU B 56 -12.73 0.93 6.96
C LEU B 56 -11.92 1.88 7.86
N LYS B 57 -12.30 1.94 9.13
CA LYS B 57 -11.63 2.79 10.10
C LYS B 57 -10.15 2.40 10.13
N GLU B 58 -9.90 1.11 10.32
CA GLU B 58 -8.55 0.58 10.36
C GLU B 58 -7.75 1.05 9.14
N LYS B 59 -8.43 1.21 8.02
CA LYS B 59 -7.78 1.68 6.80
C LYS B 59 -7.42 3.16 6.93
N PHE B 60 -8.28 3.94 7.58
CA PHE B 60 -8.05 5.36 7.75
C PHE B 60 -6.90 5.60 8.74
N GLN B 61 -6.82 4.76 9.76
CA GLN B 61 -5.79 4.84 10.81
C GLN B 61 -4.41 4.65 10.19
N ARG B 62 -4.31 3.73 9.24
CA ARG B 62 -3.04 3.49 8.58
C ARG B 62 -2.65 4.72 7.75
N MET B 63 -3.65 5.35 7.14
CA MET B 63 -3.39 6.53 6.30
C MET B 63 -2.88 7.70 7.12
N CYS B 64 -3.49 7.90 8.28
CA CYS B 64 -3.08 8.96 9.18
C CYS B 64 -1.70 8.60 9.76
N ASP B 65 -1.53 7.37 10.22
CA ASP B 65 -0.25 6.97 10.79
C ASP B 65 0.94 7.08 9.84
N LYS B 66 0.68 7.15 8.54
CA LYS B 66 1.78 7.26 7.57
C LYS B 66 1.76 8.61 6.89
N SER B 67 0.82 9.46 7.30
CA SER B 67 0.70 10.79 6.71
C SER B 67 1.87 11.71 7.08
N MET B 68 2.58 11.38 8.15
CA MET B 68 3.69 12.21 8.61
C MET B 68 3.18 13.59 9.07
N ILE B 69 1.95 13.62 9.57
CA ILE B 69 1.32 14.84 10.08
C ILE B 69 0.98 14.54 11.52
N LYS B 70 1.37 15.42 12.45
CA LYS B 70 1.03 15.19 13.87
C LYS B 70 -0.24 15.93 14.32
N ARG B 71 -0.54 17.05 13.67
CA ARG B 71 -1.77 17.77 14.01
C ARG B 71 -2.13 18.69 12.86
N ARG B 72 -3.36 19.15 12.88
CA ARG B 72 -3.88 20.08 11.88
C ARG B 72 -4.85 21.02 12.61
N TYR B 73 -5.18 22.14 11.98
CA TYR B 73 -6.10 23.07 12.57
C TYR B 73 -7.36 23.11 11.71
N MET B 74 -8.52 23.04 12.34
CA MET B 74 -9.76 23.03 11.59
C MET B 74 -10.80 23.97 12.16
N TYR B 75 -11.42 24.72 11.26
CA TYR B 75 -12.50 25.63 11.57
C TYR B 75 -13.69 24.75 11.97
N LEU B 76 -13.81 23.59 11.32
CA LEU B 76 -14.91 22.65 11.62
C LEU B 76 -14.67 22.04 13.00
N THR B 77 -15.65 22.21 13.87
CA THR B 77 -15.58 21.69 15.23
C THR B 77 -16.72 20.75 15.42
N GLU B 78 -16.67 19.99 16.50
CA GLU B 78 -17.73 19.04 16.80
C GLU B 78 -19.08 19.80 16.80
N GLU B 79 -19.12 20.94 17.47
CA GLU B 79 -20.34 21.77 17.56
C GLU B 79 -20.86 22.20 16.20
N ILE B 80 -19.96 22.71 15.37
CA ILE B 80 -20.36 23.17 14.05
C ILE B 80 -20.91 22.02 13.21
N LEU B 81 -20.18 20.90 13.21
CA LEU B 81 -20.59 19.72 12.45
C LEU B 81 -21.90 19.14 12.96
N LYS B 82 -22.11 19.22 14.27
CA LYS B 82 -23.34 18.70 14.87
C LYS B 82 -24.51 19.55 14.34
N GLU B 83 -24.20 20.80 13.96
CA GLU B 83 -25.20 21.71 13.43
C GLU B 83 -25.47 21.51 11.93
N ASN B 84 -24.59 20.78 11.25
CA ASN B 84 -24.72 20.56 9.81
C ASN B 84 -24.56 19.09 9.46
N PRO B 85 -25.50 18.24 9.88
CA PRO B 85 -25.37 16.82 9.57
C PRO B 85 -25.11 16.47 8.11
N ASN B 86 -25.70 17.25 7.19
CA ASN B 86 -25.51 16.95 5.78
C ASN B 86 -24.04 17.05 5.35
N VAL B 87 -23.25 17.83 6.08
CA VAL B 87 -21.84 17.97 5.76
C VAL B 87 -21.10 16.72 6.26
N CYS B 88 -21.71 16.04 7.23
CA CYS B 88 -21.14 14.83 7.85
C CYS B 88 -21.44 13.57 7.06
N GLU B 89 -22.43 13.63 6.18
CA GLU B 89 -22.78 12.50 5.34
C GLU B 89 -21.71 12.40 4.26
N TYR B 90 -21.64 11.26 3.58
CA TYR B 90 -20.64 11.08 2.53
C TYR B 90 -20.91 11.92 1.29
N MET B 91 -22.15 11.87 0.81
CA MET B 91 -22.50 12.58 -0.40
C MET B 91 -23.91 13.16 -0.39
N ALA B 92 -24.18 14.13 0.49
CA ALA B 92 -25.51 14.74 0.56
C ALA B 92 -25.50 16.20 0.14
N PRO B 93 -26.67 16.72 -0.28
CA PRO B 93 -26.74 18.14 -0.68
C PRO B 93 -26.26 18.92 0.53
N SER B 94 -25.16 19.68 0.35
CA SER B 94 -24.56 20.44 1.45
C SER B 94 -23.82 21.73 1.03
N LEU B 95 -23.81 22.05 -0.25
CA LEU B 95 -23.10 23.23 -0.72
C LEU B 95 -23.49 24.53 -0.02
N ASP B 96 -24.77 24.83 -0.04
CA ASP B 96 -25.23 26.07 0.57
C ASP B 96 -24.72 26.26 2.01
N ALA B 97 -24.67 25.19 2.79
CA ALA B 97 -24.18 25.23 4.17
C ALA B 97 -22.67 25.55 4.18
N ARG B 98 -21.93 24.87 3.32
CA ARG B 98 -20.50 25.08 3.22
C ARG B 98 -20.16 26.50 2.72
N GLN B 99 -20.96 27.05 1.80
CA GLN B 99 -20.73 28.37 1.28
C GLN B 99 -20.86 29.42 2.38
N ALA B 100 -21.82 29.23 3.27
CA ALA B 100 -22.04 30.14 4.39
C ALA B 100 -20.80 30.11 5.30
N MET B 101 -20.22 28.94 5.50
CA MET B 101 -19.03 28.85 6.34
C MET B 101 -17.83 29.50 5.66
N LEU B 102 -17.69 29.27 4.36
CA LEU B 102 -16.56 29.84 3.61
C LEU B 102 -16.67 31.35 3.51
N ALA B 103 -17.88 31.88 3.31
CA ALA B 103 -18.05 33.32 3.22
C ALA B 103 -17.45 34.05 4.43
N MET B 104 -17.50 33.43 5.60
CA MET B 104 -16.96 34.09 6.80
C MET B 104 -15.51 33.73 7.20
N GLU B 105 -15.18 32.44 7.20
CA GLU B 105 -13.86 32.00 7.65
C GLU B 105 -12.69 32.33 6.73
N VAL B 106 -12.91 32.23 5.42
CA VAL B 106 -11.83 32.51 4.46
C VAL B 106 -11.28 33.92 4.65
N PRO B 107 -12.15 34.96 4.62
CA PRO B 107 -11.67 36.34 4.81
C PRO B 107 -11.17 36.57 6.24
N ARG B 108 -11.84 35.98 7.24
CA ARG B 108 -11.40 36.15 8.64
C ARG B 108 -9.99 35.61 8.89
N LEU B 109 -9.73 34.36 8.49
CA LEU B 109 -8.42 33.76 8.69
C LEU B 109 -7.40 34.50 7.81
N GLY B 110 -7.85 34.92 6.63
CA GLY B 110 -6.99 35.64 5.71
C GLY B 110 -6.54 36.97 6.27
N LYS B 111 -7.48 37.71 6.86
CA LYS B 111 -7.16 39.00 7.46
C LYS B 111 -6.15 38.85 8.59
N GLU B 112 -6.40 37.85 9.45
CA GLU B 112 -5.51 37.58 10.58
C GLU B 112 -4.05 37.40 10.12
N ALA B 113 -3.85 36.63 9.06
CA ALA B 113 -2.48 36.46 8.57
C ALA B 113 -1.96 37.78 7.98
N ALA B 114 -2.80 38.49 7.22
CA ALA B 114 -2.41 39.74 6.60
C ALA B 114 -2.01 40.79 7.66
N VAL B 115 -2.71 40.80 8.80
CA VAL B 115 -2.40 41.76 9.84
C VAL B 115 -1.00 41.51 10.41
N LYS B 116 -0.65 40.23 10.63
CA LYS B 116 0.67 39.89 11.14
C LYS B 116 1.72 40.33 10.13
N ALA B 117 1.43 40.07 8.85
CA ALA B 117 2.37 40.44 7.78
C ALA B 117 2.57 41.94 7.70
N ILE B 118 1.48 42.68 7.72
CA ILE B 118 1.56 44.14 7.65
C ILE B 118 2.31 44.67 8.89
N LYS B 119 2.10 44.04 10.03
CA LYS B 119 2.77 44.50 11.22
C LYS B 119 4.28 44.25 11.11
N GLU B 120 4.70 43.14 10.53
CA GLU B 120 6.13 42.89 10.38
C GLU B 120 6.70 43.93 9.41
N TRP B 121 6.01 44.14 8.29
CA TRP B 121 6.41 45.11 7.26
C TRP B 121 6.63 46.51 7.88
N GLY B 122 5.73 46.91 8.77
CA GLY B 122 5.87 48.18 9.47
C GLY B 122 5.42 49.44 8.78
N GLN B 123 5.01 49.32 7.53
CA GLN B 123 4.55 50.46 6.75
C GLN B 123 3.02 50.58 6.81
N PRO B 124 2.50 51.78 6.50
CA PRO B 124 1.06 52.06 6.50
C PRO B 124 0.33 51.12 5.53
N LYS B 125 -0.74 50.49 5.98
CA LYS B 125 -1.48 49.57 5.11
C LYS B 125 -2.00 50.30 3.89
N SER B 126 -2.11 51.63 4.03
CA SER B 126 -2.58 52.48 2.93
C SER B 126 -1.58 52.46 1.77
N LYS B 127 -0.34 52.02 2.02
CA LYS B 127 0.69 51.93 0.95
C LYS B 127 0.56 50.62 0.13
N ILE B 128 -0.40 49.78 0.48
CA ILE B 128 -0.60 48.56 -0.27
C ILE B 128 -1.31 48.93 -1.57
N THR B 129 -0.70 48.56 -2.71
CA THR B 129 -1.28 48.90 -3.99
C THR B 129 -2.00 47.77 -4.71
N HIS B 130 -1.63 46.53 -4.42
CA HIS B 130 -2.26 45.40 -5.11
C HIS B 130 -2.63 44.35 -4.09
N LEU B 131 -3.64 43.55 -4.38
CA LEU B 131 -4.04 42.50 -3.46
C LEU B 131 -4.41 41.23 -4.21
N ILE B 132 -3.74 40.14 -3.87
CA ILE B 132 -4.00 38.85 -4.48
C ILE B 132 -4.56 37.96 -3.38
N VAL B 133 -5.74 37.42 -3.60
CA VAL B 133 -6.34 36.56 -2.60
C VAL B 133 -6.65 35.22 -3.26
N CYS B 134 -6.09 34.15 -2.73
CA CYS B 134 -6.31 32.84 -3.30
C CYS B 134 -6.99 31.88 -2.33
N SER B 135 -7.97 31.13 -2.81
CA SER B 135 -8.67 30.11 -1.99
C SER B 135 -9.15 29.01 -2.96
N THR B 136 -9.32 27.77 -2.49
CA THR B 136 -9.75 26.66 -3.38
C THR B 136 -11.06 27.01 -4.07
N THR B 137 -11.93 27.70 -3.33
CA THR B 137 -13.18 28.15 -3.91
C THR B 137 -13.52 29.48 -3.27
N THR B 138 -14.49 30.16 -3.87
CA THR B 138 -15.02 31.39 -3.32
C THR B 138 -16.53 31.18 -3.50
N PRO B 139 -17.32 31.50 -2.46
CA PRO B 139 -18.78 31.35 -2.47
C PRO B 139 -19.64 32.30 -3.27
N ASP B 140 -19.23 33.55 -3.38
CA ASP B 140 -20.06 34.54 -4.04
C ASP B 140 -19.36 35.44 -5.04
N LEU B 141 -20.07 36.51 -5.39
CA LEU B 141 -19.55 37.60 -6.23
C LEU B 141 -20.09 38.75 -5.38
N PRO B 142 -19.23 39.70 -4.96
CA PRO B 142 -17.80 39.79 -5.21
C PRO B 142 -17.04 38.58 -4.61
N GLY B 143 -15.85 38.33 -5.13
CA GLY B 143 -15.03 37.25 -4.62
C GLY B 143 -14.39 37.65 -3.30
N ALA B 144 -13.74 36.70 -2.64
CA ALA B 144 -13.10 36.93 -1.34
C ALA B 144 -12.07 38.06 -1.30
N ASP B 145 -11.54 38.46 -2.45
CA ASP B 145 -10.56 39.55 -2.48
C ASP B 145 -11.29 40.82 -2.02
N TYR B 146 -12.52 40.98 -2.49
CA TYR B 146 -13.33 42.13 -2.07
C TYR B 146 -13.60 42.10 -0.55
N GLN B 147 -14.05 40.96 -0.04
CA GLN B 147 -14.32 40.85 1.40
C GLN B 147 -13.08 41.11 2.25
N LEU B 148 -11.92 40.68 1.78
CA LEU B 148 -10.69 40.89 2.55
C LEU B 148 -10.31 42.37 2.60
N THR B 149 -10.52 43.07 1.50
CA THR B 149 -10.20 44.50 1.44
C THR B 149 -11.10 45.24 2.41
N LYS B 150 -12.35 44.81 2.50
CA LYS B 150 -13.34 45.43 3.39
C LYS B 150 -12.87 45.23 4.83
N LEU B 151 -12.55 43.99 5.18
CA LEU B 151 -12.08 43.66 6.54
C LEU B 151 -10.82 44.42 6.95
N LEU B 152 -9.86 44.48 6.02
CA LEU B 152 -8.59 45.13 6.27
C LEU B 152 -8.63 46.65 6.24
N GLY B 153 -9.66 47.20 5.63
CA GLY B 153 -9.73 48.64 5.54
C GLY B 153 -8.65 49.17 4.61
N LEU B 154 -8.32 48.44 3.57
CA LEU B 154 -7.32 48.94 2.63
C LEU B 154 -8.03 49.99 1.76
N ARG B 155 -7.24 50.76 1.02
CA ARG B 155 -7.73 51.80 0.15
C ARG B 155 -8.67 51.17 -0.89
N PRO B 156 -9.81 51.82 -1.16
CA PRO B 156 -10.77 51.29 -2.14
C PRO B 156 -10.18 51.04 -3.52
N TYR B 157 -9.08 51.71 -3.83
CA TYR B 157 -8.47 51.52 -5.14
C TYR B 157 -7.31 50.55 -5.22
N VAL B 158 -7.23 49.64 -4.25
CA VAL B 158 -6.18 48.62 -4.29
C VAL B 158 -6.58 47.73 -5.49
N LYS B 159 -5.63 47.43 -6.36
CA LYS B 159 -5.90 46.61 -7.55
C LYS B 159 -6.00 45.15 -7.12
N ARG B 160 -7.16 44.55 -7.33
CA ARG B 160 -7.41 43.21 -6.85
C ARG B 160 -7.44 42.12 -7.89
N VAL B 161 -6.98 40.94 -7.48
CA VAL B 161 -6.98 39.73 -8.32
C VAL B 161 -7.32 38.55 -7.41
N GLY B 162 -8.41 37.85 -7.71
CA GLY B 162 -8.81 36.70 -6.91
C GLY B 162 -8.38 35.47 -7.68
N VAL B 163 -7.77 34.50 -7.00
CA VAL B 163 -7.28 33.28 -7.66
C VAL B 163 -8.03 32.10 -7.07
N PHE B 164 -9.10 31.68 -7.75
CA PHE B 164 -9.95 30.61 -7.26
C PHE B 164 -10.00 29.35 -8.13
N GLN B 165 -10.32 28.24 -7.47
CA GLN B 165 -10.40 26.94 -8.14
C GLN B 165 -9.19 26.59 -8.98
N HIS B 166 -8.00 26.97 -8.50
CA HIS B 166 -6.76 26.63 -9.20
C HIS B 166 -6.26 25.40 -8.45
N GLY B 167 -6.20 25.49 -7.13
CA GLY B 167 -5.81 24.35 -6.35
C GLY B 167 -4.54 24.41 -5.53
N CYS B 168 -3.99 23.23 -5.26
CA CYS B 168 -2.79 23.11 -4.46
C CYS B 168 -1.52 23.73 -5.03
N PHE B 169 -1.49 24.03 -6.31
CA PHE B 169 -0.26 24.61 -6.84
C PHE B 169 -0.32 26.13 -6.79
N ALA B 170 -1.46 26.67 -6.37
CA ALA B 170 -1.65 28.12 -6.39
C ALA B 170 -0.76 28.99 -5.52
N GLY B 171 0.02 28.35 -4.65
CA GLY B 171 0.96 29.06 -3.80
C GLY B 171 2.05 29.58 -4.73
N GLY B 172 2.35 28.79 -5.76
CA GLY B 172 3.33 29.21 -6.74
C GLY B 172 2.66 30.23 -7.66
N THR B 173 1.39 30.00 -7.95
CA THR B 173 0.64 30.88 -8.85
C THR B 173 0.61 32.33 -8.36
N VAL B 174 0.29 32.52 -7.08
CA VAL B 174 0.19 33.86 -6.51
C VAL B 174 1.56 34.53 -6.48
N LEU B 175 2.61 33.75 -6.33
CA LEU B 175 3.98 34.30 -6.31
C LEU B 175 4.35 34.71 -7.73
N ARG B 176 3.92 33.91 -8.71
CA ARG B 176 4.20 34.21 -10.11
C ARG B 176 3.42 35.49 -10.48
N LEU B 177 2.18 35.59 -9.97
CA LEU B 177 1.35 36.77 -10.24
C LEU B 177 1.97 37.98 -9.53
N ALA B 178 2.27 37.85 -8.25
CA ALA B 178 2.88 38.94 -7.48
C ALA B 178 4.19 39.42 -8.10
N LYS B 179 5.01 38.50 -8.62
CA LYS B 179 6.28 38.92 -9.25
C LYS B 179 6.06 39.97 -10.36
N ASP B 180 5.17 39.69 -11.32
CA ASP B 180 4.92 40.64 -12.41
C ASP B 180 4.21 41.94 -11.98
N LEU B 181 3.28 41.87 -11.04
CA LEU B 181 2.61 43.09 -10.61
C LEU B 181 3.63 44.03 -9.97
N ALA B 182 4.50 43.50 -9.12
CA ALA B 182 5.49 44.36 -8.44
C ALA B 182 6.62 44.80 -9.38
N GLU B 183 7.12 43.91 -10.22
CA GLU B 183 8.22 44.28 -11.13
C GLU B 183 7.85 45.28 -12.25
N ASN B 184 6.60 45.24 -12.70
CA ASN B 184 6.17 46.12 -13.77
C ASN B 184 5.59 47.48 -13.31
N ASN B 185 5.44 47.66 -12.01
CA ASN B 185 4.87 48.90 -11.47
C ASN B 185 5.68 49.58 -10.36
N LYS B 186 6.18 50.78 -10.66
CA LYS B 186 6.96 51.54 -9.69
C LYS B 186 6.21 51.82 -8.40
N GLY B 187 6.83 51.50 -7.27
CA GLY B 187 6.20 51.76 -5.98
C GLY B 187 5.15 50.77 -5.55
N ALA B 188 4.86 49.79 -6.39
CA ALA B 188 3.82 48.82 -6.05
C ALA B 188 4.18 47.91 -4.88
N ARG B 189 3.20 47.74 -4.00
CA ARG B 189 3.36 46.88 -2.84
C ARG B 189 2.13 45.94 -2.84
N VAL B 190 2.40 44.68 -3.15
CA VAL B 190 1.41 43.62 -3.26
C VAL B 190 1.22 42.77 -2.01
N LEU B 191 0.01 42.80 -1.45
CA LEU B 191 -0.32 41.95 -0.30
C LEU B 191 -0.85 40.67 -0.94
N VAL B 192 -0.26 39.53 -0.59
CA VAL B 192 -0.68 38.24 -1.15
C VAL B 192 -1.23 37.43 0.00
N VAL B 193 -2.41 36.86 -0.18
CA VAL B 193 -3.05 36.07 0.86
C VAL B 193 -3.61 34.76 0.33
N CYS B 194 -3.20 33.64 0.91
CA CYS B 194 -3.76 32.36 0.54
C CYS B 194 -4.51 31.97 1.82
N SER B 195 -5.74 31.51 1.67
CA SER B 195 -6.55 31.12 2.82
C SER B 195 -7.41 29.93 2.40
N GLU B 196 -7.10 28.78 2.99
CA GLU B 196 -7.76 27.51 2.72
C GLU B 196 -8.41 26.93 3.97
N VAL B 197 -9.67 26.59 3.83
CA VAL B 197 -10.47 26.06 4.93
C VAL B 197 -11.16 24.81 4.43
N THR B 198 -10.99 23.70 5.11
CA THR B 198 -11.58 22.43 4.68
C THR B 198 -13.09 22.27 4.73
N ALA B 199 -13.82 23.32 5.06
CA ALA B 199 -15.27 23.24 5.09
C ALA B 199 -15.70 22.95 3.65
N VAL B 200 -14.82 23.26 2.71
CA VAL B 200 -15.14 23.02 1.31
C VAL B 200 -14.99 21.53 0.91
N THR B 201 -14.07 20.80 1.56
CA THR B 201 -13.79 19.40 1.24
C THR B 201 -14.18 18.29 2.23
N PHE B 202 -14.57 18.65 3.46
CA PHE B 202 -14.93 17.66 4.46
C PHE B 202 -16.20 16.87 4.13
N ARG B 203 -16.14 15.56 4.28
CA ARG B 203 -17.31 14.71 4.03
C ARG B 203 -17.06 13.33 4.64
N GLY B 204 -18.13 12.55 4.73
CA GLY B 204 -18.06 11.23 5.31
C GLY B 204 -17.18 10.27 4.53
N PRO B 205 -16.90 9.10 5.13
CA PRO B 205 -16.05 8.09 4.48
C PRO B 205 -16.88 7.12 3.64
N SER B 206 -16.24 6.58 2.60
CA SER B 206 -16.89 5.60 1.74
C SER B 206 -15.89 4.51 1.44
N ASP B 207 -16.29 3.27 1.73
CA ASP B 207 -15.43 2.13 1.48
C ASP B 207 -15.50 1.78 0.00
N THR B 208 -15.46 2.82 -0.83
CA THR B 208 -15.52 2.70 -2.29
C THR B 208 -14.68 3.81 -2.89
N HIS B 209 -14.46 4.85 -2.11
CA HIS B 209 -13.67 5.99 -2.54
C HIS B 209 -12.51 6.17 -1.56
N LEU B 210 -11.78 5.07 -1.36
CA LEU B 210 -10.63 5.07 -0.48
C LEU B 210 -9.61 6.08 -1.00
N ASP B 211 -9.74 6.42 -2.29
CA ASP B 211 -8.86 7.41 -2.92
C ASP B 211 -9.17 8.79 -2.35
N SER B 212 -10.45 9.11 -2.25
CA SER B 212 -10.90 10.39 -1.71
C SER B 212 -10.74 10.41 -0.18
N LEU B 213 -10.80 9.23 0.42
CA LEU B 213 -10.67 9.14 1.86
C LEU B 213 -9.32 9.71 2.32
N VAL B 214 -8.28 9.63 1.49
CA VAL B 214 -6.98 10.16 1.90
C VAL B 214 -6.93 11.68 2.04
N GLY B 215 -7.84 12.37 1.37
CA GLY B 215 -7.88 13.81 1.49
C GLY B 215 -8.26 14.16 2.92
N GLN B 216 -9.16 13.39 3.52
CA GLN B 216 -9.58 13.67 4.89
C GLN B 216 -8.48 13.45 5.93
N ALA B 217 -7.42 12.73 5.58
CA ALA B 217 -6.35 12.52 6.54
C ALA B 217 -5.22 13.53 6.33
N LEU B 218 -5.25 14.23 5.20
CA LEU B 218 -4.21 15.22 4.88
C LEU B 218 -4.57 16.70 4.97
N PHE B 219 -5.77 17.07 4.55
CA PHE B 219 -6.15 18.47 4.48
C PHE B 219 -6.39 19.23 5.79
N GLY B 220 -5.71 20.36 5.91
CA GLY B 220 -5.84 21.21 7.08
C GLY B 220 -6.13 22.65 6.68
N ASP B 221 -6.42 23.52 7.65
CA ASP B 221 -6.73 24.93 7.37
C ASP B 221 -5.61 25.89 7.75
N GLY B 222 -5.53 27.00 7.02
CA GLY B 222 -4.50 27.99 7.31
C GLY B 222 -4.53 29.11 6.31
N ALA B 223 -3.90 30.22 6.68
CA ALA B 223 -3.81 31.36 5.77
C ALA B 223 -2.39 31.89 5.93
N ALA B 224 -1.82 32.29 4.81
CA ALA B 224 -0.47 32.85 4.79
C ALA B 224 -0.54 34.12 3.98
N ALA B 225 0.16 35.17 4.46
CA ALA B 225 0.17 36.46 3.78
C ALA B 225 1.60 36.95 3.62
N LEU B 226 1.83 37.65 2.51
CA LEU B 226 3.12 38.23 2.20
C LEU B 226 2.95 39.66 1.71
N ILE B 227 4.04 40.41 1.72
CA ILE B 227 4.06 41.74 1.17
C ILE B 227 5.18 41.56 0.17
N VAL B 228 4.90 41.84 -1.10
CA VAL B 228 5.91 41.71 -2.14
C VAL B 228 6.08 43.06 -2.81
N GLY B 229 7.33 43.41 -3.11
CA GLY B 229 7.60 44.67 -3.78
C GLY B 229 8.99 44.72 -4.37
N SER B 230 9.19 45.57 -5.37
CA SER B 230 10.51 45.74 -5.97
C SER B 230 11.07 47.04 -5.44
N ASP B 231 12.39 47.16 -5.46
CA ASP B 231 13.07 48.36 -5.00
C ASP B 231 12.79 48.66 -3.53
N PRO B 232 13.21 47.73 -2.65
CA PRO B 232 13.03 47.82 -1.20
C PRO B 232 13.60 49.12 -0.68
N VAL B 233 12.92 49.72 0.28
CA VAL B 233 13.40 50.95 0.88
C VAL B 233 14.23 50.58 2.11
N PRO B 234 15.57 50.73 2.03
CA PRO B 234 16.41 50.40 3.19
C PRO B 234 16.18 51.39 4.33
N GLU B 235 16.26 50.88 5.55
CA GLU B 235 16.04 51.68 6.75
C GLU B 235 14.53 51.72 6.99
N ILE B 236 13.79 51.05 6.11
CA ILE B 236 12.35 51.03 6.21
C ILE B 236 11.77 49.65 5.88
N GLU B 237 12.42 48.93 4.98
CA GLU B 237 11.95 47.60 4.60
C GLU B 237 13.05 46.55 4.73
N LYS B 238 12.64 45.31 4.96
CA LYS B 238 13.57 44.21 5.19
C LYS B 238 13.36 43.04 4.24
N PRO B 239 14.18 42.95 3.19
CA PRO B 239 14.05 41.85 2.23
C PRO B 239 14.20 40.49 2.92
N ILE B 240 13.44 39.50 2.47
CA ILE B 240 13.51 38.15 3.03
C ILE B 240 14.00 37.17 1.94
N PHE B 241 13.38 37.27 0.77
CA PHE B 241 13.71 36.42 -0.38
C PHE B 241 13.52 37.25 -1.65
N GLU B 242 14.27 36.92 -2.70
CA GLU B 242 14.11 37.60 -3.99
C GLU B 242 13.62 36.55 -4.96
N MET B 243 12.66 36.92 -5.82
CA MET B 243 12.17 35.98 -6.83
C MET B 243 13.01 36.25 -8.06
N VAL B 244 13.42 35.18 -8.71
CA VAL B 244 14.27 35.31 -9.88
C VAL B 244 13.60 34.93 -11.18
N TRP B 245 12.94 33.77 -11.19
CA TRP B 245 12.33 33.27 -12.41
C TRP B 245 11.12 32.39 -12.09
N THR B 246 10.13 32.33 -12.97
CA THR B 246 8.96 31.49 -12.71
C THR B 246 8.53 30.67 -13.92
N ALA B 247 7.91 29.52 -13.65
CA ALA B 247 7.42 28.62 -14.70
C ALA B 247 6.17 27.90 -14.24
N GLN B 248 5.37 27.43 -15.19
CA GLN B 248 4.19 26.64 -14.86
C GLN B 248 4.08 25.62 -15.97
N THR B 249 3.82 24.36 -15.63
CA THR B 249 3.72 23.35 -16.64
C THR B 249 2.81 22.19 -16.26
N ILE B 250 2.30 21.51 -17.28
CA ILE B 250 1.41 20.39 -17.11
C ILE B 250 2.16 19.09 -17.41
N ALA B 251 2.17 18.15 -16.49
CA ALA B 251 2.88 16.88 -16.71
C ALA B 251 2.16 16.01 -17.70
N PRO B 252 2.91 15.40 -18.63
CA PRO B 252 2.25 14.55 -19.60
C PRO B 252 1.62 13.36 -18.89
N ASP B 253 0.74 12.65 -19.59
CA ASP B 253 0.06 11.47 -19.04
C ASP B 253 -0.44 11.66 -17.60
N SER B 254 -0.99 12.84 -17.28
CA SER B 254 -1.48 13.07 -15.91
C SER B 254 -2.91 13.59 -15.82
N GLU B 255 -3.58 13.72 -16.96
CA GLU B 255 -4.97 14.19 -16.94
C GLU B 255 -5.73 13.35 -15.90
N GLY B 256 -6.46 14.02 -15.00
CA GLY B 256 -7.22 13.28 -14.02
C GLY B 256 -6.48 12.77 -12.79
N ALA B 257 -5.19 13.08 -12.66
CA ALA B 257 -4.43 12.63 -11.49
C ALA B 257 -4.95 13.31 -10.23
N ILE B 258 -5.27 14.59 -10.37
CA ILE B 258 -5.77 15.40 -9.28
C ILE B 258 -6.83 16.33 -9.86
N ASP B 259 -8.08 16.11 -9.55
CA ASP B 259 -9.11 17.01 -10.04
C ASP B 259 -10.22 17.19 -9.02
N GLY B 260 -11.20 18.00 -9.37
CA GLY B 260 -12.29 18.24 -8.44
C GLY B 260 -13.50 18.74 -9.17
N HIS B 261 -14.66 18.65 -8.52
CA HIS B 261 -15.91 19.09 -9.12
C HIS B 261 -16.72 19.83 -8.06
N LEU B 262 -17.05 21.08 -8.33
CA LEU B 262 -17.83 21.92 -7.41
C LEU B 262 -19.28 21.58 -7.74
N ARG B 263 -19.91 20.84 -6.83
CA ARG B 263 -21.28 20.39 -7.02
C ARG B 263 -22.20 20.65 -5.82
N GLU B 264 -23.45 20.22 -5.95
CA GLU B 264 -24.48 20.41 -4.91
C GLU B 264 -24.10 19.79 -3.57
N ALA B 265 -23.27 18.76 -3.60
CA ALA B 265 -22.82 18.12 -2.37
C ALA B 265 -21.50 18.71 -1.91
N GLY B 266 -21.11 19.85 -2.46
CA GLY B 266 -19.86 20.45 -2.06
C GLY B 266 -18.78 20.07 -3.06
N LEU B 267 -17.52 20.31 -2.69
CA LEU B 267 -16.39 20.01 -3.55
C LEU B 267 -15.91 18.59 -3.43
N THR B 268 -16.12 17.80 -4.50
CA THR B 268 -15.66 16.42 -4.50
C THR B 268 -14.28 16.47 -5.11
N PHE B 269 -13.44 15.57 -4.66
CA PHE B 269 -12.06 15.52 -5.09
C PHE B 269 -11.63 14.12 -5.46
N HIS B 270 -10.71 14.06 -6.40
CA HIS B 270 -10.15 12.81 -6.87
C HIS B 270 -8.65 12.91 -6.80
N LEU B 271 -8.07 11.89 -6.21
CA LEU B 271 -6.64 11.79 -6.08
C LEU B 271 -6.28 10.46 -6.69
N LYS B 272 -5.13 10.41 -7.35
CA LYS B 272 -4.68 9.17 -7.96
C LYS B 272 -3.44 8.77 -7.15
N GLY B 273 -3.24 7.48 -6.93
CA GLY B 273 -2.07 7.07 -6.18
C GLY B 273 -0.79 7.31 -6.96
N ALA B 274 -0.91 7.45 -8.28
CA ALA B 274 0.26 7.67 -9.12
C ALA B 274 0.81 9.10 -9.08
N VAL B 275 0.21 9.94 -8.23
CA VAL B 275 0.66 11.32 -8.15
C VAL B 275 2.13 11.47 -7.77
N PRO B 276 2.58 10.76 -6.71
CA PRO B 276 3.99 10.90 -6.34
C PRO B 276 4.93 10.52 -7.53
N ASP B 277 4.58 9.49 -8.28
CA ASP B 277 5.41 9.08 -9.41
C ASP B 277 5.46 10.16 -10.49
N ILE B 278 4.30 10.75 -10.78
CA ILE B 278 4.21 11.81 -11.79
C ILE B 278 5.13 12.96 -11.40
N VAL B 279 5.05 13.41 -10.14
CA VAL B 279 5.91 14.48 -9.68
C VAL B 279 7.39 14.11 -9.80
N SER B 280 7.76 12.94 -9.26
CA SER B 280 9.15 12.50 -9.32
C SER B 280 9.69 12.36 -10.75
N LYS B 281 8.93 11.70 -11.61
CA LYS B 281 9.35 11.53 -13.00
C LYS B 281 9.55 12.85 -13.74
N ASN B 282 8.76 13.84 -13.38
CA ASN B 282 8.84 15.13 -14.04
C ASN B 282 9.63 16.24 -13.35
N ILE B 283 10.16 15.99 -12.17
CA ILE B 283 10.87 17.05 -11.45
C ILE B 283 12.23 17.46 -12.02
N THR B 284 12.99 16.49 -12.51
CA THR B 284 14.30 16.82 -13.08
C THR B 284 14.15 17.86 -14.19
N LYS B 285 13.20 17.60 -15.09
CA LYS B 285 12.94 18.50 -16.20
C LYS B 285 12.71 19.92 -15.71
N ALA B 286 11.84 20.04 -14.70
CA ALA B 286 11.53 21.36 -14.16
C ALA B 286 12.81 22.05 -13.66
N LEU B 287 13.62 21.33 -12.89
CA LEU B 287 14.87 21.88 -12.36
C LEU B 287 15.84 22.31 -13.43
N VAL B 288 16.11 21.45 -14.41
CA VAL B 288 17.03 21.79 -15.49
C VAL B 288 16.62 23.13 -16.11
N GLU B 289 15.35 23.26 -16.47
CA GLU B 289 14.91 24.51 -17.07
C GLU B 289 15.12 25.70 -16.15
N ALA B 290 14.91 25.48 -14.86
CA ALA B 290 15.06 26.54 -13.87
C ALA B 290 16.52 26.90 -13.54
N PHE B 291 17.35 25.89 -13.29
CA PHE B 291 18.72 26.14 -12.89
C PHE B 291 19.88 26.06 -13.88
N GLU B 292 19.68 25.39 -15.01
CA GLU B 292 20.75 25.28 -15.99
C GLU B 292 21.19 26.67 -16.44
N PRO B 293 20.24 27.60 -16.62
CA PRO B 293 20.63 28.95 -17.06
C PRO B 293 21.55 29.63 -16.05
N LEU B 294 21.46 29.22 -14.78
CA LEU B 294 22.31 29.81 -13.74
C LEU B 294 23.57 28.95 -13.65
N GLY B 295 23.60 27.88 -14.43
CA GLY B 295 24.73 26.99 -14.42
C GLY B 295 24.80 26.17 -13.15
N ILE B 296 23.64 25.75 -12.66
CA ILE B 296 23.55 24.93 -11.46
C ILE B 296 23.08 23.54 -11.82
N SER B 297 23.83 22.57 -11.33
CA SER B 297 23.57 21.17 -11.59
C SER B 297 23.34 20.39 -10.29
N ASP B 298 24.02 20.79 -9.22
CA ASP B 298 23.88 20.13 -7.94
C ASP B 298 22.66 20.67 -7.19
N TYR B 299 21.65 19.83 -7.04
CA TYR B 299 20.40 20.22 -6.39
C TYR B 299 20.42 20.15 -4.88
N ASN B 300 21.60 19.89 -4.32
CA ASN B 300 21.77 19.84 -2.87
C ASN B 300 22.45 21.13 -2.43
N SER B 301 22.84 21.96 -3.40
CA SER B 301 23.50 23.25 -3.13
C SER B 301 22.51 24.42 -3.06
N ILE B 302 21.22 24.12 -3.16
CA ILE B 302 20.19 25.14 -3.09
C ILE B 302 19.20 24.76 -2.00
N PHE B 303 18.44 25.74 -1.49
CA PHE B 303 17.43 25.43 -0.48
C PHE B 303 16.16 24.95 -1.15
N TRP B 304 15.40 24.14 -0.45
CA TRP B 304 14.19 23.57 -0.99
C TRP B 304 12.86 23.90 -0.31
N ILE B 305 11.82 24.11 -1.13
CA ILE B 305 10.47 24.33 -0.67
C ILE B 305 9.58 23.62 -1.68
N ALA B 306 8.94 22.55 -1.24
CA ALA B 306 8.05 21.79 -2.10
C ALA B 306 6.70 21.63 -1.47
N HIS B 307 5.64 21.80 -2.25
CA HIS B 307 4.29 21.63 -1.72
C HIS B 307 4.16 20.21 -1.18
N PRO B 308 3.91 20.06 0.13
CA PRO B 308 3.78 18.73 0.74
C PRO B 308 2.43 18.08 0.46
N GLY B 309 2.12 17.86 -0.81
CA GLY B 309 0.85 17.24 -1.18
C GLY B 309 0.59 16.07 -0.27
N GLY B 310 1.62 15.25 -0.12
CA GLY B 310 1.57 14.08 0.75
C GLY B 310 3.01 13.68 1.04
N PRO B 311 3.26 12.78 2.02
CA PRO B 311 4.65 12.42 2.28
C PRO B 311 5.38 11.68 1.15
N ALA B 312 4.66 10.90 0.34
CA ALA B 312 5.28 10.13 -0.75
C ALA B 312 5.93 11.00 -1.81
N ILE B 313 5.32 12.15 -2.10
CA ILE B 313 5.85 13.08 -3.09
C ILE B 313 7.24 13.56 -2.65
N LEU B 314 7.38 13.82 -1.36
CA LEU B 314 8.65 14.30 -0.82
C LEU B 314 9.69 13.22 -0.80
N ASP B 315 9.27 12.02 -0.47
CA ASP B 315 10.18 10.88 -0.39
C ASP B 315 10.74 10.54 -1.77
N GLN B 316 9.86 10.47 -2.76
CA GLN B 316 10.28 10.13 -4.11
C GLN B 316 11.08 11.21 -4.83
N VAL B 317 10.85 12.47 -4.49
CA VAL B 317 11.62 13.54 -5.10
C VAL B 317 13.04 13.44 -4.52
N GLU B 318 13.08 13.15 -3.22
CA GLU B 318 14.32 13.02 -2.45
C GLU B 318 15.21 11.92 -3.04
N GLN B 319 14.62 10.75 -3.24
CA GLN B 319 15.32 9.62 -3.82
C GLN B 319 15.78 9.95 -5.24
N LYS B 320 14.85 10.42 -6.07
CA LYS B 320 15.13 10.77 -7.47
C LYS B 320 16.40 11.58 -7.68
N LEU B 321 16.53 12.65 -6.90
CA LEU B 321 17.67 13.55 -7.00
C LEU B 321 18.78 13.23 -6.00
N ALA B 322 18.58 12.19 -5.21
CA ALA B 322 19.57 11.81 -4.19
C ALA B 322 19.88 13.05 -3.32
N LEU B 323 18.82 13.68 -2.82
CA LEU B 323 18.96 14.87 -1.97
C LEU B 323 19.40 14.48 -0.55
N LYS B 324 20.19 15.34 0.09
CA LYS B 324 20.61 15.07 1.46
C LYS B 324 19.30 15.10 2.25
N PRO B 325 19.13 14.16 3.20
CA PRO B 325 17.93 14.03 4.05
C PRO B 325 17.45 15.36 4.66
N GLU B 326 18.37 16.26 4.93
CA GLU B 326 18.01 17.54 5.51
C GLU B 326 17.44 18.58 4.54
N LYS B 327 17.49 18.32 3.24
CA LYS B 327 16.97 19.32 2.30
C LYS B 327 15.49 19.62 2.54
N MET B 328 14.73 18.55 2.75
CA MET B 328 13.28 18.63 2.96
C MET B 328 12.81 18.88 4.39
N ASN B 329 13.73 19.15 5.31
CA ASN B 329 13.34 19.34 6.71
C ASN B 329 12.26 20.43 6.90
N ALA B 330 12.49 21.62 6.37
CA ALA B 330 11.52 22.71 6.51
C ALA B 330 10.15 22.34 5.94
N THR B 331 10.13 21.66 4.79
CA THR B 331 8.86 21.24 4.18
C THR B 331 8.15 20.21 5.04
N ARG B 332 8.90 19.24 5.57
CA ARG B 332 8.29 18.20 6.43
C ARG B 332 7.85 18.77 7.80
N GLU B 333 8.55 19.81 8.25
CA GLU B 333 8.19 20.46 9.51
C GLU B 333 6.76 21.02 9.36
N VAL B 334 6.49 21.71 8.25
CA VAL B 334 5.18 22.29 8.04
C VAL B 334 4.15 21.17 7.85
N LEU B 335 4.49 20.15 7.08
CA LEU B 335 3.55 19.07 6.89
C LEU B 335 3.20 18.47 8.26
N SER B 336 4.21 18.26 9.10
CA SER B 336 4.02 17.69 10.44
C SER B 336 3.11 18.51 11.38
N GLU B 337 3.31 19.82 11.44
CA GLU B 337 2.52 20.68 12.34
C GLU B 337 1.21 21.24 11.80
N TYR B 338 1.01 21.19 10.47
CA TYR B 338 -0.18 21.78 9.87
C TYR B 338 -0.94 20.95 8.82
N GLY B 339 -0.31 19.89 8.32
CA GLY B 339 -0.94 19.09 7.31
C GLY B 339 -0.91 19.86 6.00
N ASN B 340 -1.66 19.37 5.01
CA ASN B 340 -1.75 19.97 3.68
C ASN B 340 -2.81 21.08 3.69
N MET B 341 -2.34 22.33 3.68
CA MET B 341 -3.20 23.49 3.68
C MET B 341 -3.27 24.06 2.26
N SER B 342 -3.18 23.16 1.27
CA SER B 342 -3.22 23.59 -0.12
C SER B 342 -2.24 24.74 -0.42
N SER B 343 -2.72 25.79 -1.09
CA SER B 343 -1.91 26.94 -1.50
C SER B 343 -1.05 27.58 -0.43
N ALA B 344 -1.53 27.55 0.81
CA ALA B 344 -0.80 28.17 1.88
C ALA B 344 0.47 27.44 2.30
N CYS B 345 0.52 26.12 2.07
CA CYS B 345 1.68 25.34 2.47
C CYS B 345 3.02 25.95 2.13
N VAL B 346 3.29 26.17 0.85
CA VAL B 346 4.60 26.71 0.47
C VAL B 346 4.93 28.05 1.12
N LEU B 347 3.91 28.83 1.48
CA LEU B 347 4.16 30.11 2.13
C LEU B 347 4.54 29.86 3.61
N PHE B 348 3.90 28.88 4.28
CA PHE B 348 4.28 28.56 5.66
C PHE B 348 5.74 28.06 5.64
N ILE B 349 6.10 27.30 4.61
CA ILE B 349 7.46 26.77 4.51
C ILE B 349 8.49 27.87 4.37
N LEU B 350 8.20 28.90 3.58
CA LEU B 350 9.14 30.01 3.43
C LEU B 350 9.36 30.65 4.79
N ASP B 351 8.27 30.82 5.52
CA ASP B 351 8.31 31.44 6.83
C ASP B 351 9.13 30.59 7.81
N GLU B 352 8.83 29.29 7.87
CA GLU B 352 9.54 28.37 8.72
C GLU B 352 11.03 28.41 8.41
N MET B 353 11.34 28.45 7.12
CA MET B 353 12.72 28.44 6.70
C MET B 353 13.48 29.72 7.09
N ARG B 354 12.89 30.88 6.83
CA ARG B 354 13.57 32.12 7.18
C ARG B 354 13.67 32.25 8.69
N LYS B 355 12.67 31.74 9.40
CA LYS B 355 12.65 31.79 10.85
C LYS B 355 13.73 30.90 11.45
N LYS B 356 13.80 29.63 11.04
CA LYS B 356 14.81 28.68 11.52
C LYS B 356 16.22 29.18 11.21
N SER B 357 16.38 29.78 10.04
CA SER B 357 17.67 30.27 9.61
C SER B 357 18.17 31.39 10.51
N THR B 358 17.24 32.25 10.93
CA THR B 358 17.54 33.37 11.80
C THR B 358 17.71 32.89 13.24
N GLN B 359 16.69 32.17 13.73
CA GLN B 359 16.71 31.64 15.09
C GLN B 359 18.09 31.06 15.35
N ASN B 360 18.57 30.28 14.39
CA ASN B 360 19.86 29.62 14.52
C ASN B 360 21.08 30.31 13.92
N GLY B 361 20.99 31.62 13.72
CA GLY B 361 22.09 32.40 13.18
C GLY B 361 22.85 31.94 11.95
N LEU B 362 22.15 31.52 10.91
CA LEU B 362 22.84 31.09 9.69
C LEU B 362 23.18 32.25 8.76
N LYS B 363 23.93 31.91 7.73
CA LYS B 363 24.41 32.84 6.70
C LYS B 363 23.30 33.63 5.99
N THR B 364 22.34 32.91 5.41
CA THR B 364 21.23 33.54 4.68
C THR B 364 19.87 33.01 5.19
N THR B 365 18.79 33.68 4.80
CA THR B 365 17.45 33.24 5.21
C THR B 365 17.16 31.91 4.53
N GLY B 366 18.01 31.55 3.58
CA GLY B 366 17.82 30.30 2.85
C GLY B 366 18.75 29.21 3.35
N GLU B 367 18.64 28.91 4.64
CA GLU B 367 19.47 27.88 5.30
C GLU B 367 20.96 28.08 5.01
N GLY B 368 21.37 29.32 4.81
CA GLY B 368 22.77 29.61 4.55
C GLY B 368 23.15 29.49 3.08
N LEU B 369 22.33 28.80 2.30
CA LEU B 369 22.61 28.61 0.88
C LEU B 369 22.21 29.87 0.10
N GLU B 370 22.66 29.97 -1.15
CA GLU B 370 22.35 31.16 -1.96
C GLU B 370 21.08 31.06 -2.80
N TRP B 371 21.04 30.10 -3.71
CA TRP B 371 19.89 29.90 -4.58
C TRP B 371 18.95 28.89 -3.96
N GLY B 372 17.69 28.95 -4.34
CA GLY B 372 16.69 28.01 -3.83
C GLY B 372 15.53 27.89 -4.79
N VAL B 373 14.69 26.87 -4.60
CA VAL B 373 13.53 26.66 -5.48
C VAL B 373 12.26 26.38 -4.68
N LEU B 374 11.11 26.78 -5.22
CA LEU B 374 9.84 26.54 -4.57
C LEU B 374 8.91 25.85 -5.56
N PHE B 375 8.34 24.72 -5.14
CA PHE B 375 7.46 23.96 -6.02
C PHE B 375 6.04 23.87 -5.52
N GLY B 376 5.10 24.04 -6.46
CA GLY B 376 3.70 23.90 -6.16
C GLY B 376 3.21 22.79 -7.07
N PHE B 377 2.40 21.86 -6.55
CA PHE B 377 1.85 20.76 -7.34
C PHE B 377 0.32 20.72 -7.15
N GLY B 378 -0.42 20.51 -8.24
CA GLY B 378 -1.86 20.43 -8.15
C GLY B 378 -2.58 19.88 -9.37
N PRO B 379 -3.90 20.05 -9.44
CA PRO B 379 -4.75 19.59 -10.54
C PRO B 379 -4.05 19.86 -11.85
N GLY B 380 -3.92 18.85 -12.73
CA GLY B 380 -3.31 19.11 -14.02
C GLY B 380 -2.85 17.85 -14.71
N LEU B 381 -1.81 17.23 -14.16
CA LEU B 381 -1.15 17.76 -12.97
C LEU B 381 -0.24 18.93 -13.35
N THR B 382 -0.40 20.01 -12.61
CA THR B 382 0.34 21.22 -12.83
C THR B 382 1.49 21.35 -11.86
N ILE B 383 2.61 21.88 -12.36
CA ILE B 383 3.78 22.14 -11.55
C ILE B 383 4.15 23.61 -11.70
N GLU B 384 4.26 24.30 -10.58
CA GLU B 384 4.62 25.71 -10.58
C GLU B 384 6.06 25.78 -10.07
N THR B 385 6.91 26.53 -10.75
CA THR B 385 8.29 26.66 -10.30
C THR B 385 8.65 28.11 -9.99
N VAL B 386 9.32 28.32 -8.87
CA VAL B 386 9.75 29.66 -8.53
C VAL B 386 11.19 29.60 -8.07
N VAL B 387 12.06 30.30 -8.79
CA VAL B 387 13.46 30.34 -8.41
C VAL B 387 13.56 31.50 -7.45
N LEU B 388 14.22 31.25 -6.32
CA LEU B 388 14.40 32.25 -5.26
C LEU B 388 15.87 32.45 -4.92
N ARG B 389 16.16 33.59 -4.33
CA ARG B 389 17.50 33.92 -3.87
C ARG B 389 17.34 34.37 -2.43
N SER B 390 18.17 33.80 -1.56
CA SER B 390 18.18 34.09 -0.12
C SER B 390 18.68 35.49 0.19
N VAL B 391 18.61 35.85 1.47
CA VAL B 391 19.06 37.16 1.89
C VAL B 391 20.03 36.99 3.07
N ALA B 392 21.10 37.79 3.09
CA ALA B 392 22.09 37.72 4.15
C ALA B 392 21.53 38.12 5.50
N ILE B 393 21.76 37.26 6.50
CA ILE B 393 21.31 37.50 7.87
C ILE B 393 22.41 38.15 8.71
N VAL C 6 15.03 -3.59 -4.97
CA VAL C 6 15.58 -4.82 -4.29
C VAL C 6 15.49 -6.06 -5.18
N SER C 7 16.49 -6.93 -5.11
CA SER C 7 16.47 -8.16 -5.91
C SER C 7 16.63 -9.42 -5.04
N VAL C 8 15.98 -10.51 -5.42
CA VAL C 8 16.07 -11.75 -4.65
C VAL C 8 17.55 -12.05 -4.42
N SER C 9 18.33 -12.01 -5.50
CA SER C 9 19.77 -12.28 -5.43
C SER C 9 20.50 -11.48 -4.35
N GLU C 10 20.07 -10.25 -4.14
CA GLU C 10 20.68 -9.42 -3.11
C GLU C 10 20.14 -9.78 -1.73
N ILE C 11 18.87 -10.16 -1.68
CA ILE C 11 18.26 -10.54 -0.41
C ILE C 11 18.92 -11.81 0.13
N ARG C 12 19.29 -12.71 -0.79
CA ARG C 12 19.94 -13.97 -0.44
C ARG C 12 21.29 -13.77 0.25
N LYS C 13 22.16 -13.02 -0.41
CA LYS C 13 23.51 -12.76 0.10
C LYS C 13 23.49 -12.17 1.51
N ALA C 14 22.51 -11.33 1.78
CA ALA C 14 22.40 -10.69 3.08
C ALA C 14 21.58 -11.54 4.06
N GLN C 15 20.94 -12.58 3.54
CA GLN C 15 20.10 -13.41 4.37
C GLN C 15 20.82 -14.60 4.97
N ARG C 16 21.89 -15.06 4.31
CA ARG C 16 22.58 -16.22 4.81
C ARG C 16 23.60 -15.98 5.93
N ALA C 17 23.99 -17.09 6.54
CA ALA C 17 24.96 -17.13 7.61
C ALA C 17 26.31 -17.37 6.95
N GLU C 18 27.37 -17.21 7.72
CA GLU C 18 28.71 -17.37 7.18
C GLU C 18 29.35 -18.74 7.40
N GLY C 19 29.61 -19.08 8.66
CA GLY C 19 30.26 -20.34 8.95
C GLY C 19 29.44 -21.57 9.31
N PRO C 20 30.12 -22.68 9.61
CA PRO C 20 29.51 -23.95 9.97
C PRO C 20 28.62 -23.90 11.20
N ALA C 21 27.53 -24.68 11.14
CA ALA C 21 26.56 -24.81 12.22
C ALA C 21 27.34 -25.25 13.44
N THR C 22 27.13 -24.59 14.56
CA THR C 22 27.86 -24.92 15.78
C THR C 22 26.97 -25.26 16.96
N ILE C 23 27.31 -26.34 17.66
CA ILE C 23 26.56 -26.71 18.86
C ILE C 23 27.16 -25.84 19.97
N LEU C 24 26.31 -24.99 20.54
CA LEU C 24 26.68 -24.03 21.55
C LEU C 24 26.31 -24.42 22.99
N ALA C 25 25.44 -25.43 23.13
CA ALA C 25 25.02 -25.88 24.45
C ALA C 25 24.28 -27.21 24.39
N ILE C 26 24.36 -27.95 25.49
CA ILE C 26 23.71 -29.26 25.61
C ILE C 26 23.12 -29.41 27.01
N GLY C 27 21.88 -29.89 27.10
CA GLY C 27 21.26 -30.10 28.39
C GLY C 27 20.41 -31.36 28.29
N THR C 28 20.37 -32.19 29.33
CA THR C 28 19.57 -33.41 29.30
C THR C 28 18.65 -33.57 30.51
N ALA C 29 17.75 -34.54 30.42
CA ALA C 29 16.79 -34.75 31.50
C ALA C 29 16.16 -36.13 31.41
N ASN C 30 15.75 -36.69 32.54
CA ASN C 30 15.09 -38.01 32.57
C ASN C 30 14.02 -38.02 33.66
N PRO C 31 12.98 -38.87 33.53
CA PRO C 31 11.98 -38.91 34.59
C PRO C 31 12.69 -39.31 35.89
N ALA C 32 12.14 -38.95 37.04
CA ALA C 32 12.79 -39.27 38.30
C ALA C 32 12.86 -40.76 38.62
N ASN C 33 11.82 -41.51 38.29
CA ASN C 33 11.77 -42.95 38.59
C ASN C 33 12.91 -43.76 37.95
N CYS C 34 13.86 -44.20 38.77
CA CYS C 34 15.02 -44.95 38.28
C CYS C 34 14.82 -46.44 38.50
N VAL C 35 14.79 -47.20 37.41
CA VAL C 35 14.58 -48.65 37.48
C VAL C 35 15.87 -49.44 37.23
N GLU C 36 16.33 -50.21 38.21
CA GLU C 36 17.56 -51.00 38.05
C GLU C 36 17.36 -52.13 37.06
N GLN C 37 18.36 -52.36 36.19
CA GLN C 37 18.23 -53.43 35.21
C GLN C 37 18.21 -54.82 35.82
N SER C 38 19.09 -55.08 36.77
CA SER C 38 19.17 -56.41 37.39
C SER C 38 17.86 -56.93 37.98
N THR C 39 17.06 -56.05 38.56
CA THR C 39 15.81 -56.51 39.14
C THR C 39 14.59 -56.19 38.27
N TYR C 40 14.80 -55.72 37.04
CA TYR C 40 13.65 -55.37 36.19
C TYR C 40 12.75 -56.55 35.80
N PRO C 41 13.33 -57.72 35.45
CA PRO C 41 12.49 -58.87 35.06
C PRO C 41 11.41 -59.19 36.11
N ASP C 42 11.82 -59.23 37.37
CA ASP C 42 10.88 -59.51 38.47
C ASP C 42 9.78 -58.46 38.43
N PHE C 43 10.20 -57.21 38.31
CA PHE C 43 9.25 -56.12 38.28
C PHE C 43 8.31 -56.19 37.08
N TYR C 44 8.91 -56.34 35.90
CA TYR C 44 8.18 -56.38 34.64
C TYR C 44 7.16 -57.52 34.56
N PHE C 45 7.58 -58.72 34.95
CA PHE C 45 6.63 -59.84 34.87
C PHE C 45 5.50 -59.79 35.91
N LYS C 46 5.73 -59.06 36.99
CA LYS C 46 4.75 -58.91 38.06
C LYS C 46 3.66 -57.92 37.64
N ILE C 47 4.06 -56.71 37.25
CA ILE C 47 3.10 -55.68 36.84
C ILE C 47 2.29 -56.08 35.59
N THR C 48 2.83 -57.00 34.80
CA THR C 48 2.14 -57.46 33.60
C THR C 48 1.47 -58.81 33.87
N ASN C 49 1.23 -59.09 35.14
CA ASN C 49 0.60 -60.33 35.57
C ASN C 49 1.07 -61.55 34.79
N SER C 50 2.38 -61.72 34.66
CA SER C 50 2.92 -62.86 33.93
C SER C 50 3.89 -63.66 34.79
N GLU C 51 3.67 -63.62 36.10
CA GLU C 51 4.55 -64.33 37.02
C GLU C 51 4.57 -65.83 36.74
N HIS C 52 3.56 -66.31 36.03
CA HIS C 52 3.50 -67.73 35.72
C HIS C 52 4.31 -68.15 34.49
N LYS C 53 4.67 -67.19 33.65
CA LYS C 53 5.46 -67.49 32.46
C LYS C 53 6.91 -67.61 32.91
N THR C 54 7.15 -68.53 33.84
CA THR C 54 8.46 -68.77 34.42
C THR C 54 9.59 -68.95 33.41
N GLU C 55 9.34 -69.64 32.30
CA GLU C 55 10.39 -69.85 31.31
C GLU C 55 10.67 -68.60 30.47
N LEU C 56 9.61 -67.85 30.15
CA LEU C 56 9.77 -66.62 29.38
C LEU C 56 10.50 -65.58 30.23
N LYS C 57 10.24 -65.60 31.54
CA LYS C 57 10.89 -64.68 32.46
C LYS C 57 12.39 -64.92 32.41
N GLU C 58 12.78 -66.19 32.34
CA GLU C 58 14.18 -66.59 32.28
C GLU C 58 14.84 -65.99 31.07
N LYS C 59 14.19 -66.14 29.93
CA LYS C 59 14.71 -65.61 28.67
C LYS C 59 14.89 -64.07 28.77
N PHE C 60 13.95 -63.40 29.43
CA PHE C 60 14.00 -61.94 29.59
C PHE C 60 15.12 -61.54 30.55
N GLN C 61 15.34 -62.34 31.59
CA GLN C 61 16.39 -62.05 32.57
C GLN C 61 17.71 -62.15 31.82
N ARG C 62 17.74 -63.07 30.86
CA ARG C 62 18.89 -63.33 30.03
C ARG C 62 19.18 -62.07 29.19
N MET C 63 18.16 -61.59 28.49
CA MET C 63 18.28 -60.39 27.67
C MET C 63 18.74 -59.20 28.51
N CYS C 64 18.05 -58.98 29.62
CA CYS C 64 18.40 -57.89 30.52
C CYS C 64 19.84 -58.01 31.00
N ASP C 65 20.35 -59.24 31.17
CA ASP C 65 21.73 -59.39 31.63
C ASP C 65 22.79 -59.15 30.56
N LYS C 66 22.43 -59.36 29.30
CA LYS C 66 23.36 -59.15 28.20
C LYS C 66 23.22 -57.74 27.61
N SER C 67 22.22 -57.02 28.12
CA SER C 67 21.90 -55.68 27.63
C SER C 67 22.99 -54.63 27.81
N MET C 68 23.83 -54.80 28.82
CA MET C 68 24.88 -53.88 29.16
C MET C 68 24.27 -52.54 29.61
N ILE C 69 23.07 -52.63 30.18
CA ILE C 69 22.36 -51.46 30.71
C ILE C 69 22.21 -51.72 32.21
N LYS C 70 22.66 -50.78 33.04
CA LYS C 70 22.55 -50.93 34.49
C LYS C 70 21.22 -50.35 35.03
N ARG C 71 20.77 -49.26 34.43
CA ARG C 71 19.50 -48.68 34.82
C ARG C 71 18.91 -47.76 33.76
N ARG C 72 17.62 -47.49 33.89
CA ARG C 72 16.89 -46.62 32.96
C ARG C 72 15.95 -45.79 33.77
N TYR C 73 15.50 -44.69 33.19
CA TYR C 73 14.56 -43.81 33.87
C TYR C 73 13.23 -43.93 33.15
N MET C 74 12.18 -44.18 33.89
CA MET C 74 10.89 -44.35 33.26
C MET C 74 9.78 -43.54 33.86
N TYR C 75 9.03 -42.88 32.98
CA TYR C 75 7.89 -42.10 33.37
C TYR C 75 6.87 -43.12 33.93
N LEU C 76 6.72 -44.26 33.27
CA LEU C 76 5.75 -45.26 33.73
C LEU C 76 6.18 -45.80 35.09
N THR C 77 5.28 -45.72 36.05
CA THR C 77 5.58 -46.19 37.38
C THR C 77 4.57 -47.29 37.66
N GLU C 78 4.80 -48.02 38.75
CA GLU C 78 3.89 -49.09 39.12
C GLU C 78 2.48 -48.55 39.31
N GLU C 79 2.33 -47.40 39.97
CA GLU C 79 0.99 -46.82 40.18
C GLU C 79 0.27 -46.49 38.88
N ILE C 80 1.00 -45.87 37.95
CA ILE C 80 0.43 -45.51 36.66
C ILE C 80 0.03 -46.77 35.91
N LEU C 81 0.87 -47.78 35.96
CA LEU C 81 0.56 -49.01 35.24
C LEU C 81 -0.62 -49.75 35.84
N LYS C 82 -0.78 -49.66 37.16
CA LYS C 82 -1.91 -50.35 37.80
C LYS C 82 -3.23 -49.67 37.46
N GLU C 83 -3.17 -48.38 37.15
CA GLU C 83 -4.38 -47.64 36.79
C GLU C 83 -4.69 -47.81 35.31
N ASN C 84 -3.80 -48.49 34.59
CA ASN C 84 -3.94 -48.70 33.16
C ASN C 84 -3.65 -50.13 32.76
N PRO C 85 -4.48 -51.08 33.22
CA PRO C 85 -4.24 -52.50 32.88
C PRO C 85 -4.18 -52.79 31.39
N ASN C 86 -4.83 -51.96 30.57
CA ASN C 86 -4.81 -52.18 29.12
C ASN C 86 -3.39 -52.03 28.54
N VAL C 87 -2.60 -51.15 29.16
CA VAL C 87 -1.23 -50.91 28.73
C VAL C 87 -0.33 -52.07 29.17
N CYS C 88 -0.81 -52.89 30.12
CA CYS C 88 -0.03 -54.01 30.66
C CYS C 88 -0.24 -55.32 29.91
N GLU C 89 -1.27 -55.37 29.08
CA GLU C 89 -1.56 -56.56 28.28
C GLU C 89 -0.55 -56.51 27.13
N TYR C 90 -0.41 -57.60 26.38
CA TYR C 90 0.51 -57.59 25.25
C TYR C 90 -0.10 -56.85 24.06
N MET C 91 -1.41 -57.03 23.85
CA MET C 91 -2.06 -56.39 22.71
C MET C 91 -3.52 -55.95 22.88
N ALA C 92 -3.79 -55.12 23.88
CA ALA C 92 -5.15 -54.66 24.10
C ALA C 92 -5.33 -53.21 23.69
N PRO C 93 -6.58 -52.79 23.42
CA PRO C 93 -6.86 -51.42 23.02
C PRO C 93 -6.33 -50.50 24.14
N SER C 94 -5.38 -49.61 23.81
CA SER C 94 -4.76 -48.75 24.82
C SER C 94 -4.18 -47.44 24.31
N LEU C 95 -4.28 -47.20 23.02
CA LEU C 95 -3.70 -45.98 22.44
C LEU C 95 -4.16 -44.72 23.17
N ASP C 96 -5.47 -44.56 23.31
CA ASP C 96 -6.00 -43.35 23.94
C ASP C 96 -5.37 -43.06 25.30
N ALA C 97 -5.19 -44.08 26.13
CA ALA C 97 -4.57 -43.87 27.43
C ALA C 97 -3.11 -43.44 27.24
N ARG C 98 -2.43 -44.10 26.31
CA ARG C 98 -1.04 -43.76 26.04
C ARG C 98 -0.86 -42.31 25.55
N GLN C 99 -1.74 -41.85 24.66
CA GLN C 99 -1.68 -40.50 24.09
C GLN C 99 -1.75 -39.37 25.16
N ALA C 100 -2.60 -39.59 26.16
CA ALA C 100 -2.75 -38.63 27.24
C ALA C 100 -1.45 -38.54 28.04
N MET C 101 -0.77 -39.67 28.20
CA MET C 101 0.49 -39.64 28.96
C MET C 101 1.56 -38.91 28.13
N LEU C 102 1.60 -39.17 26.83
CA LEU C 102 2.59 -38.55 25.96
C LEU C 102 2.33 -37.07 25.78
N ALA C 103 1.06 -36.70 25.74
CA ALA C 103 0.67 -35.32 25.58
C ALA C 103 1.26 -34.43 26.69
N MET C 104 1.46 -35.03 27.86
CA MET C 104 2.00 -34.30 29.00
C MET C 104 3.48 -34.47 29.22
N GLU C 105 3.94 -35.72 29.29
CA GLU C 105 5.35 -35.99 29.59
C GLU C 105 6.39 -35.63 28.53
N VAL C 106 6.08 -35.86 27.26
CA VAL C 106 7.02 -35.56 26.21
C VAL C 106 7.41 -34.08 26.27
N PRO C 107 6.44 -33.17 26.27
CA PRO C 107 6.80 -31.75 26.34
C PRO C 107 7.43 -31.35 27.69
N ARG C 108 6.93 -31.91 28.80
CA ARG C 108 7.47 -31.53 30.11
C ARG C 108 8.95 -31.89 30.21
N LEU C 109 9.27 -33.10 29.76
CA LEU C 109 10.64 -33.58 29.80
C LEU C 109 11.51 -32.79 28.81
N GLY C 110 10.97 -32.51 27.63
CA GLY C 110 11.73 -31.76 26.64
C GLY C 110 12.01 -30.37 27.14
N LYS C 111 11.02 -29.75 27.76
CA LYS C 111 11.23 -28.41 28.28
C LYS C 111 12.35 -28.46 29.31
N GLU C 112 12.27 -29.43 30.21
CA GLU C 112 13.27 -29.55 31.25
C GLU C 112 14.69 -29.57 30.67
N ALA C 113 14.90 -30.36 29.62
CA ALA C 113 16.19 -30.44 28.96
C ALA C 113 16.51 -29.09 28.27
N ALA C 114 15.52 -28.48 27.65
CA ALA C 114 15.74 -27.22 26.95
C ALA C 114 16.17 -26.14 27.92
N VAL C 115 15.48 -26.06 29.07
CA VAL C 115 15.80 -25.06 30.07
C VAL C 115 17.28 -25.15 30.46
N LYS C 116 17.79 -26.37 30.58
CA LYS C 116 19.20 -26.52 30.92
C LYS C 116 20.13 -26.12 29.80
N ALA C 117 19.75 -26.43 28.56
CA ALA C 117 20.61 -26.09 27.42
C ALA C 117 20.69 -24.58 27.33
N ILE C 118 19.54 -23.93 27.53
CA ILE C 118 19.47 -22.49 27.45
C ILE C 118 20.31 -21.86 28.54
N LYS C 119 20.23 -22.41 29.75
CA LYS C 119 21.03 -21.86 30.85
C LYS C 119 22.50 -21.89 30.46
N GLU C 120 22.98 -23.02 29.93
CA GLU C 120 24.37 -23.08 29.53
C GLU C 120 24.68 -22.03 28.46
N TRP C 121 23.78 -21.90 27.50
CA TRP C 121 23.91 -20.95 26.38
C TRP C 121 24.11 -19.54 26.94
N GLY C 122 23.25 -19.16 27.89
CA GLY C 122 23.39 -17.86 28.52
C GLY C 122 22.74 -16.66 27.86
N GLN C 123 22.08 -16.89 26.73
CA GLN C 123 21.41 -15.81 26.03
C GLN C 123 19.91 -15.96 26.30
N PRO C 124 19.14 -14.89 26.09
CA PRO C 124 17.70 -14.88 26.32
C PRO C 124 17.00 -15.92 25.41
N LYS C 125 15.93 -16.55 25.90
CA LYS C 125 15.21 -17.55 25.10
C LYS C 125 14.54 -16.86 23.92
N SER C 126 14.52 -15.53 23.98
CA SER C 126 13.93 -14.70 22.92
C SER C 126 14.83 -14.67 21.68
N LYS C 127 16.12 -14.98 21.84
CA LYS C 127 17.05 -15.01 20.69
C LYS C 127 16.90 -16.32 19.89
N ILE C 128 16.05 -17.23 20.34
CA ILE C 128 15.88 -18.50 19.62
C ILE C 128 14.96 -18.25 18.42
N THR C 129 15.47 -18.56 17.21
CA THR C 129 14.74 -18.35 15.96
C THR C 129 14.07 -19.59 15.35
N HIS C 130 14.58 -20.76 15.66
CA HIS C 130 14.03 -22.01 15.14
C HIS C 130 13.89 -23.05 16.25
N LEU C 131 12.90 -23.94 16.13
CA LEU C 131 12.69 -25.00 17.09
C LEU C 131 12.44 -26.30 16.33
N ILE C 132 13.24 -27.31 16.64
CA ILE C 132 13.09 -28.64 16.04
C ILE C 132 12.81 -29.55 17.22
N VAL C 133 11.65 -30.22 17.21
CA VAL C 133 11.30 -31.17 18.28
C VAL C 133 11.04 -32.55 17.65
N CYS C 134 11.69 -33.55 18.22
CA CYS C 134 11.61 -34.91 17.72
C CYS C 134 11.18 -35.88 18.81
N SER C 135 10.27 -36.78 18.43
CA SER C 135 9.78 -37.81 19.36
C SER C 135 9.28 -38.92 18.47
N THR C 136 9.37 -40.15 18.96
CA THR C 136 8.93 -41.32 18.20
C THR C 136 7.53 -41.09 17.62
N THR C 137 6.63 -40.52 18.43
CA THR C 137 5.29 -40.20 17.98
C THR C 137 4.87 -38.88 18.63
N THR C 138 3.77 -38.34 18.15
CA THR C 138 3.20 -37.15 18.76
C THR C 138 1.69 -37.44 18.79
N PRO C 139 1.04 -37.18 19.92
CA PRO C 139 -0.40 -37.47 20.04
C PRO C 139 -1.45 -36.65 19.33
N ASP C 140 -1.19 -35.36 19.16
CA ASP C 140 -2.21 -34.51 18.59
C ASP C 140 -1.72 -33.62 17.47
N LEU C 141 -2.55 -32.65 17.12
CA LEU C 141 -2.23 -31.58 16.18
C LEU C 141 -2.78 -30.40 16.97
N PRO C 142 -1.94 -29.39 17.22
CA PRO C 142 -0.54 -29.28 16.82
C PRO C 142 0.36 -30.39 17.41
N GLY C 143 1.52 -30.60 16.80
CA GLY C 143 2.47 -31.59 17.30
C GLY C 143 3.23 -31.02 18.50
N ALA C 144 4.02 -31.86 19.17
CA ALA C 144 4.79 -31.46 20.33
C ALA C 144 5.62 -30.17 20.17
N ASP C 145 6.05 -29.86 18.94
CA ASP C 145 6.84 -28.65 18.72
C ASP C 145 6.03 -27.41 19.20
N TYR C 146 4.73 -27.40 18.92
CA TYR C 146 3.90 -26.27 19.36
C TYR C 146 3.79 -26.25 20.90
N GLN C 147 3.52 -27.41 21.49
CA GLN C 147 3.39 -27.52 22.94
C GLN C 147 4.66 -27.04 23.63
N LEU C 148 5.81 -27.32 23.04
CA LEU C 148 7.08 -26.89 23.63
C LEU C 148 7.30 -25.39 23.54
N THR C 149 6.94 -24.80 22.40
CA THR C 149 7.08 -23.35 22.21
C THR C 149 6.27 -22.66 23.29
N LYS C 150 5.06 -23.16 23.49
CA LYS C 150 4.14 -22.62 24.48
C LYS C 150 4.65 -22.75 25.91
N LEU C 151 5.16 -23.92 26.26
CA LEU C 151 5.65 -24.17 27.63
C LEU C 151 6.91 -23.43 28.00
N LEU C 152 7.81 -23.29 27.04
CA LEU C 152 9.06 -22.60 27.25
C LEU C 152 8.84 -21.10 27.08
N GLY C 153 7.68 -20.72 26.52
CA GLY C 153 7.40 -19.31 26.31
C GLY C 153 8.27 -18.69 25.22
N LEU C 154 8.57 -19.43 24.16
CA LEU C 154 9.39 -18.92 23.07
C LEU C 154 8.60 -17.88 22.29
N ARG C 155 9.25 -17.06 21.47
CA ARG C 155 8.50 -16.07 20.69
C ARG C 155 7.47 -16.80 19.82
N PRO C 156 6.29 -16.20 19.61
CA PRO C 156 5.30 -16.87 18.80
C PRO C 156 5.72 -17.11 17.35
N TYR C 157 6.78 -16.43 16.92
CA TYR C 157 7.27 -16.57 15.55
C TYR C 157 8.53 -17.41 15.35
N VAL C 158 8.78 -18.30 16.30
CA VAL C 158 9.92 -19.20 16.18
C VAL C 158 9.49 -20.20 15.10
N LYS C 159 10.34 -20.43 14.11
CA LYS C 159 10.05 -21.35 13.00
C LYS C 159 10.17 -22.78 13.53
N ARG C 160 9.07 -23.51 13.48
CA ARG C 160 9.05 -24.87 14.01
C ARG C 160 9.02 -25.98 12.99
N VAL C 161 9.65 -27.09 13.38
CA VAL C 161 9.69 -28.32 12.59
C VAL C 161 9.57 -29.51 13.56
N GLY C 162 8.54 -30.32 13.38
CA GLY C 162 8.35 -31.49 14.24
C GLY C 162 8.84 -32.72 13.48
N VAL C 163 9.66 -33.54 14.11
CA VAL C 163 10.21 -34.73 13.48
C VAL C 163 9.64 -35.95 14.21
N PHE C 164 8.55 -36.47 13.66
CA PHE C 164 7.83 -37.60 14.25
C PHE C 164 7.82 -38.87 13.42
N GLN C 165 7.74 -39.99 14.14
CA GLN C 165 7.72 -41.33 13.55
C GLN C 165 8.91 -41.64 12.63
N HIS C 166 10.04 -41.01 12.93
CA HIS C 166 11.26 -41.27 12.18
C HIS C 166 11.99 -42.42 12.86
N GLY C 167 12.04 -42.40 14.19
CA GLY C 167 12.70 -43.48 14.90
C GLY C 167 14.05 -43.20 15.54
N CYS C 168 14.73 -44.30 15.85
CA CYS C 168 16.03 -44.25 16.52
C CYS C 168 17.15 -43.50 15.81
N PHE C 169 17.02 -43.24 14.51
CA PHE C 169 18.12 -42.53 13.82
C PHE C 169 17.96 -41.02 13.82
N ALA C 170 16.82 -40.55 14.32
CA ALA C 170 16.47 -39.15 14.33
C ALA C 170 17.37 -38.21 15.13
N GLY C 171 18.25 -38.74 15.98
CA GLY C 171 19.19 -37.89 16.70
C GLY C 171 20.05 -37.30 15.59
N GLY C 172 20.45 -38.16 14.65
CA GLY C 172 21.20 -37.68 13.50
C GLY C 172 20.35 -36.75 12.64
N THR C 173 19.11 -37.15 12.38
CA THR C 173 18.18 -36.36 11.56
C THR C 173 18.02 -34.92 12.06
N VAL C 174 17.85 -34.73 13.37
CA VAL C 174 17.65 -33.37 13.84
C VAL C 174 18.91 -32.52 13.70
N LEU C 175 20.10 -33.14 13.81
CA LEU C 175 21.36 -32.39 13.65
C LEU C 175 21.51 -32.00 12.18
N ARG C 176 21.14 -32.94 11.31
CA ARG C 176 21.18 -32.73 9.87
C ARG C 176 20.25 -31.57 9.47
N LEU C 177 19.06 -31.50 10.09
CA LEU C 177 18.11 -30.42 9.81
C LEU C 177 18.62 -29.11 10.40
N ALA C 178 19.15 -29.18 11.62
CA ALA C 178 19.68 -28.00 12.34
C ALA C 178 20.83 -27.33 11.59
N LYS C 179 21.69 -28.12 10.99
CA LYS C 179 22.80 -27.56 10.26
C LYS C 179 22.31 -26.64 9.15
N ASP C 180 21.37 -27.10 8.32
CA ASP C 180 20.91 -26.24 7.25
C ASP C 180 20.16 -25.01 7.78
N LEU C 181 19.26 -25.19 8.75
CA LEU C 181 18.51 -24.06 9.27
C LEU C 181 19.44 -22.96 9.78
N ALA C 182 20.50 -23.31 10.50
CA ALA C 182 21.43 -22.31 11.04
C ALA C 182 22.39 -21.70 10.00
N GLU C 183 23.01 -22.55 9.20
CA GLU C 183 23.96 -22.11 8.19
C GLU C 183 23.39 -21.24 7.07
N ASN C 184 22.10 -21.39 6.77
CA ASN C 184 21.48 -20.66 5.68
C ASN C 184 20.73 -19.41 6.15
N ASN C 185 20.77 -19.13 7.45
CA ASN C 185 20.05 -18.00 7.98
C ASN C 185 20.86 -17.23 9.01
N LYS C 186 21.34 -16.07 8.60
CA LYS C 186 22.15 -15.21 9.44
C LYS C 186 21.47 -14.96 10.76
N GLY C 187 22.19 -15.20 11.85
CA GLY C 187 21.66 -14.97 13.19
C GLY C 187 20.74 -16.08 13.71
N ALA C 188 20.46 -17.07 12.87
CA ALA C 188 19.57 -18.15 13.31
C ALA C 188 20.15 -18.90 14.48
N ARG C 189 19.33 -19.10 15.50
CA ARG C 189 19.72 -19.85 16.68
C ARG C 189 18.68 -20.96 16.86
N VAL C 190 19.11 -22.19 16.63
CA VAL C 190 18.25 -23.37 16.67
C VAL C 190 18.19 -24.14 17.97
N LEU C 191 17.01 -24.20 18.56
CA LEU C 191 16.81 -24.97 19.77
C LEU C 191 16.39 -26.37 19.28
N VAL C 192 17.23 -27.36 19.54
CA VAL C 192 16.97 -28.75 19.14
C VAL C 192 16.58 -29.60 20.34
N VAL C 193 15.40 -30.21 20.30
CA VAL C 193 14.91 -31.06 21.41
C VAL C 193 14.46 -32.46 21.05
N CYS C 194 15.13 -33.49 21.57
CA CYS C 194 14.72 -34.88 21.34
C CYS C 194 14.18 -35.34 22.69
N SER C 195 12.94 -35.83 22.70
CA SER C 195 12.31 -36.27 23.93
C SER C 195 11.55 -37.57 23.66
N GLU C 196 12.01 -38.64 24.31
CA GLU C 196 11.42 -39.96 24.10
C GLU C 196 10.91 -40.56 25.40
N VAL C 197 9.68 -41.05 25.37
CA VAL C 197 9.01 -41.66 26.54
C VAL C 197 8.34 -43.00 26.16
N THR C 198 8.76 -44.07 26.83
CA THR C 198 8.28 -45.43 26.59
C THR C 198 6.81 -45.73 26.84
N ALA C 199 6.03 -44.70 27.16
CA ALA C 199 4.61 -44.89 27.37
C ALA C 199 4.02 -45.35 26.05
N VAL C 200 4.74 -45.11 24.96
CA VAL C 200 4.28 -45.46 23.62
C VAL C 200 4.59 -46.91 23.26
N THR C 201 5.64 -47.45 23.87
CA THR C 201 6.08 -48.81 23.58
C THR C 201 5.90 -49.87 24.64
N PHE C 202 5.64 -49.49 25.88
CA PHE C 202 5.49 -50.50 26.93
C PHE C 202 4.30 -51.42 26.73
N ARG C 203 4.50 -52.71 26.97
CA ARG C 203 3.41 -53.66 26.86
C ARG C 203 3.87 -55.00 27.44
N GLY C 204 2.91 -55.88 27.72
CA GLY C 204 3.23 -57.17 28.28
C GLY C 204 4.01 -58.10 27.35
N PRO C 205 4.56 -59.18 27.89
CA PRO C 205 5.35 -60.13 27.10
C PRO C 205 4.57 -61.21 26.34
N SER C 206 5.14 -61.63 25.21
CA SER C 206 4.54 -62.68 24.40
C SER C 206 5.66 -63.61 24.00
N ASP C 207 5.56 -64.88 24.39
CA ASP C 207 6.64 -65.82 24.03
C ASP C 207 6.67 -66.19 22.54
N THR C 208 5.77 -65.61 21.77
CA THR C 208 5.71 -65.81 20.32
C THR C 208 6.26 -64.57 19.58
N HIS C 209 6.55 -63.50 20.33
CA HIS C 209 7.11 -62.28 19.73
C HIS C 209 8.34 -61.80 20.49
N LEU C 210 9.32 -62.68 20.63
CA LEU C 210 10.56 -62.37 21.33
C LEU C 210 11.26 -61.15 20.75
N ASP C 211 11.05 -60.88 19.46
CA ASP C 211 11.68 -59.72 18.84
C ASP C 211 11.11 -58.46 19.48
N SER C 212 9.84 -58.52 19.87
CA SER C 212 9.19 -57.40 20.54
C SER C 212 9.62 -57.29 22.01
N LEU C 213 10.02 -58.42 22.59
CA LEU C 213 10.43 -58.41 24.00
C LEU C 213 11.77 -57.70 24.24
N VAL C 214 12.72 -57.89 23.31
CA VAL C 214 14.03 -57.25 23.47
C VAL C 214 13.84 -55.75 23.67
N GLY C 215 12.82 -55.19 23.06
CA GLY C 215 12.55 -53.77 23.22
C GLY C 215 12.26 -53.42 24.67
N GLN C 216 11.55 -54.30 25.38
CA GLN C 216 11.21 -54.02 26.77
C GLN C 216 12.45 -54.03 27.66
N ALA C 217 13.49 -54.73 27.24
CA ALA C 217 14.71 -54.74 28.03
C ALA C 217 15.61 -53.57 27.66
N LEU C 218 15.37 -52.95 26.51
CA LEU C 218 16.27 -51.88 26.08
C LEU C 218 15.82 -50.43 26.22
N PHE C 219 14.58 -50.15 25.83
CA PHE C 219 14.04 -48.78 25.81
C PHE C 219 13.87 -48.06 27.15
N GLY C 220 14.46 -46.87 27.23
CA GLY C 220 14.36 -46.03 28.43
C GLY C 220 13.89 -44.63 28.06
N ASP C 221 13.62 -43.77 29.05
CA ASP C 221 13.13 -42.40 28.78
C ASP C 221 14.20 -41.30 28.97
N GLY C 222 14.04 -40.22 28.22
CA GLY C 222 14.99 -39.12 28.33
C GLY C 222 14.75 -38.11 27.23
N ALA C 223 15.27 -36.90 27.47
CA ALA C 223 15.19 -35.79 26.54
C ALA C 223 16.54 -35.08 26.53
N ALA C 224 16.96 -34.64 25.35
CA ALA C 224 18.24 -33.92 25.22
C ALA C 224 17.95 -32.70 24.36
N ALA C 225 18.51 -31.55 24.74
CA ALA C 225 18.28 -30.29 24.01
C ALA C 225 19.60 -29.64 23.63
N LEU C 226 19.65 -29.04 22.44
CA LEU C 226 20.84 -28.38 21.93
C LEU C 226 20.51 -26.98 21.46
N ILE C 227 21.54 -26.13 21.40
CA ILE C 227 21.38 -24.79 20.84
C ILE C 227 22.39 -24.83 19.70
N VAL C 228 21.92 -24.64 18.47
CA VAL C 228 22.79 -24.67 17.30
C VAL C 228 22.67 -23.35 16.53
N GLY C 229 23.80 -22.86 16.06
CA GLY C 229 23.82 -21.61 15.33
C GLY C 229 25.14 -21.45 14.61
N SER C 230 25.15 -20.62 13.60
CA SER C 230 26.37 -20.37 12.84
C SER C 230 26.91 -19.05 13.34
N ASP C 231 28.19 -18.79 13.06
CA ASP C 231 28.79 -17.52 13.47
C ASP C 231 28.66 -17.23 14.95
N PRO C 232 29.26 -18.07 15.81
CA PRO C 232 29.17 -17.83 17.25
C PRO C 232 29.73 -16.45 17.56
N VAL C 233 29.07 -15.69 18.43
CA VAL C 233 29.53 -14.36 18.79
C VAL C 233 30.67 -14.47 19.82
N PRO C 234 31.90 -14.07 19.43
CA PRO C 234 33.09 -14.12 20.29
C PRO C 234 32.91 -13.54 21.70
N GLU C 235 33.42 -14.26 22.70
CA GLU C 235 33.34 -13.82 24.10
C GLU C 235 31.94 -13.87 24.72
N ILE C 236 30.93 -14.20 23.93
CA ILE C 236 29.57 -14.29 24.49
C ILE C 236 29.07 -15.74 24.44
N GLU C 237 29.33 -16.43 23.34
CA GLU C 237 28.91 -17.82 23.16
C GLU C 237 30.11 -18.74 23.18
N LYS C 238 29.90 -19.99 23.58
CA LYS C 238 30.98 -20.97 23.65
C LYS C 238 30.73 -22.17 22.78
N PRO C 239 31.51 -22.33 21.71
CA PRO C 239 31.39 -23.45 20.79
C PRO C 239 31.79 -24.75 21.45
N ILE C 240 31.06 -25.84 21.16
CA ILE C 240 31.37 -27.16 21.74
C ILE C 240 31.83 -28.10 20.64
N PHE C 241 31.05 -28.19 19.56
CA PHE C 241 31.37 -29.04 18.40
C PHE C 241 30.89 -28.29 17.16
N GLU C 242 31.53 -28.56 16.03
CA GLU C 242 31.14 -27.95 14.75
C GLU C 242 30.67 -29.06 13.82
N MET C 243 29.54 -28.86 13.15
CA MET C 243 29.08 -29.86 12.20
C MET C 243 29.79 -29.57 10.89
N VAL C 244 30.18 -30.62 10.18
CA VAL C 244 30.89 -30.44 8.92
C VAL C 244 30.19 -30.95 7.66
N TRP C 245 29.73 -32.19 7.70
CA TRP C 245 29.10 -32.82 6.54
C TRP C 245 28.06 -33.83 7.03
N THR C 246 26.91 -33.94 6.35
CA THR C 246 25.89 -34.89 6.78
C THR C 246 25.40 -35.78 5.65
N ALA C 247 24.99 -37.00 5.99
CA ALA C 247 24.45 -37.93 4.99
C ALA C 247 23.39 -38.84 5.64
N GLN C 248 22.54 -39.47 4.82
CA GLN C 248 21.53 -40.41 5.30
C GLN C 248 21.39 -41.45 4.22
N THR C 249 21.39 -42.72 4.61
CA THR C 249 21.23 -43.75 3.60
C THR C 249 20.42 -44.94 4.11
N ILE C 250 19.99 -45.78 3.18
CA ILE C 250 19.21 -46.96 3.52
C ILE C 250 20.09 -48.16 3.21
N ALA C 251 20.31 -49.02 4.20
CA ALA C 251 21.13 -50.21 4.02
C ALA C 251 20.39 -51.21 3.13
N PRO C 252 21.10 -51.78 2.15
CA PRO C 252 20.43 -52.74 1.28
C PRO C 252 19.96 -53.98 2.02
N ASP C 253 19.02 -54.66 1.38
CA ASP C 253 18.42 -55.88 1.87
C ASP C 253 18.06 -55.81 3.34
N SER C 254 17.61 -54.64 3.79
CA SER C 254 17.26 -54.53 5.19
C SER C 254 15.85 -54.07 5.41
N GLU C 255 14.98 -54.18 4.41
CA GLU C 255 13.62 -53.74 4.68
C GLU C 255 13.01 -54.65 5.73
N GLY C 256 12.35 -54.05 6.72
CA GLY C 256 11.75 -54.84 7.77
C GLY C 256 12.64 -55.17 8.95
N ALA C 257 13.92 -54.82 8.88
CA ALA C 257 14.85 -55.08 9.98
C ALA C 257 14.35 -54.42 11.26
N ILE C 258 13.85 -53.20 11.10
CA ILE C 258 13.37 -52.42 12.22
C ILE C 258 12.16 -51.63 11.71
N ASP C 259 11.01 -51.88 12.31
CA ASP C 259 9.80 -51.15 11.92
C ASP C 259 8.81 -51.07 13.08
N GLY C 260 7.70 -50.40 12.84
CA GLY C 260 6.70 -50.26 13.88
C GLY C 260 5.39 -49.87 13.28
N HIS C 261 4.32 -50.08 14.02
CA HIS C 261 3.00 -49.77 13.54
C HIS C 261 2.26 -49.07 14.67
N LEU C 262 1.75 -47.87 14.39
CA LEU C 262 0.98 -47.12 15.39
C LEU C 262 -0.45 -47.59 15.20
N ARG C 263 -0.93 -48.36 16.18
CA ARG C 263 -2.28 -48.94 16.13
C ARG C 263 -3.08 -48.67 17.42
N GLU C 264 -4.25 -49.27 17.50
CA GLU C 264 -5.15 -49.11 18.64
C GLU C 264 -4.56 -49.67 19.94
N ALA C 265 -3.63 -50.62 19.82
CA ALA C 265 -2.96 -51.23 20.97
C ALA C 265 -1.68 -50.46 21.27
N GLY C 266 -1.48 -49.33 20.61
CA GLY C 266 -0.27 -48.56 20.83
C GLY C 266 0.72 -48.77 19.69
N LEU C 267 1.99 -48.46 19.93
CA LEU C 267 3.02 -48.63 18.89
C LEU C 267 3.72 -49.96 19.04
N THR C 268 3.60 -50.83 18.04
CA THR C 268 4.27 -52.12 18.09
C THR C 268 5.63 -51.98 17.43
N PHE C 269 6.59 -52.76 17.93
CA PHE C 269 7.97 -52.75 17.47
C PHE C 269 8.33 -54.14 16.94
N HIS C 270 9.20 -54.17 15.94
CA HIS C 270 9.67 -55.41 15.35
C HIS C 270 11.15 -55.25 15.12
N LEU C 271 11.91 -56.24 15.57
CA LEU C 271 13.36 -56.26 15.37
C LEU C 271 13.55 -57.50 14.52
N LYS C 272 14.77 -57.74 14.04
CA LYS C 272 15.00 -58.93 13.26
C LYS C 272 16.36 -59.55 13.62
N GLY C 273 16.86 -59.16 14.80
CA GLY C 273 18.12 -59.69 15.30
C GLY C 273 19.31 -59.65 14.35
N ALA C 274 19.05 -59.44 13.06
CA ALA C 274 20.13 -59.38 12.07
C ALA C 274 20.68 -57.96 12.04
N VAL C 275 19.97 -57.05 12.70
CA VAL C 275 20.36 -55.66 12.74
C VAL C 275 21.82 -55.38 13.00
N PRO C 276 22.43 -56.03 14.02
CA PRO C 276 23.85 -55.79 14.31
C PRO C 276 24.75 -56.07 13.12
N ASP C 277 24.44 -57.12 12.37
CA ASP C 277 25.25 -57.48 11.23
C ASP C 277 25.06 -56.49 10.08
N ILE C 278 23.82 -56.05 9.86
CA ILE C 278 23.51 -55.10 8.81
C ILE C 278 24.21 -53.77 9.06
N VAL C 279 24.29 -53.36 10.32
CA VAL C 279 24.97 -52.11 10.62
C VAL C 279 26.47 -52.29 10.40
N SER C 280 27.01 -53.40 10.88
CA SER C 280 28.44 -53.73 10.76
C SER C 280 28.91 -53.80 9.33
N LYS C 281 28.12 -54.43 8.49
CA LYS C 281 28.48 -54.62 7.08
C LYS C 281 28.42 -53.32 6.28
N ASN C 282 27.65 -52.35 6.76
CA ASN C 282 27.49 -51.10 6.05
C ASN C 282 28.18 -49.86 6.61
N ILE C 283 28.78 -49.98 7.78
CA ILE C 283 29.43 -48.84 8.43
C ILE C 283 30.68 -48.31 7.71
N THR C 284 31.45 -49.17 7.06
CA THR C 284 32.66 -48.70 6.38
C THR C 284 32.33 -47.75 5.24
N LYS C 285 31.37 -48.16 4.41
CA LYS C 285 30.92 -47.36 3.28
C LYS C 285 30.50 -45.97 3.73
N ALA C 286 29.76 -45.90 4.82
CA ALA C 286 29.34 -44.60 5.34
C ALA C 286 30.61 -43.84 5.77
N LEU C 287 31.57 -44.56 6.36
CA LEU C 287 32.80 -43.95 6.83
C LEU C 287 33.70 -43.38 5.73
N VAL C 288 33.94 -44.16 4.68
CA VAL C 288 34.77 -43.64 3.57
C VAL C 288 34.06 -42.46 2.92
N GLU C 289 32.76 -42.60 2.71
CA GLU C 289 31.98 -41.53 2.09
C GLU C 289 32.11 -40.26 2.91
N ALA C 290 32.21 -40.41 4.22
CA ALA C 290 32.35 -39.24 5.07
C ALA C 290 33.79 -38.74 5.27
N PHE C 291 34.75 -39.66 5.32
CA PHE C 291 36.13 -39.26 5.59
C PHE C 291 37.16 -39.31 4.48
N GLU C 292 36.88 -40.02 3.38
CA GLU C 292 37.88 -40.09 2.32
C GLU C 292 38.19 -38.70 1.76
N PRO C 293 37.17 -37.85 1.60
CA PRO C 293 37.40 -36.50 1.08
C PRO C 293 38.25 -35.68 2.04
N LEU C 294 38.55 -36.24 3.21
CA LEU C 294 39.38 -35.56 4.19
C LEU C 294 40.74 -36.22 4.31
N GLY C 295 40.91 -37.36 3.62
CA GLY C 295 42.17 -38.06 3.66
C GLY C 295 42.32 -38.94 4.89
N ILE C 296 41.28 -38.99 5.71
CA ILE C 296 41.30 -39.79 6.93
C ILE C 296 40.93 -41.24 6.63
N SER C 297 41.87 -42.14 6.88
CA SER C 297 41.69 -43.58 6.66
C SER C 297 41.57 -44.28 8.02
N ASP C 298 42.41 -43.89 8.96
CA ASP C 298 42.46 -44.47 10.30
C ASP C 298 41.26 -44.10 11.20
N TYR C 299 40.35 -45.05 11.39
CA TYR C 299 39.16 -44.80 12.21
C TYR C 299 39.39 -44.82 13.73
N ASN C 300 40.64 -44.89 14.16
CA ASN C 300 40.92 -44.85 15.59
C ASN C 300 41.44 -43.45 15.90
N SER C 301 41.60 -42.64 14.85
CA SER C 301 42.11 -41.29 15.00
C SER C 301 41.05 -40.19 15.12
N ILE C 302 39.78 -40.57 15.04
CA ILE C 302 38.66 -39.62 15.14
C ILE C 302 37.80 -40.00 16.35
N PHE C 303 37.02 -39.08 16.92
CA PHE C 303 36.17 -39.47 18.07
C PHE C 303 34.85 -40.06 17.56
N TRP C 304 34.28 -40.95 18.36
CA TRP C 304 33.07 -41.67 17.98
C TRP C 304 31.82 -41.45 18.83
N ILE C 305 30.69 -41.39 18.15
CA ILE C 305 29.39 -41.28 18.80
C ILE C 305 28.50 -42.20 17.96
N ALA C 306 27.95 -43.25 18.55
CA ALA C 306 27.10 -44.16 17.79
C ALA C 306 25.82 -44.48 18.53
N HIS C 307 24.69 -44.52 17.84
CA HIS C 307 23.46 -44.81 18.54
C HIS C 307 23.54 -46.22 19.15
N PRO C 308 23.39 -46.34 20.48
CA PRO C 308 23.47 -47.67 21.07
C PRO C 308 22.13 -48.40 21.05
N GLY C 309 21.64 -48.72 19.85
CA GLY C 309 20.37 -49.42 19.73
C GLY C 309 20.40 -50.69 20.55
N GLY C 310 21.59 -51.28 20.63
CA GLY C 310 21.84 -52.50 21.37
C GLY C 310 23.34 -52.73 21.55
N PRO C 311 23.78 -53.47 22.58
CA PRO C 311 25.22 -53.67 22.73
C PRO C 311 25.87 -54.38 21.55
N ALA C 312 25.18 -55.37 20.97
CA ALA C 312 25.74 -56.12 19.85
C ALA C 312 26.18 -55.20 18.69
N ILE C 313 25.41 -54.15 18.44
CA ILE C 313 25.77 -53.23 17.35
C ILE C 313 27.17 -52.65 17.63
N LEU C 314 27.34 -52.12 18.83
CA LEU C 314 28.62 -51.52 19.22
C LEU C 314 29.76 -52.55 19.13
N ASP C 315 29.49 -53.74 19.65
CA ASP C 315 30.48 -54.83 19.62
C ASP C 315 30.94 -55.18 18.22
N GLN C 316 29.98 -55.32 17.31
CA GLN C 316 30.30 -55.69 15.95
C GLN C 316 30.99 -54.61 15.13
N VAL C 317 30.57 -53.38 15.30
CA VAL C 317 31.20 -52.26 14.61
C VAL C 317 32.64 -52.17 15.11
N GLU C 318 32.81 -52.33 16.42
CA GLU C 318 34.13 -52.28 17.06
C GLU C 318 35.02 -53.38 16.47
N GLN C 319 34.48 -54.59 16.42
CA GLN C 319 35.20 -55.75 15.90
C GLN C 319 35.52 -55.60 14.43
N LYS C 320 34.52 -55.22 13.64
CA LYS C 320 34.68 -55.02 12.20
C LYS C 320 35.77 -54.02 11.86
N LEU C 321 35.72 -52.85 12.50
CA LEU C 321 36.70 -51.79 12.28
C LEU C 321 37.95 -51.92 13.16
N ALA C 322 37.95 -52.91 14.04
CA ALA C 322 39.07 -53.14 14.94
C ALA C 322 39.39 -51.88 15.73
N LEU C 323 38.36 -51.22 16.26
CA LEU C 323 38.57 -50.03 17.05
C LEU C 323 39.15 -50.38 18.41
N LYS C 324 39.83 -49.41 19.01
CA LYS C 324 40.34 -49.63 20.35
C LYS C 324 39.11 -49.53 21.25
N PRO C 325 39.06 -50.34 22.32
CA PRO C 325 37.93 -50.35 23.25
C PRO C 325 37.53 -48.97 23.72
N GLU C 326 38.47 -48.04 23.74
CA GLU C 326 38.16 -46.69 24.20
C GLU C 326 37.24 -45.92 23.27
N LYS C 327 37.28 -46.27 21.98
CA LYS C 327 36.47 -45.53 21.03
C LYS C 327 35.00 -45.47 21.42
N MET C 328 34.42 -46.62 21.74
CA MET C 328 33.00 -46.70 22.11
C MET C 328 32.68 -46.44 23.59
N ASN C 329 33.63 -45.93 24.36
CA ASN C 329 33.39 -45.70 25.79
C ASN C 329 32.31 -44.67 26.10
N ALA C 330 32.33 -43.51 25.45
CA ALA C 330 31.31 -42.50 25.74
C ALA C 330 29.93 -43.07 25.39
N THR C 331 29.86 -43.81 24.29
CA THR C 331 28.60 -44.42 23.85
C THR C 331 28.14 -45.46 24.88
N ARG C 332 29.01 -46.41 25.17
CA ARG C 332 28.68 -47.48 26.13
C ARG C 332 28.27 -46.97 27.50
N GLU C 333 28.82 -45.81 27.90
CA GLU C 333 28.54 -45.23 29.20
C GLU C 333 27.08 -44.74 29.27
N VAL C 334 26.61 -44.12 28.19
CA VAL C 334 25.23 -43.63 28.11
C VAL C 334 24.27 -44.84 28.11
N LEU C 335 24.58 -45.87 27.32
CA LEU C 335 23.75 -47.07 27.25
C LEU C 335 23.63 -47.71 28.63
N SER C 336 24.74 -47.70 29.36
CA SER C 336 24.81 -48.29 30.69
C SER C 336 23.95 -47.60 31.75
N GLU C 337 23.98 -46.28 31.70
CA GLU C 337 23.28 -45.43 32.67
C GLU C 337 21.87 -45.00 32.33
N TYR C 338 21.51 -45.11 31.06
CA TYR C 338 20.20 -44.67 30.59
C TYR C 338 19.47 -45.60 29.62
N GLY C 339 20.15 -46.63 29.10
CA GLY C 339 19.50 -47.51 28.15
C GLY C 339 19.31 -46.83 26.79
N ASN C 340 18.44 -47.41 25.94
CA ASN C 340 18.16 -46.90 24.59
C ASN C 340 17.03 -45.90 24.63
N MET C 341 17.38 -44.62 24.63
CA MET C 341 16.40 -43.54 24.66
C MET C 341 16.15 -43.03 23.23
N SER C 342 16.24 -43.95 22.27
CA SER C 342 16.04 -43.63 20.87
C SER C 342 16.84 -42.39 20.42
N SER C 343 16.17 -41.47 19.73
CA SER C 343 16.81 -40.26 19.20
C SER C 343 17.67 -39.46 20.17
N ALA C 344 17.36 -39.49 21.47
CA ALA C 344 18.13 -38.71 22.42
C ALA C 344 19.54 -39.23 22.72
N CYS C 345 19.75 -40.53 22.59
CA CYS C 345 21.05 -41.14 22.91
C CYS C 345 22.28 -40.44 22.38
N VAL C 346 22.33 -40.21 21.07
CA VAL C 346 23.52 -39.59 20.51
C VAL C 346 23.77 -38.19 21.08
N LEU C 347 22.71 -37.50 21.48
CA LEU C 347 22.89 -36.18 22.07
C LEU C 347 23.44 -36.35 23.50
N PHE C 348 22.93 -37.34 24.25
CA PHE C 348 23.45 -37.57 25.61
C PHE C 348 24.94 -37.92 25.48
N ILE C 349 25.27 -38.68 24.44
CA ILE C 349 26.64 -39.09 24.22
C ILE C 349 27.56 -37.91 23.90
N LEU C 350 27.08 -36.91 23.15
CA LEU C 350 27.94 -35.75 22.87
C LEU C 350 28.27 -35.07 24.20
N ASP C 351 27.24 -34.83 25.02
CA ASP C 351 27.40 -34.19 26.31
C ASP C 351 28.38 -35.00 27.15
N GLU C 352 28.22 -36.31 27.14
CA GLU C 352 29.10 -37.18 27.91
C GLU C 352 30.53 -37.10 27.43
N MET C 353 30.72 -37.05 26.12
CA MET C 353 32.08 -36.98 25.62
C MET C 353 32.77 -35.65 25.92
N ARG C 354 32.03 -34.56 25.83
CA ARG C 354 32.66 -33.28 26.10
C ARG C 354 32.88 -33.04 27.59
N LYS C 355 31.99 -33.57 28.42
CA LYS C 355 32.15 -33.39 29.87
C LYS C 355 33.38 -34.16 30.32
N LYS C 356 33.51 -35.40 29.86
CA LYS C 356 34.66 -36.26 30.18
C LYS C 356 36.01 -35.69 29.70
N SER C 357 36.05 -35.23 28.45
CA SER C 357 37.24 -34.65 27.84
C SER C 357 37.70 -33.44 28.67
N THR C 358 36.73 -32.68 29.17
CA THR C 358 37.00 -31.50 29.97
C THR C 358 37.51 -31.90 31.35
N GLN C 359 36.82 -32.83 32.00
CA GLN C 359 37.22 -33.28 33.31
C GLN C 359 38.61 -33.90 33.26
N ASN C 360 38.93 -34.59 32.17
CA ASN C 360 40.24 -35.20 32.07
C ASN C 360 41.31 -34.30 31.45
N GLY C 361 41.04 -32.99 31.45
CA GLY C 361 41.97 -32.01 30.89
C GLY C 361 42.58 -32.34 29.52
N LEU C 362 41.74 -32.76 28.57
CA LEU C 362 42.21 -33.11 27.22
C LEU C 362 42.27 -31.85 26.36
N LYS C 363 42.97 -31.94 25.22
CA LYS C 363 43.14 -30.80 24.30
C LYS C 363 41.88 -30.30 23.55
N THR C 364 40.88 -31.17 23.37
CA THR C 364 39.64 -30.78 22.69
C THR C 364 38.40 -31.42 23.32
N THR C 365 37.22 -31.01 22.88
CA THR C 365 35.97 -31.58 23.37
C THR C 365 35.77 -32.99 22.76
N GLY C 366 36.52 -33.29 21.71
CA GLY C 366 36.42 -34.59 21.07
C GLY C 366 37.47 -35.56 21.56
N GLU C 367 37.59 -35.67 22.87
CA GLU C 367 38.56 -36.58 23.45
C GLU C 367 39.97 -36.21 22.98
N GLY C 368 40.19 -34.93 22.75
CA GLY C 368 41.50 -34.47 22.32
C GLY C 368 41.80 -34.66 20.85
N LEU C 369 40.88 -35.27 20.11
CA LEU C 369 41.12 -35.46 18.68
C LEU C 369 40.47 -34.34 17.92
N GLU C 370 40.77 -34.24 16.64
CA GLU C 370 40.23 -33.17 15.82
C GLU C 370 38.89 -33.48 15.14
N TRP C 371 38.87 -34.54 14.35
CA TRP C 371 37.66 -34.96 13.64
C TRP C 371 36.96 -36.13 14.35
N GLY C 372 35.65 -36.21 14.16
CA GLY C 372 34.85 -37.28 14.76
C GLY C 372 33.60 -37.57 13.94
N VAL C 373 32.92 -38.65 14.29
CA VAL C 373 31.71 -39.01 13.58
C VAL C 373 30.56 -39.37 14.55
N LEU C 374 29.32 -39.09 14.14
CA LEU C 374 28.15 -39.41 14.95
C LEU C 374 27.24 -40.19 14.03
N PHE C 375 26.72 -41.31 14.52
CA PHE C 375 25.87 -42.17 13.72
C PHE C 375 24.53 -42.45 14.35
N GLY C 376 23.50 -42.41 13.52
CA GLY C 376 22.16 -42.72 13.97
C GLY C 376 21.76 -43.98 13.20
N PHE C 377 21.05 -44.92 13.84
CA PHE C 377 20.59 -46.15 13.17
C PHE C 377 19.13 -46.36 13.56
N GLY C 378 18.29 -46.68 12.58
CA GLY C 378 16.88 -46.91 12.89
C GLY C 378 16.09 -47.52 11.75
N PRO C 379 14.76 -47.50 11.83
CA PRO C 379 13.89 -48.06 10.79
C PRO C 379 14.43 -47.79 9.41
N GLY C 380 14.54 -48.81 8.56
CA GLY C 380 14.98 -48.57 7.20
C GLY C 380 15.58 -49.82 6.52
N LEU C 381 16.71 -50.30 7.02
CA LEU C 381 17.36 -49.69 8.15
C LEU C 381 18.12 -48.43 7.70
N THR C 382 17.89 -47.32 8.40
CA THR C 382 18.51 -46.06 8.02
C THR C 382 19.73 -45.80 8.85
N ILE C 383 20.71 -45.13 8.24
CA ILE C 383 21.93 -44.79 8.90
C ILE C 383 22.14 -43.28 8.67
N GLU C 384 22.16 -42.50 9.73
CA GLU C 384 22.37 -41.08 9.59
C GLU C 384 23.84 -40.87 9.92
N THR C 385 24.55 -40.06 9.14
CA THR C 385 25.97 -39.79 9.42
C THR C 385 26.20 -38.31 9.57
N VAL C 386 26.96 -37.92 10.60
CA VAL C 386 27.30 -36.52 10.80
C VAL C 386 28.81 -36.45 11.13
N VAL C 387 29.56 -35.75 10.30
CA VAL C 387 30.99 -35.58 10.52
C VAL C 387 31.12 -34.34 11.38
N LEU C 388 31.97 -34.41 12.39
CA LEU C 388 32.13 -33.29 13.29
C LEU C 388 33.57 -32.89 13.51
N ARG C 389 33.75 -31.69 14.06
CA ARG C 389 35.08 -31.21 14.39
C ARG C 389 34.97 -30.70 15.82
N SER C 390 35.94 -31.04 16.64
CA SER C 390 35.94 -30.59 18.03
C SER C 390 36.30 -29.11 18.19
N VAL C 391 36.45 -28.70 19.44
CA VAL C 391 36.85 -27.34 19.78
C VAL C 391 37.95 -27.50 20.80
N ALA C 392 38.93 -26.59 20.75
CA ALA C 392 40.07 -26.63 21.64
C ALA C 392 39.64 -26.43 23.08
N ILE C 393 40.25 -27.24 23.94
CA ILE C 393 40.05 -27.27 25.40
C ILE C 393 38.64 -26.95 25.87
N VAL D 6 42.43 -28.08 4.21
CA VAL D 6 41.15 -28.71 4.65
C VAL D 6 40.55 -28.05 5.90
N SER D 7 40.36 -26.74 5.82
CA SER D 7 39.78 -25.99 6.94
C SER D 7 38.26 -26.12 6.82
N VAL D 8 37.56 -25.83 7.91
CA VAL D 8 36.09 -25.90 7.89
C VAL D 8 35.60 -24.86 6.89
N SER D 9 36.12 -23.64 7.02
CA SER D 9 35.76 -22.50 6.15
C SER D 9 35.79 -22.82 4.65
N GLU D 10 36.84 -23.51 4.23
CA GLU D 10 36.99 -23.87 2.82
C GLU D 10 35.88 -24.81 2.42
N ILE D 11 35.66 -25.84 3.24
CA ILE D 11 34.63 -26.83 2.95
C ILE D 11 33.26 -26.19 2.86
N ARG D 12 32.92 -25.38 3.85
CA ARG D 12 31.63 -24.71 3.88
C ARG D 12 31.42 -23.96 2.56
N LYS D 13 32.44 -23.22 2.14
CA LYS D 13 32.37 -22.43 0.91
C LYS D 13 32.08 -23.28 -0.33
N ALA D 14 32.83 -24.37 -0.50
CA ALA D 14 32.66 -25.26 -1.63
C ALA D 14 31.44 -26.20 -1.51
N GLN D 15 30.80 -26.17 -0.35
CA GLN D 15 29.67 -27.03 -0.05
C GLN D 15 28.28 -26.40 -0.26
N ARG D 16 28.16 -25.10 -0.05
CA ARG D 16 26.87 -24.42 -0.17
C ARG D 16 26.45 -24.03 -1.59
N ALA D 17 25.16 -23.73 -1.77
CA ALA D 17 24.67 -23.30 -3.07
C ALA D 17 24.76 -21.78 -3.18
N GLU D 18 24.60 -21.24 -4.38
CA GLU D 18 24.73 -19.79 -4.59
C GLU D 18 23.46 -18.95 -4.60
N GLY D 19 22.50 -19.30 -5.45
CA GLY D 19 21.28 -18.53 -5.55
C GLY D 19 20.10 -18.97 -4.70
N PRO D 20 18.92 -18.40 -4.95
CA PRO D 20 17.68 -18.70 -4.24
C PRO D 20 17.03 -20.02 -4.65
N ALA D 21 16.38 -20.67 -3.69
CA ALA D 21 15.70 -21.93 -3.95
C ALA D 21 14.70 -21.66 -5.06
N THR D 22 14.74 -22.46 -6.12
CA THR D 22 13.83 -22.27 -7.25
C THR D 22 12.92 -23.46 -7.53
N ILE D 23 11.63 -23.22 -7.68
CA ILE D 23 10.69 -24.30 -8.01
C ILE D 23 10.89 -24.54 -9.51
N LEU D 24 11.25 -25.77 -9.88
CA LEU D 24 11.54 -26.14 -11.26
C LEU D 24 10.48 -26.99 -11.94
N ALA D 25 9.53 -27.49 -11.17
CA ALA D 25 8.47 -28.31 -11.75
C ALA D 25 7.39 -28.55 -10.71
N ILE D 26 6.18 -28.82 -11.18
CA ILE D 26 5.05 -29.08 -10.31
C ILE D 26 4.15 -30.10 -10.96
N GLY D 27 3.86 -31.19 -10.25
CA GLY D 27 2.97 -32.21 -10.78
C GLY D 27 1.96 -32.58 -9.70
N THR D 28 0.71 -32.80 -10.07
CA THR D 28 -0.30 -33.17 -9.08
C THR D 28 -1.02 -34.45 -9.45
N ALA D 29 -1.83 -34.95 -8.52
CA ALA D 29 -2.59 -36.18 -8.73
C ALA D 29 -3.70 -36.23 -7.67
N ASN D 30 -4.78 -36.93 -8.00
CA ASN D 30 -5.90 -37.12 -7.08
C ASN D 30 -6.46 -38.48 -7.37
N PRO D 31 -7.15 -39.09 -6.39
CA PRO D 31 -7.76 -40.41 -6.61
C PRO D 31 -8.78 -40.21 -7.74
N ALA D 32 -9.07 -41.28 -8.47
CA ALA D 32 -9.98 -41.27 -9.61
C ALA D 32 -11.42 -40.96 -9.24
N ASN D 33 -11.86 -41.41 -8.06
CA ASN D 33 -13.23 -41.17 -7.65
C ASN D 33 -13.59 -39.69 -7.46
N CYS D 34 -14.31 -39.13 -8.43
CA CYS D 34 -14.75 -37.73 -8.36
C CYS D 34 -16.12 -37.64 -7.68
N VAL D 35 -16.22 -36.82 -6.64
CA VAL D 35 -17.48 -36.65 -5.90
C VAL D 35 -18.05 -35.25 -6.09
N GLU D 36 -19.20 -35.15 -6.75
CA GLU D 36 -19.83 -33.87 -6.97
C GLU D 36 -20.35 -33.37 -5.62
N GLN D 37 -20.03 -32.13 -5.28
CA GLN D 37 -20.48 -31.53 -4.03
C GLN D 37 -22.02 -31.49 -4.02
N SER D 38 -22.58 -30.90 -5.07
CA SER D 38 -24.03 -30.75 -5.23
C SER D 38 -24.84 -31.87 -4.59
N THR D 39 -24.50 -33.11 -4.90
CA THR D 39 -25.24 -34.24 -4.36
C THR D 39 -24.48 -35.03 -3.31
N TYR D 40 -23.51 -34.41 -2.66
CA TYR D 40 -22.75 -35.12 -1.64
C TYR D 40 -23.64 -35.47 -0.45
N PRO D 41 -24.41 -34.49 0.06
CA PRO D 41 -25.30 -34.72 1.20
C PRO D 41 -26.07 -36.03 1.13
N ASP D 42 -26.62 -36.33 -0.04
CA ASP D 42 -27.37 -37.57 -0.20
C ASP D 42 -26.52 -38.83 0.06
N PHE D 43 -25.42 -38.95 -0.69
CA PHE D 43 -24.52 -40.09 -0.57
C PHE D 43 -23.92 -40.21 0.83
N TYR D 44 -23.51 -39.07 1.39
CA TYR D 44 -22.90 -39.05 2.72
C TYR D 44 -23.82 -39.61 3.80
N PHE D 45 -25.02 -39.04 3.96
CA PHE D 45 -25.92 -39.55 4.99
C PHE D 45 -26.34 -40.98 4.73
N LYS D 46 -26.49 -41.36 3.45
CA LYS D 46 -26.87 -42.73 3.15
C LYS D 46 -25.75 -43.68 3.56
N ILE D 47 -24.51 -43.38 3.16
CA ILE D 47 -23.40 -44.27 3.50
C ILE D 47 -22.99 -44.21 4.99
N THR D 48 -23.36 -43.15 5.71
CA THR D 48 -23.06 -43.07 7.14
C THR D 48 -24.30 -43.50 7.96
N ASN D 49 -25.29 -44.06 7.26
CA ASN D 49 -26.53 -44.57 7.86
C ASN D 49 -27.36 -43.57 8.64
N SER D 50 -27.39 -42.33 8.16
CA SER D 50 -28.11 -41.25 8.83
C SER D 50 -29.20 -40.63 7.93
N GLU D 51 -29.71 -41.44 7.01
CA GLU D 51 -30.74 -41.03 6.06
C GLU D 51 -31.99 -40.56 6.80
N HIS D 52 -32.14 -41.04 8.02
CA HIS D 52 -33.27 -40.75 8.90
C HIS D 52 -33.11 -39.40 9.64
N LYS D 53 -31.88 -38.93 9.79
CA LYS D 53 -31.60 -37.66 10.46
C LYS D 53 -31.92 -36.52 9.49
N THR D 54 -33.11 -36.56 8.89
CA THR D 54 -33.53 -35.56 7.92
C THR D 54 -33.13 -34.12 8.26
N GLU D 55 -33.34 -33.70 9.51
CA GLU D 55 -33.00 -32.33 9.88
C GLU D 55 -31.50 -32.09 9.82
N LEU D 56 -30.71 -33.07 10.25
CA LEU D 56 -29.26 -32.93 10.23
C LEU D 56 -28.74 -32.81 8.79
N LYS D 57 -29.34 -33.59 7.90
CA LYS D 57 -28.96 -33.59 6.48
C LYS D 57 -29.14 -32.20 5.90
N GLU D 58 -30.30 -31.61 6.14
CA GLU D 58 -30.58 -30.30 5.63
C GLU D 58 -29.49 -29.32 6.06
N LYS D 59 -28.92 -29.52 7.24
CA LYS D 59 -27.84 -28.64 7.74
C LYS D 59 -26.55 -28.86 6.95
N PHE D 60 -26.25 -30.12 6.65
CA PHE D 60 -25.05 -30.47 5.90
C PHE D 60 -25.16 -29.89 4.47
N GLN D 61 -26.35 -30.01 3.87
CA GLN D 61 -26.59 -29.48 2.52
C GLN D 61 -26.25 -28.00 2.51
N ARG D 62 -26.76 -27.27 3.50
CA ARG D 62 -26.49 -25.85 3.58
C ARG D 62 -24.99 -25.63 3.63
N MET D 63 -24.31 -26.48 4.39
CA MET D 63 -22.85 -26.42 4.54
C MET D 63 -22.16 -26.61 3.19
N CYS D 64 -22.60 -27.62 2.46
CA CYS D 64 -22.02 -27.91 1.16
C CYS D 64 -22.31 -26.77 0.20
N ASP D 65 -23.54 -26.27 0.21
CA ASP D 65 -23.91 -25.18 -0.70
C ASP D 65 -23.15 -23.89 -0.46
N LYS D 66 -22.54 -23.74 0.71
CA LYS D 66 -21.80 -22.52 1.01
C LYS D 66 -20.28 -22.70 0.87
N SER D 67 -19.83 -23.92 0.68
CA SER D 67 -18.40 -24.20 0.60
C SER D 67 -17.65 -23.58 -0.55
N MET D 68 -18.33 -23.29 -1.66
CA MET D 68 -17.67 -22.74 -2.84
C MET D 68 -16.75 -23.82 -3.43
N ILE D 69 -17.20 -25.07 -3.28
CA ILE D 69 -16.54 -26.28 -3.78
C ILE D 69 -17.51 -26.99 -4.72
N LYS D 70 -17.12 -27.22 -5.97
CA LYS D 70 -18.02 -27.92 -6.90
C LYS D 70 -17.82 -29.44 -6.79
N ARG D 71 -16.58 -29.86 -6.56
CA ARG D 71 -16.30 -31.27 -6.42
C ARG D 71 -14.95 -31.54 -5.77
N ARG D 72 -14.78 -32.78 -5.34
CA ARG D 72 -13.56 -33.24 -4.67
C ARG D 72 -13.22 -34.67 -5.13
N TYR D 73 -12.02 -35.13 -4.82
CA TYR D 73 -11.63 -36.49 -5.18
C TYR D 73 -11.41 -37.27 -3.90
N MET D 74 -11.94 -38.47 -3.84
CA MET D 74 -11.82 -39.26 -2.62
C MET D 74 -11.40 -40.68 -2.87
N TYR D 75 -10.37 -41.11 -2.15
CA TYR D 75 -9.90 -42.48 -2.25
C TYR D 75 -11.04 -43.36 -1.73
N LEU D 76 -11.74 -42.83 -0.71
CA LEU D 76 -12.86 -43.53 -0.11
C LEU D 76 -14.03 -43.64 -1.11
N THR D 77 -14.35 -44.86 -1.53
CA THR D 77 -15.45 -45.10 -2.46
C THR D 77 -16.55 -45.82 -1.70
N GLU D 78 -17.74 -45.97 -2.31
CA GLU D 78 -18.81 -46.67 -1.63
C GLU D 78 -18.38 -48.10 -1.27
N GLU D 79 -17.70 -48.77 -2.19
CA GLU D 79 -17.24 -50.14 -1.97
C GLU D 79 -16.27 -50.26 -0.79
N ILE D 80 -15.32 -49.34 -0.71
CA ILE D 80 -14.36 -49.37 0.38
C ILE D 80 -15.06 -49.11 1.72
N LEU D 81 -15.89 -48.08 1.78
CA LEU D 81 -16.60 -47.78 3.02
C LEU D 81 -17.53 -48.92 3.42
N LYS D 82 -18.09 -49.60 2.43
CA LYS D 82 -18.98 -50.71 2.71
C LYS D 82 -18.23 -51.86 3.40
N GLU D 83 -16.96 -52.04 3.03
CA GLU D 83 -16.15 -53.09 3.65
C GLU D 83 -15.57 -52.67 5.00
N ASN D 84 -15.67 -51.38 5.33
CA ASN D 84 -15.14 -50.82 6.60
C ASN D 84 -16.24 -50.02 7.30
N PRO D 85 -17.32 -50.69 7.73
CA PRO D 85 -18.40 -49.97 8.41
C PRO D 85 -17.99 -49.21 9.68
N ASN D 86 -16.90 -49.62 10.33
CA ASN D 86 -16.51 -48.89 11.54
C ASN D 86 -16.12 -47.44 11.22
N VAL D 87 -15.57 -47.24 10.02
CA VAL D 87 -15.15 -45.92 9.54
C VAL D 87 -16.38 -45.03 9.28
N CYS D 88 -17.49 -45.68 8.97
CA CYS D 88 -18.76 -45.00 8.66
C CYS D 88 -19.50 -44.47 9.88
N GLU D 89 -19.14 -45.01 11.04
CA GLU D 89 -19.72 -44.59 12.29
C GLU D 89 -19.15 -43.24 12.61
N TYR D 90 -19.78 -42.61 13.59
CA TYR D 90 -19.37 -41.30 14.03
C TYR D 90 -18.12 -41.38 14.93
N MET D 91 -18.13 -42.32 15.87
CA MET D 91 -17.02 -42.41 16.81
C MET D 91 -16.73 -43.83 17.31
N ALA D 92 -16.57 -44.77 16.40
CA ALA D 92 -16.29 -46.16 16.76
C ALA D 92 -14.82 -46.47 16.56
N PRO D 93 -14.29 -47.45 17.29
CA PRO D 93 -12.88 -47.80 17.11
C PRO D 93 -12.66 -48.12 15.63
N SER D 94 -11.76 -47.37 14.99
CA SER D 94 -11.49 -47.55 13.57
C SER D 94 -10.06 -47.18 13.09
N LEU D 95 -9.18 -46.83 14.01
CA LEU D 95 -7.85 -46.45 13.60
C LEU D 95 -7.12 -47.52 12.79
N ASP D 96 -7.11 -48.75 13.28
CA ASP D 96 -6.38 -49.78 12.55
C ASP D 96 -6.81 -49.87 11.09
N ALA D 97 -8.12 -49.91 10.85
CA ALA D 97 -8.63 -49.99 9.47
C ALA D 97 -8.13 -48.79 8.66
N ARG D 98 -8.09 -47.62 9.29
CA ARG D 98 -7.63 -46.42 8.59
C ARG D 98 -6.13 -46.43 8.27
N GLN D 99 -5.31 -46.91 9.20
CA GLN D 99 -3.85 -46.96 9.00
C GLN D 99 -3.51 -47.76 7.76
N ALA D 100 -4.22 -48.88 7.60
CA ALA D 100 -4.04 -49.75 6.45
C ALA D 100 -4.35 -49.03 5.13
N MET D 101 -5.37 -48.19 5.11
CA MET D 101 -5.70 -47.45 3.87
C MET D 101 -4.63 -46.40 3.61
N LEU D 102 -4.21 -45.71 4.68
CA LEU D 102 -3.18 -44.69 4.60
C LEU D 102 -1.83 -45.27 4.15
N ALA D 103 -1.50 -46.46 4.65
CA ALA D 103 -0.23 -47.10 4.31
C ALA D 103 -0.09 -47.31 2.81
N MET D 104 -1.20 -47.61 2.17
CA MET D 104 -1.21 -47.82 0.74
C MET D 104 -1.41 -46.56 -0.09
N GLU D 105 -2.49 -45.82 0.20
CA GLU D 105 -2.80 -44.67 -0.64
C GLU D 105 -1.92 -43.43 -0.61
N VAL D 106 -1.47 -43.00 0.58
CA VAL D 106 -0.63 -41.81 0.68
C VAL D 106 0.63 -41.98 -0.22
N PRO D 107 1.37 -43.09 -0.09
CA PRO D 107 2.56 -43.28 -0.93
C PRO D 107 2.20 -43.44 -2.43
N ARG D 108 1.15 -44.19 -2.74
CA ARG D 108 0.74 -44.37 -4.15
C ARG D 108 0.41 -43.03 -4.83
N LEU D 109 -0.46 -42.25 -4.19
CA LEU D 109 -0.86 -40.97 -4.73
C LEU D 109 0.34 -40.01 -4.79
N GLY D 110 1.18 -40.05 -3.74
CA GLY D 110 2.36 -39.20 -3.71
C GLY D 110 3.32 -39.54 -4.84
N LYS D 111 3.51 -40.82 -5.13
CA LYS D 111 4.41 -41.23 -6.21
C LYS D 111 3.89 -40.71 -7.54
N GLU D 112 2.57 -40.87 -7.73
CA GLU D 112 1.93 -40.44 -8.97
C GLU D 112 2.24 -38.98 -9.28
N ALA D 113 2.08 -38.10 -8.29
CA ALA D 113 2.35 -36.68 -8.47
C ALA D 113 3.86 -36.43 -8.71
N ALA D 114 4.72 -37.12 -7.99
CA ALA D 114 6.14 -36.96 -8.14
C ALA D 114 6.58 -37.47 -9.54
N VAL D 115 5.93 -38.51 -10.04
CA VAL D 115 6.30 -38.99 -11.37
C VAL D 115 6.05 -37.85 -12.39
N LYS D 116 4.90 -37.17 -12.28
CA LYS D 116 4.57 -36.06 -13.17
C LYS D 116 5.56 -34.91 -13.07
N ALA D 117 5.95 -34.57 -11.84
CA ALA D 117 6.89 -33.50 -11.59
C ALA D 117 8.26 -33.83 -12.18
N ILE D 118 8.70 -35.05 -11.97
CA ILE D 118 10.00 -35.47 -12.47
C ILE D 118 10.01 -35.42 -14.00
N LYS D 119 8.93 -35.86 -14.62
CA LYS D 119 8.83 -35.83 -16.08
C LYS D 119 8.97 -34.39 -16.58
N GLU D 120 8.29 -33.44 -15.92
CA GLU D 120 8.37 -32.04 -16.33
C GLU D 120 9.80 -31.53 -16.18
N TRP D 121 10.36 -31.73 -14.99
CA TRP D 121 11.72 -31.30 -14.70
C TRP D 121 12.63 -31.80 -15.83
N GLY D 122 12.46 -33.05 -16.21
CA GLY D 122 13.24 -33.59 -17.31
C GLY D 122 14.63 -34.13 -17.01
N GLN D 123 14.98 -34.21 -15.73
CA GLN D 123 16.28 -34.73 -15.33
C GLN D 123 16.06 -36.13 -14.75
N PRO D 124 17.10 -36.98 -14.77
CA PRO D 124 16.95 -38.34 -14.23
C PRO D 124 16.68 -38.25 -12.73
N LYS D 125 15.87 -39.18 -12.20
CA LYS D 125 15.52 -39.20 -10.78
C LYS D 125 16.75 -39.43 -9.91
N SER D 126 17.83 -39.95 -10.50
CA SER D 126 19.06 -40.19 -9.78
C SER D 126 19.73 -38.87 -9.38
N LYS D 127 19.23 -37.75 -9.90
CA LYS D 127 19.79 -36.42 -9.54
C LYS D 127 19.09 -35.83 -8.30
N ILE D 128 18.05 -36.49 -7.83
CA ILE D 128 17.37 -36.01 -6.65
C ILE D 128 18.26 -36.35 -5.46
N THR D 129 18.53 -35.34 -4.62
CA THR D 129 19.39 -35.51 -3.46
C THR D 129 18.64 -35.44 -2.13
N HIS D 130 17.48 -34.78 -2.14
CA HIS D 130 16.67 -34.65 -0.93
C HIS D 130 15.20 -34.96 -1.23
N LEU D 131 14.48 -35.45 -0.22
CA LEU D 131 13.06 -35.76 -0.34
C LEU D 131 12.31 -35.28 0.91
N ILE D 132 11.30 -34.45 0.74
CA ILE D 132 10.51 -34.00 1.88
C ILE D 132 9.12 -34.58 1.64
N VAL D 133 8.60 -35.39 2.55
CA VAL D 133 7.27 -35.98 2.37
C VAL D 133 6.37 -35.54 3.51
N CYS D 134 5.25 -34.91 3.17
CA CYS D 134 4.33 -34.39 4.19
C CYS D 134 2.93 -34.98 4.08
N SER D 135 2.35 -35.37 5.19
CA SER D 135 0.99 -35.90 5.21
C SER D 135 0.39 -35.62 6.59
N THR D 136 -0.92 -35.45 6.68
CA THR D 136 -1.51 -35.15 8.00
C THR D 136 -1.06 -36.19 9.05
N THR D 137 -0.90 -37.44 8.66
CA THR D 137 -0.40 -38.45 9.58
C THR D 137 0.35 -39.46 8.73
N THR D 138 1.04 -40.39 9.41
CA THR D 138 1.74 -41.48 8.77
C THR D 138 1.47 -42.63 9.76
N PRO D 139 1.05 -43.79 9.25
CA PRO D 139 0.72 -44.96 10.06
C PRO D 139 1.80 -45.83 10.70
N ASP D 140 3.02 -45.80 10.15
CA ASP D 140 4.06 -46.69 10.65
C ASP D 140 5.43 -46.02 10.81
N LEU D 141 6.45 -46.87 11.03
CA LEU D 141 7.85 -46.49 11.05
C LEU D 141 8.40 -47.64 10.20
N PRO D 142 9.10 -47.32 9.12
CA PRO D 142 9.45 -45.97 8.63
C PRO D 142 8.23 -45.12 8.27
N GLY D 143 8.49 -43.82 8.19
CA GLY D 143 7.48 -42.84 7.82
C GLY D 143 7.21 -42.94 6.33
N ALA D 144 6.21 -42.23 5.85
CA ALA D 144 5.85 -42.26 4.43
C ALA D 144 6.98 -41.82 3.48
N ASP D 145 7.95 -41.06 3.98
CA ASP D 145 9.07 -40.63 3.13
C ASP D 145 9.86 -41.85 2.65
N TYR D 146 10.03 -42.85 3.52
CA TYR D 146 10.73 -44.07 3.17
C TYR D 146 9.99 -44.87 2.10
N GLN D 147 8.66 -44.97 2.24
CA GLN D 147 7.87 -45.71 1.26
C GLN D 147 7.91 -45.05 -0.10
N LEU D 148 7.91 -43.71 -0.12
CA LEU D 148 7.98 -42.98 -1.39
C LEU D 148 9.33 -43.19 -2.08
N THR D 149 10.43 -43.24 -1.32
CA THR D 149 11.75 -43.47 -1.91
C THR D 149 11.84 -44.85 -2.55
N LYS D 150 11.18 -45.84 -1.92
CA LYS D 150 11.15 -47.23 -2.39
C LYS D 150 10.31 -47.33 -3.67
N LEU D 151 9.08 -46.82 -3.59
CA LEU D 151 8.17 -46.84 -4.75
C LEU D 151 8.80 -46.10 -5.94
N LEU D 152 9.46 -44.96 -5.70
CA LEU D 152 10.09 -44.20 -6.78
C LEU D 152 11.43 -44.71 -7.30
N GLY D 153 12.11 -45.54 -6.53
CA GLY D 153 13.41 -46.00 -7.00
C GLY D 153 14.46 -44.89 -6.97
N LEU D 154 14.40 -44.02 -5.97
CA LEU D 154 15.38 -42.95 -5.84
C LEU D 154 16.63 -43.57 -5.24
N ARG D 155 17.75 -42.85 -5.25
CA ARG D 155 19.00 -43.37 -4.68
C ARG D 155 18.78 -43.66 -3.19
N PRO D 156 19.31 -44.78 -2.68
CA PRO D 156 19.09 -45.04 -1.26
C PRO D 156 19.64 -43.96 -0.32
N TYR D 157 20.56 -43.14 -0.82
CA TYR D 157 21.12 -42.09 0.01
C TYR D 157 20.50 -40.70 -0.17
N VAL D 158 19.29 -40.68 -0.71
CA VAL D 158 18.57 -39.41 -0.85
C VAL D 158 18.26 -39.03 0.61
N LYS D 159 18.55 -37.79 0.98
CA LYS D 159 18.33 -37.39 2.37
C LYS D 159 16.85 -37.09 2.59
N ARG D 160 16.23 -37.81 3.52
CA ARG D 160 14.80 -37.65 3.76
C ARG D 160 14.39 -36.88 5.00
N VAL D 161 13.26 -36.19 4.87
CA VAL D 161 12.59 -35.49 5.99
C VAL D 161 11.07 -35.72 5.83
N GLY D 162 10.44 -36.28 6.86
CA GLY D 162 8.99 -36.51 6.81
C GLY D 162 8.34 -35.45 7.67
N VAL D 163 7.22 -34.90 7.21
CA VAL D 163 6.54 -33.81 7.93
C VAL D 163 5.13 -34.31 8.28
N PHE D 164 4.99 -34.79 9.51
CA PHE D 164 3.71 -35.39 9.92
C PHE D 164 3.04 -34.67 11.09
N GLN D 165 1.72 -34.73 11.11
CA GLN D 165 0.91 -34.10 12.14
C GLN D 165 1.21 -32.61 12.35
N HIS D 166 1.40 -31.90 11.24
CA HIS D 166 1.61 -30.46 11.28
C HIS D 166 0.27 -29.89 10.84
N GLY D 167 -0.31 -30.52 9.83
CA GLY D 167 -1.62 -30.10 9.38
C GLY D 167 -1.72 -29.21 8.16
N CYS D 168 -2.83 -28.48 8.11
CA CYS D 168 -3.13 -27.60 6.98
C CYS D 168 -2.16 -26.50 6.61
N PHE D 169 -1.26 -26.11 7.50
CA PHE D 169 -0.33 -25.07 7.10
C PHE D 169 0.97 -25.67 6.52
N ALA D 170 1.06 -26.99 6.50
CA ALA D 170 2.32 -27.62 6.08
C ALA D 170 2.77 -27.44 4.65
N GLY D 171 1.89 -26.88 3.81
CA GLY D 171 2.26 -26.58 2.43
C GLY D 171 3.32 -25.49 2.53
N GLY D 172 3.14 -24.58 3.48
CA GLY D 172 4.13 -23.53 3.66
C GLY D 172 5.36 -24.13 4.34
N THR D 173 5.13 -25.01 5.31
CA THR D 173 6.23 -25.67 6.04
C THR D 173 7.24 -26.39 5.12
N VAL D 174 6.77 -27.22 4.19
CA VAL D 174 7.68 -27.96 3.29
C VAL D 174 8.46 -27.03 2.36
N LEU D 175 7.84 -25.88 2.04
CA LEU D 175 8.49 -24.91 1.17
C LEU D 175 9.60 -24.25 1.96
N ARG D 176 9.32 -23.91 3.20
CA ARG D 176 10.30 -23.30 4.07
C ARG D 176 11.46 -24.27 4.30
N LEU D 177 11.14 -25.55 4.47
CA LEU D 177 12.17 -26.56 4.65
C LEU D 177 12.97 -26.73 3.38
N ALA D 178 12.27 -26.90 2.26
CA ALA D 178 12.96 -27.08 0.99
C ALA D 178 13.88 -25.87 0.68
N LYS D 179 13.49 -24.68 1.11
CA LYS D 179 14.30 -23.50 0.82
C LYS D 179 15.70 -23.59 1.41
N ASP D 180 15.79 -23.98 2.67
CA ASP D 180 17.09 -24.10 3.31
C ASP D 180 17.92 -25.29 2.83
N LEU D 181 17.26 -26.40 2.47
CA LEU D 181 18.01 -27.58 2.04
C LEU D 181 18.66 -27.35 0.69
N ALA D 182 17.93 -26.69 -0.20
CA ALA D 182 18.46 -26.41 -1.53
C ALA D 182 19.48 -25.29 -1.49
N GLU D 183 19.17 -24.20 -0.78
CA GLU D 183 20.12 -23.08 -0.75
C GLU D 183 21.46 -23.37 -0.06
N ASN D 184 21.46 -24.22 0.96
CA ASN D 184 22.69 -24.50 1.69
C ASN D 184 23.49 -25.68 1.15
N ASN D 185 23.00 -26.29 0.07
CA ASN D 185 23.67 -27.45 -0.50
C ASN D 185 23.87 -27.41 -2.01
N LYS D 186 25.11 -27.21 -2.42
CA LYS D 186 25.47 -27.13 -3.83
C LYS D 186 25.00 -28.35 -4.62
N GLY D 187 24.29 -28.11 -5.72
CA GLY D 187 23.80 -29.19 -6.55
C GLY D 187 22.57 -29.88 -5.98
N ALA D 188 22.09 -29.41 -4.83
CA ALA D 188 20.94 -30.08 -4.22
C ALA D 188 19.67 -29.94 -5.03
N ARG D 189 18.98 -31.05 -5.19
CA ARG D 189 17.72 -31.11 -5.92
C ARG D 189 16.72 -31.82 -5.01
N VAL D 190 15.79 -31.01 -4.46
CA VAL D 190 14.78 -31.45 -3.50
C VAL D 190 13.41 -31.79 -4.11
N LEU D 191 12.96 -33.02 -3.88
CA LEU D 191 11.67 -33.47 -4.36
C LEU D 191 10.73 -33.28 -3.15
N VAL D 192 9.78 -32.39 -3.29
CA VAL D 192 8.84 -32.16 -2.19
C VAL D 192 7.52 -32.79 -2.59
N VAL D 193 6.91 -33.51 -1.66
CA VAL D 193 5.65 -34.17 -1.92
C VAL D 193 4.67 -34.02 -0.76
N CYS D 194 3.51 -33.44 -1.02
CA CYS D 194 2.46 -33.35 -0.03
C CYS D 194 1.39 -34.31 -0.56
N SER D 195 0.93 -35.21 0.29
CA SER D 195 -0.09 -36.18 -0.10
C SER D 195 -1.06 -36.32 1.06
N GLU D 196 -2.31 -35.90 0.85
CA GLU D 196 -3.34 -35.92 1.88
C GLU D 196 -4.54 -36.75 1.45
N VAL D 197 -4.93 -37.70 2.30
CA VAL D 197 -6.05 -38.60 2.02
C VAL D 197 -7.00 -38.59 3.24
N THR D 198 -8.30 -38.40 2.98
CA THR D 198 -9.32 -38.29 4.04
C THR D 198 -9.74 -39.55 4.80
N ALA D 199 -9.07 -40.66 4.54
CA ALA D 199 -9.36 -41.90 5.24
C ALA D 199 -9.02 -41.65 6.69
N VAL D 200 -8.21 -40.64 6.92
CA VAL D 200 -7.84 -40.34 8.30
C VAL D 200 -8.87 -39.47 9.04
N THR D 201 -9.72 -38.77 8.30
CA THR D 201 -10.72 -37.87 8.89
C THR D 201 -12.19 -38.15 8.65
N PHE D 202 -12.48 -39.05 7.72
CA PHE D 202 -13.86 -39.35 7.40
C PHE D 202 -14.57 -40.07 8.54
N ARG D 203 -15.80 -39.63 8.84
CA ARG D 203 -16.61 -40.26 9.88
C ARG D 203 -18.07 -39.76 9.77
N GLY D 204 -18.99 -40.47 10.41
CA GLY D 204 -20.40 -40.10 10.38
C GLY D 204 -20.74 -38.74 10.98
N PRO D 205 -21.99 -38.28 10.81
CA PRO D 205 -22.44 -36.99 11.35
C PRO D 205 -23.03 -37.06 12.77
N SER D 206 -23.00 -35.92 13.48
CA SER D 206 -23.56 -35.81 14.84
C SER D 206 -24.25 -34.45 14.97
N ASP D 207 -25.51 -34.44 15.36
CA ASP D 207 -26.22 -33.17 15.51
C ASP D 207 -25.76 -32.44 16.75
N THR D 208 -24.83 -33.05 17.46
CA THR D 208 -24.23 -32.50 18.68
C THR D 208 -22.86 -31.90 18.35
N HIS D 209 -22.36 -32.18 17.15
CA HIS D 209 -21.05 -31.66 16.73
C HIS D 209 -21.10 -31.11 15.32
N LEU D 210 -21.76 -29.97 15.17
CA LEU D 210 -21.91 -29.32 13.88
C LEU D 210 -20.60 -28.70 13.41
N ASP D 211 -19.72 -28.36 14.34
CA ASP D 211 -18.43 -27.76 13.95
C ASP D 211 -17.56 -28.79 13.24
N SER D 212 -17.55 -30.02 13.76
CA SER D 212 -16.75 -31.07 13.16
C SER D 212 -17.39 -31.60 11.87
N LEU D 213 -18.71 -31.47 11.74
CA LEU D 213 -19.39 -31.94 10.54
C LEU D 213 -18.98 -31.13 9.31
N VAL D 214 -18.61 -29.87 9.52
CA VAL D 214 -18.23 -29.02 8.40
C VAL D 214 -17.00 -29.54 7.63
N GLY D 215 -16.11 -30.25 8.31
CA GLY D 215 -14.94 -30.80 7.64
C GLY D 215 -15.27 -31.89 6.64
N GLN D 216 -16.40 -32.57 6.85
CA GLN D 216 -16.84 -33.63 5.96
C GLN D 216 -17.36 -32.97 4.69
N ALA D 217 -17.59 -31.66 4.77
CA ALA D 217 -18.06 -30.91 3.63
C ALA D 217 -16.93 -30.18 2.91
N LEU D 218 -15.77 -30.07 3.54
CA LEU D 218 -14.64 -29.37 2.93
C LEU D 218 -13.45 -30.23 2.48
N PHE D 219 -13.12 -31.24 3.27
CA PHE D 219 -11.93 -32.04 3.02
C PHE D 219 -11.92 -32.95 1.81
N GLY D 220 -10.86 -32.82 1.02
CA GLY D 220 -10.69 -33.64 -0.19
C GLY D 220 -9.30 -34.25 -0.26
N ASP D 221 -9.10 -35.19 -1.21
CA ASP D 221 -7.80 -35.86 -1.35
C ASP D 221 -6.98 -35.32 -2.52
N GLY D 222 -5.66 -35.44 -2.38
CA GLY D 222 -4.77 -34.99 -3.43
C GLY D 222 -3.31 -35.03 -3.03
N ALA D 223 -2.41 -35.00 -4.02
CA ALA D 223 -0.99 -34.99 -3.76
C ALA D 223 -0.36 -34.03 -4.77
N ALA D 224 0.66 -33.29 -4.32
CA ALA D 224 1.37 -32.34 -5.17
C ALA D 224 2.85 -32.55 -4.92
N ALA D 225 3.62 -32.54 -5.98
CA ALA D 225 5.06 -32.75 -5.89
C ALA D 225 5.77 -31.62 -6.61
N LEU D 226 6.91 -31.21 -6.07
CA LEU D 226 7.68 -30.12 -6.66
C LEU D 226 9.13 -30.54 -6.73
N ILE D 227 9.90 -29.90 -7.60
CA ILE D 227 11.34 -30.12 -7.64
C ILE D 227 11.86 -28.73 -7.33
N VAL D 228 12.70 -28.63 -6.29
CA VAL D 228 13.25 -27.35 -5.86
C VAL D 228 14.76 -27.47 -5.87
N GLY D 229 15.41 -26.38 -6.27
CA GLY D 229 16.86 -26.35 -6.32
C GLY D 229 17.39 -24.96 -6.57
N SER D 230 18.58 -24.68 -6.06
CA SER D 230 19.21 -23.39 -6.29
C SER D 230 20.09 -23.58 -7.52
N ASP D 231 20.51 -22.47 -8.14
CA ASP D 231 21.37 -22.47 -9.33
C ASP D 231 20.85 -23.31 -10.48
N PRO D 232 19.68 -22.94 -11.02
CA PRO D 232 19.08 -23.68 -12.14
C PRO D 232 20.03 -23.71 -13.34
N VAL D 233 20.04 -24.82 -14.05
CA VAL D 233 20.86 -24.98 -15.25
C VAL D 233 20.14 -24.26 -16.42
N PRO D 234 20.76 -23.18 -16.94
CA PRO D 234 20.17 -22.41 -18.04
C PRO D 234 19.70 -23.33 -19.17
N GLU D 235 18.50 -23.06 -19.67
CA GLU D 235 17.91 -23.85 -20.75
C GLU D 235 17.43 -25.25 -20.36
N ILE D 236 18.26 -26.01 -19.65
CA ILE D 236 17.89 -27.35 -19.27
C ILE D 236 16.78 -27.38 -18.23
N GLU D 237 16.92 -26.55 -17.22
CA GLU D 237 15.88 -26.48 -16.20
C GLU D 237 15.13 -25.18 -16.44
N LYS D 238 13.86 -25.13 -16.02
CA LYS D 238 13.06 -23.95 -16.25
C LYS D 238 12.38 -23.46 -14.98
N PRO D 239 12.90 -22.40 -14.37
CA PRO D 239 12.32 -21.84 -13.16
C PRO D 239 10.83 -21.50 -13.31
N ILE D 240 10.06 -21.65 -12.23
CA ILE D 240 8.64 -21.33 -12.24
C ILE D 240 8.39 -20.22 -11.25
N PHE D 241 9.07 -20.27 -10.11
CA PHE D 241 8.95 -19.26 -9.04
C PHE D 241 10.24 -19.32 -8.22
N GLU D 242 10.56 -18.23 -7.55
CA GLU D 242 11.74 -18.19 -6.68
C GLU D 242 11.21 -17.93 -5.28
N MET D 243 11.78 -18.60 -4.28
CA MET D 243 11.38 -18.36 -2.91
C MET D 243 12.32 -17.24 -2.45
N VAL D 244 11.78 -16.29 -1.69
CA VAL D 244 12.58 -15.15 -1.25
C VAL D 244 12.80 -15.05 0.26
N TRP D 245 11.73 -15.20 1.02
CA TRP D 245 11.76 -15.06 2.49
C TRP D 245 10.65 -15.93 3.09
N THR D 246 10.84 -16.45 4.30
CA THR D 246 9.83 -17.29 4.96
C THR D 246 9.60 -16.97 6.42
N ALA D 247 8.42 -17.30 6.91
CA ALA D 247 8.10 -17.06 8.29
C ALA D 247 6.98 -17.96 8.74
N GLN D 248 6.89 -18.21 10.04
CA GLN D 248 5.84 -19.01 10.59
C GLN D 248 5.52 -18.37 11.93
N THR D 249 4.25 -18.17 12.23
CA THR D 249 3.91 -17.57 13.50
C THR D 249 2.60 -18.13 14.03
N ILE D 250 2.38 -17.97 15.33
CA ILE D 250 1.18 -18.44 16.01
C ILE D 250 0.33 -17.21 16.33
N ALA D 251 -0.91 -17.21 15.89
CA ALA D 251 -1.78 -16.06 16.15
C ALA D 251 -2.14 -16.00 17.62
N PRO D 252 -2.12 -14.80 18.21
CA PRO D 252 -2.45 -14.72 19.63
C PRO D 252 -3.89 -15.17 19.86
N ASP D 253 -4.17 -15.58 21.10
CA ASP D 253 -5.51 -16.02 21.49
C ASP D 253 -6.20 -16.99 20.53
N SER D 254 -5.44 -17.91 19.90
CA SER D 254 -6.03 -18.90 18.98
C SER D 254 -5.95 -20.33 19.55
N GLU D 255 -5.95 -20.35 20.88
CA GLU D 255 -5.88 -21.52 21.77
C GLU D 255 -6.34 -22.91 21.31
N GLY D 256 -7.20 -22.97 20.32
CA GLY D 256 -7.68 -24.27 19.90
C GLY D 256 -8.68 -24.09 18.79
N ALA D 257 -8.51 -23.00 18.05
CA ALA D 257 -9.38 -22.71 16.93
C ALA D 257 -9.29 -23.92 16.04
N ILE D 258 -8.08 -24.49 15.93
CA ILE D 258 -7.88 -25.66 15.09
C ILE D 258 -6.94 -26.73 15.68
N ASP D 259 -7.50 -27.88 16.01
CA ASP D 259 -6.66 -28.94 16.53
C ASP D 259 -7.21 -30.31 16.17
N GLY D 260 -6.47 -31.33 16.57
CA GLY D 260 -6.87 -32.70 16.29
C GLY D 260 -6.22 -33.62 17.28
N HIS D 261 -6.79 -34.81 17.42
CA HIS D 261 -6.31 -35.81 18.35
C HIS D 261 -6.35 -37.12 17.58
N LEU D 262 -5.18 -37.77 17.52
CA LEU D 262 -5.04 -39.04 16.84
C LEU D 262 -5.41 -40.06 17.88
N ARG D 263 -6.59 -40.67 17.72
CA ARG D 263 -7.07 -41.64 18.69
C ARG D 263 -7.54 -42.97 18.12
N GLU D 264 -8.06 -43.83 18.97
CA GLU D 264 -8.52 -45.16 18.57
C GLU D 264 -9.66 -45.14 17.57
N ALA D 265 -10.37 -44.03 17.51
CA ALA D 265 -11.48 -43.86 16.57
C ALA D 265 -11.01 -43.09 15.34
N GLY D 266 -9.70 -42.90 15.23
CA GLY D 266 -9.15 -42.15 14.11
C GLY D 266 -8.80 -40.72 14.49
N LEU D 267 -8.54 -39.87 13.52
CA LEU D 267 -8.22 -38.47 13.79
C LEU D 267 -9.49 -37.64 13.94
N THR D 268 -9.74 -37.14 15.15
CA THR D 268 -10.91 -36.31 15.43
C THR D 268 -10.43 -34.87 15.36
N PHE D 269 -11.28 -33.95 14.93
CA PHE D 269 -10.88 -32.55 14.80
C PHE D 269 -11.92 -31.57 15.31
N HIS D 270 -11.43 -30.47 15.86
CA HIS D 270 -12.26 -29.41 16.41
C HIS D 270 -11.88 -28.14 15.67
N LEU D 271 -12.78 -27.66 14.81
CA LEU D 271 -12.51 -26.45 14.05
C LEU D 271 -13.46 -25.32 14.41
N LYS D 272 -13.03 -24.45 15.32
CA LYS D 272 -13.86 -23.33 15.75
C LYS D 272 -14.21 -22.39 14.60
N GLY D 273 -15.49 -22.06 14.49
CA GLY D 273 -15.97 -21.18 13.44
C GLY D 273 -15.39 -19.78 13.51
N ALA D 274 -14.50 -19.54 14.46
CA ALA D 274 -13.88 -18.22 14.61
C ALA D 274 -12.58 -18.13 13.81
N VAL D 275 -12.25 -19.19 13.09
CA VAL D 275 -11.01 -19.21 12.31
C VAL D 275 -10.91 -18.06 11.32
N PRO D 276 -11.96 -17.83 10.51
CA PRO D 276 -11.93 -16.74 9.54
C PRO D 276 -11.49 -15.44 10.23
N ASP D 277 -12.16 -15.13 11.34
CA ASP D 277 -11.85 -13.93 12.09
C ASP D 277 -10.39 -13.90 12.56
N ILE D 278 -9.91 -15.00 13.14
CA ILE D 278 -8.52 -15.03 13.59
C ILE D 278 -7.55 -14.74 12.44
N VAL D 279 -7.80 -15.33 11.28
CA VAL D 279 -6.95 -15.11 10.12
C VAL D 279 -6.97 -13.66 9.63
N SER D 280 -8.17 -13.10 9.51
CA SER D 280 -8.36 -11.72 9.04
C SER D 280 -7.57 -10.75 9.88
N LYS D 281 -7.84 -10.81 11.17
CA LYS D 281 -7.21 -9.95 12.15
C LYS D 281 -5.68 -10.02 12.20
N ASN D 282 -5.11 -11.17 11.85
CA ASN D 282 -3.65 -11.33 11.91
C ASN D 282 -2.87 -11.30 10.59
N ILE D 283 -3.58 -11.30 9.45
CA ILE D 283 -2.91 -11.31 8.17
C ILE D 283 -2.10 -10.05 7.84
N THR D 284 -2.65 -8.88 8.13
CA THR D 284 -1.94 -7.67 7.83
C THR D 284 -0.54 -7.63 8.43
N LYS D 285 -0.43 -8.01 9.70
CA LYS D 285 0.87 -8.03 10.33
C LYS D 285 1.78 -9.00 9.57
N ALA D 286 1.25 -10.14 9.16
CA ALA D 286 2.07 -11.08 8.41
C ALA D 286 2.66 -10.40 7.18
N LEU D 287 1.78 -9.76 6.40
CA LEU D 287 2.18 -9.07 5.18
C LEU D 287 3.20 -7.98 5.46
N VAL D 288 2.85 -7.09 6.39
CA VAL D 288 3.74 -6.00 6.77
C VAL D 288 5.16 -6.55 7.04
N GLU D 289 5.23 -7.68 7.73
CA GLU D 289 6.51 -8.32 8.06
C GLU D 289 7.33 -8.73 6.83
N ALA D 290 6.63 -9.32 5.86
CA ALA D 290 7.25 -9.83 4.65
C ALA D 290 7.54 -8.81 3.55
N PHE D 291 6.61 -7.89 3.31
CA PHE D 291 6.81 -6.96 2.22
C PHE D 291 7.38 -5.60 2.55
N GLU D 292 7.10 -5.13 3.76
CA GLU D 292 7.63 -3.84 4.18
C GLU D 292 9.11 -3.76 3.79
N PRO D 293 9.87 -4.86 4.01
CA PRO D 293 11.29 -4.82 3.65
C PRO D 293 11.46 -4.58 2.16
N LEU D 294 10.45 -4.94 1.38
CA LEU D 294 10.47 -4.75 -0.06
C LEU D 294 9.78 -3.44 -0.45
N GLY D 295 9.51 -2.60 0.54
CA GLY D 295 8.86 -1.33 0.27
C GLY D 295 7.44 -1.48 -0.25
N ILE D 296 6.95 -2.71 -0.32
CA ILE D 296 5.61 -2.94 -0.81
C ILE D 296 4.57 -2.75 0.26
N SER D 297 3.50 -2.04 -0.09
CA SER D 297 2.42 -1.77 0.84
C SER D 297 1.06 -2.01 0.20
N ASP D 298 1.03 -2.06 -1.12
CA ASP D 298 -0.22 -2.31 -1.83
C ASP D 298 -0.33 -3.82 -2.07
N TYR D 299 -1.37 -4.44 -1.51
CA TYR D 299 -1.49 -5.88 -1.65
C TYR D 299 -2.35 -6.34 -2.83
N ASN D 300 -2.68 -5.40 -3.71
CA ASN D 300 -3.42 -5.76 -4.91
C ASN D 300 -2.34 -5.83 -6.00
N SER D 301 -1.13 -5.45 -5.61
CA SER D 301 0.02 -5.44 -6.53
C SER D 301 0.94 -6.67 -6.50
N ILE D 302 0.62 -7.64 -5.65
CA ILE D 302 1.40 -8.88 -5.54
C ILE D 302 0.46 -10.01 -5.90
N PHE D 303 0.98 -11.14 -6.38
CA PHE D 303 0.10 -12.27 -6.68
C PHE D 303 -0.18 -13.04 -5.40
N TRP D 304 -1.36 -13.62 -5.31
CA TRP D 304 -1.76 -14.33 -4.12
C TRP D 304 -2.00 -15.83 -4.17
N ILE D 305 -1.56 -16.50 -3.11
CA ILE D 305 -1.83 -17.92 -2.92
C ILE D 305 -2.13 -18.05 -1.41
N ALA D 306 -3.35 -18.44 -1.10
CA ALA D 306 -3.72 -18.61 0.30
C ALA D 306 -4.38 -19.97 0.49
N HIS D 307 -4.00 -20.69 1.54
CA HIS D 307 -4.61 -22.00 1.79
C HIS D 307 -6.12 -21.83 1.96
N PRO D 308 -6.91 -22.42 1.07
CA PRO D 308 -8.36 -22.32 1.15
C PRO D 308 -9.00 -23.13 2.28
N GLY D 309 -8.61 -22.86 3.51
CA GLY D 309 -9.18 -23.61 4.63
C GLY D 309 -10.69 -23.68 4.51
N GLY D 310 -11.28 -22.57 4.08
CA GLY D 310 -12.72 -22.50 3.91
C GLY D 310 -13.03 -21.26 3.10
N PRO D 311 -14.27 -21.08 2.63
CA PRO D 311 -14.51 -19.86 1.86
C PRO D 311 -14.51 -18.56 2.68
N ALA D 312 -14.94 -18.63 3.94
CA ALA D 312 -14.99 -17.44 4.79
C ALA D 312 -13.64 -16.78 4.98
N ILE D 313 -12.59 -17.59 5.15
CA ILE D 313 -11.24 -17.07 5.32
C ILE D 313 -10.87 -16.17 4.16
N LEU D 314 -11.05 -16.69 2.95
CA LEU D 314 -10.73 -15.90 1.75
C LEU D 314 -11.51 -14.58 1.73
N ASP D 315 -12.83 -14.65 1.91
CA ASP D 315 -13.69 -13.47 1.89
C ASP D 315 -13.27 -12.40 2.88
N GLN D 316 -13.17 -12.81 4.16
CA GLN D 316 -12.79 -11.88 5.22
C GLN D 316 -11.40 -11.34 5.00
N VAL D 317 -10.53 -12.16 4.43
CA VAL D 317 -9.18 -11.71 4.15
C VAL D 317 -9.24 -10.65 3.06
N GLU D 318 -10.07 -10.94 2.05
CA GLU D 318 -10.28 -10.04 0.91
C GLU D 318 -10.90 -8.75 1.41
N GLN D 319 -11.98 -8.90 2.18
CA GLN D 319 -12.72 -7.79 2.74
C GLN D 319 -11.85 -6.93 3.66
N LYS D 320 -11.07 -7.59 4.52
CA LYS D 320 -10.18 -6.90 5.47
C LYS D 320 -9.11 -6.05 4.80
N LEU D 321 -8.55 -6.56 3.70
CA LEU D 321 -7.48 -5.85 2.98
C LEU D 321 -8.00 -5.13 1.74
N ALA D 322 -9.29 -5.30 1.46
CA ALA D 322 -9.92 -4.68 0.31
C ALA D 322 -9.15 -4.99 -0.98
N LEU D 323 -9.02 -6.27 -1.29
CA LEU D 323 -8.31 -6.70 -2.49
C LEU D 323 -9.30 -6.79 -3.64
N LYS D 324 -8.80 -6.62 -4.86
CA LYS D 324 -9.67 -6.77 -6.03
C LYS D 324 -10.17 -8.21 -6.01
N PRO D 325 -11.44 -8.42 -6.43
CA PRO D 325 -12.03 -9.77 -6.44
C PRO D 325 -11.20 -10.80 -7.18
N GLU D 326 -10.40 -10.33 -8.13
CA GLU D 326 -9.56 -11.20 -8.95
C GLU D 326 -8.32 -11.78 -8.24
N LYS D 327 -7.89 -11.18 -7.14
CA LYS D 327 -6.71 -11.67 -6.46
C LYS D 327 -6.85 -13.13 -5.98
N MET D 328 -8.02 -13.49 -5.48
CA MET D 328 -8.24 -14.84 -4.98
C MET D 328 -8.73 -15.87 -6.01
N ASN D 329 -8.76 -15.49 -7.29
CA ASN D 329 -9.22 -16.40 -8.34
C ASN D 329 -8.54 -17.77 -8.38
N ALA D 330 -7.21 -17.78 -8.49
CA ALA D 330 -6.49 -19.05 -8.56
C ALA D 330 -6.79 -19.86 -7.30
N THR D 331 -6.75 -19.19 -6.15
CA THR D 331 -7.03 -19.90 -4.92
C THR D 331 -8.45 -20.43 -4.95
N ARG D 332 -9.42 -19.62 -5.39
CA ARG D 332 -10.82 -20.10 -5.43
C ARG D 332 -11.09 -21.22 -6.46
N GLU D 333 -10.31 -21.23 -7.54
CA GLU D 333 -10.47 -22.24 -8.58
C GLU D 333 -10.14 -23.62 -8.01
N VAL D 334 -9.02 -23.69 -7.29
CA VAL D 334 -8.61 -24.95 -6.68
C VAL D 334 -9.64 -25.36 -5.63
N LEU D 335 -10.06 -24.42 -4.78
CA LEU D 335 -11.03 -24.79 -3.76
C LEU D 335 -12.24 -25.41 -4.44
N SER D 336 -12.69 -24.75 -5.51
CA SER D 336 -13.86 -25.17 -6.28
C SER D 336 -13.72 -26.55 -6.92
N GLU D 337 -12.59 -26.78 -7.57
CA GLU D 337 -12.33 -28.05 -8.26
C GLU D 337 -11.82 -29.19 -7.42
N TYR D 338 -11.14 -28.87 -6.32
CA TYR D 338 -10.56 -29.90 -5.46
C TYR D 338 -10.97 -29.95 -3.99
N GLY D 339 -11.53 -28.87 -3.45
CA GLY D 339 -11.90 -28.88 -2.05
C GLY D 339 -10.65 -28.56 -1.24
N ASN D 340 -10.72 -28.74 0.09
CA ASN D 340 -9.58 -28.47 0.97
C ASN D 340 -8.73 -29.73 1.07
N MET D 341 -7.61 -29.76 0.37
CA MET D 341 -6.74 -30.94 0.43
C MET D 341 -5.59 -30.71 1.41
N SER D 342 -5.86 -29.94 2.46
CA SER D 342 -4.83 -29.69 3.45
C SER D 342 -3.54 -29.14 2.83
N SER D 343 -2.39 -29.65 3.28
CA SER D 343 -1.09 -29.14 2.82
C SER D 343 -0.90 -28.99 1.31
N ALA D 344 -1.45 -29.92 0.54
CA ALA D 344 -1.31 -29.87 -0.91
C ALA D 344 -1.98 -28.67 -1.61
N CYS D 345 -3.01 -28.11 -0.98
CA CYS D 345 -3.74 -27.00 -1.59
C CYS D 345 -2.92 -25.90 -2.19
N VAL D 346 -2.03 -25.31 -1.41
CA VAL D 346 -1.24 -24.21 -1.94
C VAL D 346 -0.32 -24.60 -3.10
N LEU D 347 0.09 -25.87 -3.15
CA LEU D 347 0.93 -26.32 -4.26
C LEU D 347 0.06 -26.43 -5.53
N PHE D 348 -1.19 -26.88 -5.41
CA PHE D 348 -2.10 -26.94 -6.56
C PHE D 348 -2.34 -25.50 -7.04
N ILE D 349 -2.45 -24.55 -6.10
CA ILE D 349 -2.68 -23.17 -6.50
C ILE D 349 -1.47 -22.60 -7.26
N LEU D 350 -0.25 -22.95 -6.86
CA LEU D 350 0.93 -22.48 -7.59
C LEU D 350 0.85 -23.04 -9.01
N ASP D 351 0.45 -24.29 -9.13
CA ASP D 351 0.35 -24.94 -10.44
C ASP D 351 -0.71 -24.26 -11.30
N GLU D 352 -1.86 -24.01 -10.69
CA GLU D 352 -2.96 -23.35 -11.37
C GLU D 352 -2.57 -21.95 -11.81
N MET D 353 -1.82 -21.24 -10.97
CA MET D 353 -1.44 -19.88 -11.31
C MET D 353 -0.47 -19.84 -12.45
N ARG D 354 0.55 -20.69 -12.42
CA ARG D 354 1.51 -20.70 -13.50
C ARG D 354 0.90 -21.22 -14.81
N LYS D 355 0.03 -22.22 -14.75
CA LYS D 355 -0.60 -22.74 -15.96
C LYS D 355 -1.53 -21.73 -16.63
N LYS D 356 -2.24 -20.91 -15.84
CA LYS D 356 -3.13 -19.92 -16.43
C LYS D 356 -2.32 -18.79 -17.05
N SER D 357 -1.32 -18.34 -16.31
CA SER D 357 -0.48 -17.24 -16.77
C SER D 357 0.15 -17.60 -18.10
N THR D 358 0.68 -18.82 -18.19
CA THR D 358 1.32 -19.29 -19.41
C THR D 358 0.26 -19.43 -20.53
N GLN D 359 -0.87 -20.05 -20.19
CA GLN D 359 -1.98 -20.29 -21.11
C GLN D 359 -2.53 -19.02 -21.75
N ASN D 360 -2.58 -17.94 -20.96
CA ASN D 360 -3.09 -16.67 -21.44
C ASN D 360 -1.96 -15.66 -21.66
N GLY D 361 -0.85 -16.16 -22.17
CA GLY D 361 0.32 -15.37 -22.48
C GLY D 361 0.69 -14.17 -21.64
N LEU D 362 0.58 -14.29 -20.31
CA LEU D 362 0.94 -13.19 -19.43
C LEU D 362 2.47 -13.02 -19.33
N LYS D 363 2.89 -11.87 -18.81
CA LYS D 363 4.30 -11.54 -18.65
C LYS D 363 5.11 -12.44 -17.72
N THR D 364 4.48 -12.89 -16.65
CA THR D 364 5.16 -13.73 -15.66
C THR D 364 4.26 -14.88 -15.20
N THR D 365 4.86 -15.81 -14.48
CA THR D 365 4.13 -16.96 -13.96
C THR D 365 3.20 -16.51 -12.84
N GLY D 366 3.42 -15.31 -12.32
CA GLY D 366 2.59 -14.79 -11.24
C GLY D 366 1.55 -13.80 -11.74
N GLU D 367 0.74 -14.26 -12.68
CA GLU D 367 -0.31 -13.44 -13.27
C GLU D 367 0.27 -12.10 -13.77
N GLY D 368 1.47 -12.16 -14.32
CA GLY D 368 2.12 -10.96 -14.83
C GLY D 368 2.75 -10.08 -13.77
N LEU D 369 2.38 -10.27 -12.50
CA LEU D 369 2.95 -9.46 -11.44
C LEU D 369 4.35 -9.96 -11.08
N GLU D 370 5.09 -9.16 -10.33
CA GLU D 370 6.47 -9.50 -9.95
C GLU D 370 6.63 -10.26 -8.65
N TRP D 371 6.08 -9.72 -7.57
CA TRP D 371 6.20 -10.37 -6.27
C TRP D 371 4.90 -11.05 -5.86
N GLY D 372 5.02 -12.06 -5.02
CA GLY D 372 3.84 -12.78 -4.58
C GLY D 372 4.00 -13.37 -3.19
N VAL D 373 2.88 -13.79 -2.62
CA VAL D 373 2.90 -14.37 -1.31
C VAL D 373 2.06 -15.64 -1.30
N LEU D 374 2.46 -16.58 -0.46
CA LEU D 374 1.78 -17.86 -0.29
C LEU D 374 1.60 -18.06 1.21
N PHE D 375 0.36 -18.29 1.62
CA PHE D 375 0.03 -18.49 3.02
C PHE D 375 -0.48 -19.89 3.33
N GLY D 376 -0.02 -20.42 4.45
CA GLY D 376 -0.49 -21.71 4.92
C GLY D 376 -1.16 -21.39 6.26
N PHE D 377 -2.37 -21.91 6.49
CA PHE D 377 -3.08 -21.66 7.74
C PHE D 377 -3.45 -22.99 8.36
N GLY D 378 -3.07 -23.23 9.61
CA GLY D 378 -3.45 -24.50 10.22
C GLY D 378 -3.54 -24.51 11.73
N PRO D 379 -3.50 -25.70 12.36
CA PRO D 379 -3.56 -25.94 13.80
C PRO D 379 -2.68 -24.96 14.55
N GLY D 380 -3.19 -24.35 15.63
CA GLY D 380 -2.35 -23.39 16.34
C GLY D 380 -3.02 -22.21 17.06
N LEU D 381 -3.53 -21.23 16.32
CA LEU D 381 -3.50 -21.24 14.88
C LEU D 381 -2.17 -20.75 14.28
N THR D 382 -1.62 -21.54 13.37
CA THR D 382 -0.36 -21.22 12.73
C THR D 382 -0.53 -20.58 11.35
N ILE D 383 0.35 -19.64 11.04
CA ILE D 383 0.37 -19.00 9.75
C ILE D 383 1.77 -19.10 9.17
N GLU D 384 1.89 -19.73 8.02
CA GLU D 384 3.19 -19.89 7.37
C GLU D 384 3.25 -18.84 6.24
N THR D 385 4.38 -18.13 6.14
CA THR D 385 4.50 -17.15 5.07
C THR D 385 5.68 -17.39 4.14
N VAL D 386 5.40 -17.42 2.85
CA VAL D 386 6.48 -17.59 1.88
C VAL D 386 6.37 -16.46 0.85
N VAL D 387 7.40 -15.64 0.75
CA VAL D 387 7.42 -14.56 -0.23
C VAL D 387 8.05 -15.18 -1.46
N LEU D 388 7.39 -14.96 -2.61
CA LEU D 388 7.85 -15.49 -3.88
C LEU D 388 8.11 -14.41 -4.92
N ARG D 389 8.79 -14.82 -5.98
CA ARG D 389 9.04 -13.96 -7.11
C ARG D 389 8.72 -14.83 -8.32
N SER D 390 7.95 -14.26 -9.25
CA SER D 390 7.57 -14.95 -10.46
C SER D 390 8.72 -15.02 -11.46
N VAL D 391 8.48 -15.71 -12.56
CA VAL D 391 9.48 -15.84 -13.62
C VAL D 391 8.86 -15.37 -14.94
N ALA D 392 9.70 -14.80 -15.81
CA ALA D 392 9.26 -14.26 -17.10
C ALA D 392 8.57 -15.25 -18.02
N ILE D 393 7.31 -14.94 -18.36
CA ILE D 393 6.48 -15.75 -19.23
C ILE D 393 5.93 -17.01 -18.60
C1 STL E . -23.80 38.06 -10.73
C2 STL E . -23.45 39.43 -10.76
C3 STL E . -23.15 40.11 -11.98
C4 STL E . -23.27 39.38 -13.20
C5 STL E . -23.62 37.99 -13.22
C6 STL E . -23.90 37.36 -11.96
C7 STL E . -23.74 37.18 -14.45
C8 STL E . -23.55 37.61 -15.72
C9 STL E . -23.53 36.80 -16.95
C10 STL E . -23.32 37.48 -18.19
C11 STL E . -23.26 36.77 -19.42
C12 STL E . -23.38 35.35 -19.47
C13 STL E . -23.59 34.67 -18.23
C14 STL E . -23.65 35.37 -17.00
O1 STL E . -23.30 34.68 -20.63
O2 STL E . -22.79 41.42 -12.00
O3 STL E . -24.06 37.43 -9.55
C1 STL F . -9.64 19.19 -5.35
C2 STL F . -8.57 18.30 -5.58
C3 STL F . -7.49 18.16 -4.67
C4 STL F . -7.50 18.94 -3.49
C5 STL F . -8.57 19.85 -3.21
C6 STL F . -9.62 19.97 -4.16
C7 STL F . -8.63 20.68 -2.00
C8 STL F . -7.72 20.69 -1.00
C9 STL F . -7.79 21.53 0.20
C10 STL F . -6.73 21.46 1.18
C11 STL F . -6.77 22.24 2.34
C12 STL F . -7.84 23.15 2.59
C13 STL F . -8.88 23.23 1.62
C14 STL F . -8.86 22.46 0.45
O1 STL F . -7.88 23.93 3.69
O2 STL F . -6.46 17.29 -4.88
O3 STL F . -10.66 19.31 -6.23
C1 STL G . 9.61 -48.73 16.61
C2 STL G . 10.81 -49.32 16.19
C3 STL G . 12.01 -49.17 16.93
C4 STL G . 11.98 -48.41 18.13
C5 STL G . 10.79 -47.80 18.59
C6 STL G . 9.60 -47.98 17.81
C7 STL G . 10.71 -47.02 19.84
C8 STL G . 11.71 -46.78 20.71
C9 STL G . 11.62 -45.94 21.91
C10 STL G . 12.78 -45.77 22.75
C11 STL G . 12.71 -44.94 23.92
C12 STL G . 11.50 -44.24 24.26
C13 STL G . 10.38 -44.43 23.43
C14 STL G . 10.43 -45.25 22.27
O1 STL G . 11.42 -43.42 25.35
O2 STL G . 13.18 -49.74 16.52
O3 STL G . 8.47 -48.90 15.88
C1 STL H . -7.02 -31.80 12.17
C2 STL H . -7.58 -30.51 12.12
C3 STL H . -8.01 -29.92 10.90
C4 STL H . -7.88 -30.67 9.72
C5 STL H . -7.33 -31.98 9.71
C6 STL H . -6.91 -32.54 10.96
C7 STL H . -7.20 -32.79 8.49
C8 STL H . -7.54 -32.39 7.25
C9 STL H . -7.40 -33.17 6.01
C10 STL H . -7.80 -32.54 4.78
C11 STL H . -7.68 -33.24 3.55
C12 STL H . -7.15 -34.56 3.50
C13 STL H . -6.76 -35.18 4.73
C14 STL H . -6.87 -34.49 5.96
O1 STL H . -7.02 -35.21 2.34
O2 STL H . -8.55 -28.67 10.87
O3 STL H . -6.62 -32.32 13.35
#